data_2C0U
#
_entry.id   2C0U
#
_cell.length_a   90.390
_cell.length_b   163.739
_cell.length_c   173.409
_cell.angle_alpha   90.00
_cell.angle_beta   90.00
_cell.angle_gamma   90.00
#
_symmetry.space_group_name_H-M   'P 21 21 21'
#
loop_
_entity.id
_entity.type
_entity.pdbx_description
1 polymer 'NITROALKANE OXIDASE'
2 non-polymer 'FLAVIN-ADENINE DINUCLEOTIDE'
3 non-polymer (2S)-2-NITROBUTANE
4 water water
#
_entity_poly.entity_id   1
_entity_poly.type   'polypeptide(L)'
_entity_poly.pdbx_seq_one_letter_code
;(MSE)VDFKLSPSQLEARRHAQAFANTVLTKASAEYSTQKDQLSRFQATRPFYREAVRHGLIKAQVPIPLGGT(MSE)ES
LVHESIILEELFAVEPATSITIVATALGL(MSE)PVILCDSPSLQEKFLKPFISGEGEPLASL(MSE)HSEPNGTANWLQ
KGGPGLQTTARKVGNEWVISGEKLWPSNSGGWDYKGADLACVVCRVSDDPSKPQDPNVDPATQIAVLLVTRETIANNKKD
AYQILGEPELAGHITTSGPHTRFTEFHVPHENLLCTPGLKAQGLVETAFA(MSE)SAALVGA(MSE)AIGTARAAFEEAL
VFAKSDTRGGSKHIIEHQSVADKLIDCKIRLETSRLLVWKAVTTLEDEALEWKVKLE(MSE)A(MSE)QTKIYTTDVAVE
CVIDA(MSE)KAVG(MSE)KSYAKD(MSE)SFPRLLNEV(MSE)CYPLFDGGNIGLRRRQ(MSE)QRV(MSE)ALEDYEP
WAATYGSSKVDKSRL
;
_entity_poly.pdbx_strand_id   A,B,C,D
#
# COMPACT_ATOMS: atom_id res chain seq x y z
N VAL A 2 12.24 -19.48 23.16
CA VAL A 2 12.43 -18.49 22.06
C VAL A 2 13.83 -17.92 22.11
N ASP A 3 14.53 -17.96 20.99
CA ASP A 3 15.88 -17.44 20.91
C ASP A 3 16.28 -17.17 19.47
N PHE A 4 16.98 -16.06 19.25
CA PHE A 4 17.43 -15.69 17.90
C PHE A 4 18.94 -15.68 17.78
N LYS A 5 19.64 -15.94 18.89
CA LYS A 5 21.09 -15.95 18.86
C LYS A 5 21.65 -16.97 17.87
N LEU A 6 22.77 -16.64 17.25
CA LEU A 6 23.40 -17.52 16.28
C LEU A 6 24.55 -18.27 16.93
N SER A 7 24.73 -19.53 16.51
CA SER A 7 25.79 -20.35 17.05
C SER A 7 27.09 -20.02 16.33
N PRO A 8 28.22 -20.48 16.88
CA PRO A 8 29.51 -20.22 16.26
C PRO A 8 29.58 -20.74 14.83
N SER A 9 28.93 -21.88 14.58
CA SER A 9 28.94 -22.49 13.25
C SER A 9 28.13 -21.67 12.25
N GLN A 10 27.04 -21.09 12.71
CA GLN A 10 26.20 -20.25 11.87
C GLN A 10 26.92 -18.96 11.51
N LEU A 11 27.71 -18.43 12.45
CA LEU A 11 28.46 -17.20 12.20
C LEU A 11 29.63 -17.52 11.29
N GLU A 12 30.17 -18.72 11.43
CA GLU A 12 31.27 -19.16 10.60
C GLU A 12 30.76 -19.38 9.18
N ALA A 13 29.54 -19.87 9.07
CA ALA A 13 28.93 -20.10 7.76
C ALA A 13 28.76 -18.77 7.06
N ARG A 14 28.34 -17.75 7.80
CA ARG A 14 28.16 -16.42 7.22
C ARG A 14 29.51 -15.87 6.78
N ARG A 15 30.52 -16.02 7.61
CA ARG A 15 31.85 -15.53 7.29
C ARG A 15 32.40 -16.25 6.07
N HIS A 16 32.14 -17.55 5.98
CA HIS A 16 32.58 -18.36 4.85
C HIS A 16 31.89 -17.90 3.56
N ALA A 17 30.57 -17.68 3.64
CA ALA A 17 29.81 -17.24 2.48
C ALA A 17 30.28 -15.86 2.01
N GLN A 18 30.46 -14.95 2.96
CA GLN A 18 30.92 -13.61 2.64
C GLN A 18 32.27 -13.63 1.94
N ALA A 19 33.17 -14.48 2.44
CA ALA A 19 34.50 -14.60 1.87
C ALA A 19 34.43 -15.15 0.43
N PHE A 20 33.58 -16.13 0.23
CA PHE A 20 33.42 -16.72 -1.10
C PHE A 20 32.84 -15.70 -2.09
N ALA A 21 31.80 -15.00 -1.67
CA ALA A 21 31.17 -14.01 -2.51
C ALA A 21 32.10 -12.85 -2.83
N ASN A 22 32.96 -12.48 -1.88
CA ASN A 22 33.87 -11.36 -2.06
C ASN A 22 35.11 -11.69 -2.88
N THR A 23 35.59 -12.91 -2.75
CA THR A 23 36.79 -13.31 -3.46
C THR A 23 36.51 -14.04 -4.77
N VAL A 24 35.29 -14.53 -4.94
CA VAL A 24 34.95 -15.26 -6.15
C VAL A 24 33.83 -14.63 -6.96
N LEU A 25 32.66 -14.52 -6.35
CA LEU A 25 31.49 -13.97 -7.01
C LEU A 25 31.66 -12.56 -7.57
N THR A 26 32.52 -11.76 -6.94
CA THR A 26 32.73 -10.39 -7.40
C THR A 26 33.44 -10.36 -8.75
N LYS A 27 34.09 -11.45 -9.12
CA LYS A 27 34.82 -11.54 -10.39
C LYS A 27 33.97 -12.15 -11.51
N ALA A 28 32.74 -12.51 -11.20
CA ALA A 28 31.86 -13.13 -12.19
C ALA A 28 31.36 -12.16 -13.25
N SER A 29 30.97 -10.97 -12.83
CA SER A 29 30.45 -9.98 -13.78
C SER A 29 31.40 -9.69 -14.95
N ALA A 30 32.68 -9.49 -14.64
CA ALA A 30 33.67 -9.19 -15.66
C ALA A 30 33.77 -10.31 -16.69
N GLU A 31 33.29 -11.50 -16.35
CA GLU A 31 33.35 -12.63 -17.26
C GLU A 31 32.10 -12.86 -18.09
N TYR A 32 30.93 -12.78 -17.48
CA TYR A 32 29.69 -13.01 -18.21
C TYR A 32 29.11 -11.77 -18.87
N SER A 33 29.57 -10.61 -18.45
CA SER A 33 29.08 -9.36 -19.02
C SER A 33 29.46 -9.20 -20.48
N THR A 34 30.52 -9.88 -20.89
CA THR A 34 30.98 -9.82 -22.27
C THR A 34 30.19 -10.74 -23.22
N GLN A 35 29.55 -11.76 -22.67
CA GLN A 35 28.79 -12.69 -23.48
C GLN A 35 27.53 -12.06 -24.05
N LYS A 36 27.10 -12.56 -25.20
CA LYS A 36 25.94 -12.01 -25.90
C LYS A 36 24.56 -12.63 -25.62
N ASP A 37 24.52 -13.88 -25.19
CA ASP A 37 23.23 -14.51 -24.91
C ASP A 37 23.16 -15.21 -23.54
N GLN A 38 21.94 -15.58 -23.13
CA GLN A 38 21.71 -16.26 -21.86
C GLN A 38 22.63 -17.46 -21.65
N LEU A 39 22.59 -18.42 -22.57
CA LEU A 39 23.42 -19.59 -22.45
C LEU A 39 24.90 -19.22 -22.32
N SER A 40 25.36 -18.33 -23.18
CA SER A 40 26.77 -17.91 -23.12
C SER A 40 27.10 -17.30 -21.77
N ARG A 41 26.21 -16.48 -21.24
CA ARG A 41 26.45 -15.89 -19.93
C ARG A 41 26.47 -17.03 -18.87
N PHE A 42 25.48 -17.92 -18.95
CA PHE A 42 25.40 -19.03 -18.02
C PHE A 42 26.70 -19.82 -18.05
N GLN A 43 27.16 -20.17 -19.24
CA GLN A 43 28.39 -20.94 -19.38
C GLN A 43 29.61 -20.22 -18.81
N ALA A 44 29.60 -18.90 -18.87
CA ALA A 44 30.73 -18.13 -18.36
C ALA A 44 30.84 -18.21 -16.83
N THR A 45 29.75 -18.64 -16.18
CA THR A 45 29.77 -18.75 -14.73
C THR A 45 30.28 -20.10 -14.25
N ARG A 46 30.49 -21.01 -15.18
CA ARG A 46 30.96 -22.35 -14.84
C ARG A 46 32.20 -22.36 -13.95
N PRO A 47 33.23 -21.56 -14.29
CA PRO A 47 34.44 -21.53 -13.45
C PRO A 47 34.11 -21.13 -12.00
N PHE A 48 33.09 -20.29 -11.86
CA PHE A 48 32.67 -19.80 -10.55
C PHE A 48 31.88 -20.86 -9.79
N TYR A 49 31.11 -21.66 -10.51
CA TYR A 49 30.35 -22.74 -9.91
C TYR A 49 31.37 -23.80 -9.47
N ARG A 50 32.43 -23.97 -10.26
CA ARG A 50 33.47 -24.93 -9.93
C ARG A 50 34.10 -24.58 -8.59
N GLU A 51 34.30 -23.28 -8.34
CA GLU A 51 34.87 -22.82 -7.07
C GLU A 51 33.88 -23.05 -5.94
N ALA A 52 32.60 -22.82 -6.21
CA ALA A 52 31.57 -23.04 -5.22
C ALA A 52 31.67 -24.50 -4.75
N VAL A 53 31.87 -25.40 -5.72
CA VAL A 53 31.99 -26.82 -5.43
C VAL A 53 33.21 -27.07 -4.56
N ARG A 54 34.34 -26.49 -4.94
CA ARG A 54 35.58 -26.63 -4.21
C ARG A 54 35.46 -26.06 -2.79
N HIS A 55 34.58 -25.07 -2.62
CA HIS A 55 34.35 -24.47 -1.30
C HIS A 55 33.31 -25.27 -0.54
N GLY A 56 32.88 -26.40 -1.12
CA GLY A 56 31.92 -27.27 -0.48
C GLY A 56 30.51 -26.73 -0.39
N LEU A 57 30.18 -25.72 -1.19
CA LEU A 57 28.86 -25.13 -1.14
C LEU A 57 27.79 -26.03 -1.76
N ILE A 58 28.20 -26.89 -2.67
CA ILE A 58 27.26 -27.80 -3.31
C ILE A 58 26.96 -28.93 -2.33
N LYS A 59 28.03 -29.51 -1.79
CA LYS A 59 27.89 -30.58 -0.82
C LYS A 59 27.06 -30.09 0.37
N ALA A 60 27.09 -28.78 0.62
CA ALA A 60 26.31 -28.20 1.73
C ALA A 60 24.83 -28.13 1.41
N GLN A 61 24.45 -28.60 0.23
CA GLN A 61 23.05 -28.60 -0.14
C GLN A 61 22.43 -29.98 0.18
N VAL A 62 23.26 -30.91 0.64
CA VAL A 62 22.79 -32.25 0.97
C VAL A 62 22.90 -32.51 2.49
N PRO A 63 21.81 -32.96 3.14
CA PRO A 63 21.81 -33.24 4.58
C PRO A 63 22.97 -34.13 5.04
N ILE A 64 23.43 -33.88 6.25
CA ILE A 64 24.53 -34.63 6.85
C ILE A 64 24.25 -36.14 6.93
N PRO A 65 23.02 -36.53 7.26
CA PRO A 65 22.68 -37.96 7.36
C PRO A 65 22.80 -38.69 6.02
N LEU A 66 22.90 -37.93 4.94
CA LEU A 66 22.99 -38.50 3.60
C LEU A 66 24.40 -38.40 3.05
N GLY A 67 25.33 -37.98 3.90
CA GLY A 67 26.70 -37.85 3.44
C GLY A 67 27.04 -36.45 2.98
N GLY A 68 26.09 -35.52 3.12
CA GLY A 68 26.31 -34.14 2.74
C GLY A 68 26.93 -33.36 3.89
N THR A 69 26.90 -32.03 3.82
CA THR A 69 27.48 -31.21 4.86
C THR A 69 26.56 -30.10 5.34
N GLU A 71 24.40 -28.12 7.56
CA GLU A 71 24.23 -28.07 9.01
C GLU A 71 22.77 -27.86 9.36
N SER A 72 22.08 -27.01 8.61
CA SER A 72 20.67 -26.75 8.86
C SER A 72 20.15 -25.71 7.86
N LEU A 73 18.84 -25.60 7.78
CA LEU A 73 18.21 -24.65 6.88
C LEU A 73 18.49 -23.19 7.28
N VAL A 74 18.81 -22.95 8.55
CA VAL A 74 19.12 -21.60 9.01
C VAL A 74 20.52 -21.26 8.49
N HIS A 75 21.43 -22.22 8.55
CA HIS A 75 22.76 -22.00 8.02
C HIS A 75 22.62 -21.67 6.53
N GLU A 76 21.81 -22.47 5.84
CA GLU A 76 21.59 -22.27 4.41
C GLU A 76 21.00 -20.88 4.12
N SER A 77 20.03 -20.47 4.92
CA SER A 77 19.38 -19.17 4.77
C SER A 77 20.36 -18.02 4.92
N ILE A 78 21.32 -18.20 5.83
CA ILE A 78 22.32 -17.18 6.07
C ILE A 78 23.28 -17.15 4.91
N ILE A 79 23.69 -18.33 4.44
CA ILE A 79 24.61 -18.40 3.32
C ILE A 79 24.02 -17.76 2.08
N LEU A 80 22.75 -18.06 1.79
CA LEU A 80 22.08 -17.52 0.62
C LEU A 80 21.93 -16.02 0.68
N GLU A 81 21.58 -15.48 1.85
CA GLU A 81 21.43 -14.04 1.97
C GLU A 81 22.75 -13.32 1.66
N GLU A 82 23.86 -13.85 2.14
CA GLU A 82 25.17 -13.24 1.91
C GLU A 82 25.60 -13.35 0.46
N LEU A 83 25.27 -14.47 -0.17
CA LEU A 83 25.63 -14.70 -1.57
C LEU A 83 24.82 -13.79 -2.50
N PHE A 84 23.50 -13.78 -2.33
CA PHE A 84 22.66 -12.94 -3.17
C PHE A 84 22.83 -11.45 -2.94
N ALA A 85 23.41 -11.07 -1.79
CA ALA A 85 23.61 -9.66 -1.51
C ALA A 85 24.75 -9.14 -2.39
N VAL A 86 25.59 -10.05 -2.86
CA VAL A 86 26.71 -9.67 -3.69
C VAL A 86 26.51 -9.97 -5.17
N GLU A 87 26.28 -11.25 -5.49
CA GLU A 87 26.08 -11.67 -6.88
C GLU A 87 25.15 -12.88 -7.04
N PRO A 88 23.96 -12.66 -7.62
CA PRO A 88 22.98 -13.73 -7.84
C PRO A 88 23.51 -14.80 -8.79
N ALA A 89 24.42 -14.42 -9.69
CA ALA A 89 25.03 -15.37 -10.63
C ALA A 89 25.75 -16.49 -9.86
N THR A 90 25.61 -17.73 -10.34
CA THR A 90 26.21 -18.90 -9.70
C THR A 90 25.45 -19.22 -8.41
N SER A 91 25.15 -18.19 -7.62
CA SER A 91 24.39 -18.38 -6.39
C SER A 91 23.04 -19.00 -6.74
N ILE A 92 22.40 -18.48 -7.79
CA ILE A 92 21.12 -18.98 -8.24
C ILE A 92 21.30 -20.40 -8.80
N THR A 93 22.49 -20.68 -9.33
CA THR A 93 22.81 -22.01 -9.87
C THR A 93 22.87 -23.01 -8.73
N ILE A 94 23.46 -22.60 -7.62
CA ILE A 94 23.57 -23.47 -6.45
C ILE A 94 22.16 -23.76 -5.94
N VAL A 95 21.33 -22.72 -5.92
CA VAL A 95 19.96 -22.86 -5.46
C VAL A 95 19.19 -23.83 -6.34
N ALA A 96 19.41 -23.72 -7.65
CA ALA A 96 18.74 -24.58 -8.62
C ALA A 96 19.10 -26.03 -8.38
N THR A 97 20.38 -26.29 -8.12
CA THR A 97 20.84 -27.64 -7.87
C THR A 97 20.22 -28.19 -6.59
N ALA A 98 20.14 -27.35 -5.56
CA ALA A 98 19.57 -27.76 -4.29
C ALA A 98 18.13 -28.23 -4.47
N LEU A 99 17.36 -27.51 -5.27
CA LEU A 99 15.96 -27.85 -5.52
C LEU A 99 15.88 -29.17 -6.29
N GLY A 100 16.79 -29.36 -7.26
CA GLY A 100 16.80 -30.56 -8.05
C GLY A 100 17.11 -31.82 -7.23
N LEU A 101 17.96 -31.67 -6.22
CA LEU A 101 18.32 -32.78 -5.36
C LEU A 101 17.28 -33.04 -4.29
N PRO A 103 13.98 -33.67 -4.24
CA PRO A 103 13.11 -34.84 -4.37
C PRO A 103 13.79 -36.14 -3.94
N VAL A 104 15.07 -36.29 -4.32
CA VAL A 104 15.83 -37.47 -3.95
C VAL A 104 16.20 -37.45 -2.46
N ILE A 105 16.58 -36.29 -1.95
CA ILE A 105 16.94 -36.09 -0.55
C ILE A 105 15.73 -36.40 0.35
N LEU A 106 14.53 -36.12 -0.14
CA LEU A 106 13.31 -36.34 0.62
C LEU A 106 12.69 -37.73 0.45
N CYS A 107 13.12 -38.49 -0.56
CA CYS A 107 12.53 -39.81 -0.75
C CYS A 107 13.06 -40.77 0.30
N ASP A 108 12.31 -41.82 0.58
CA ASP A 108 12.73 -42.81 1.57
C ASP A 108 13.46 -43.99 0.95
N SER A 109 14.49 -43.72 0.15
CA SER A 109 15.24 -44.81 -0.47
C SER A 109 16.72 -44.55 -0.42
N PRO A 110 17.40 -45.12 0.57
CA PRO A 110 18.85 -44.95 0.74
C PRO A 110 19.63 -45.35 -0.49
N SER A 111 19.15 -46.39 -1.18
CA SER A 111 19.81 -46.89 -2.38
C SER A 111 19.78 -45.84 -3.50
N LEU A 112 18.62 -45.24 -3.72
CA LEU A 112 18.47 -44.21 -4.74
C LEU A 112 19.31 -43.00 -4.35
N GLN A 113 19.17 -42.56 -3.11
CA GLN A 113 19.92 -41.43 -2.59
C GLN A 113 21.41 -41.61 -2.77
N GLU A 114 21.91 -42.77 -2.37
CA GLU A 114 23.33 -43.06 -2.46
C GLU A 114 23.80 -43.05 -3.91
N LYS A 115 22.98 -43.58 -4.79
CA LYS A 115 23.32 -43.65 -6.20
C LYS A 115 23.29 -42.31 -6.94
N PHE A 116 22.19 -41.58 -6.79
CA PHE A 116 22.04 -40.31 -7.49
C PHE A 116 22.66 -39.06 -6.86
N LEU A 117 22.89 -39.07 -5.55
CA LEU A 117 23.48 -37.91 -4.87
C LEU A 117 24.99 -37.97 -4.86
N LYS A 118 25.54 -39.09 -5.26
CA LYS A 118 26.98 -39.30 -5.22
C LYS A 118 27.85 -38.21 -5.85
N PRO A 119 27.49 -37.76 -7.06
CA PRO A 119 28.29 -36.73 -7.71
C PRO A 119 28.26 -35.37 -7.00
N PHE A 120 27.13 -35.07 -6.38
CA PHE A 120 26.96 -33.80 -5.70
C PHE A 120 27.66 -33.73 -4.35
N ILE A 121 28.12 -34.87 -3.83
CA ILE A 121 28.81 -34.87 -2.54
C ILE A 121 30.26 -35.29 -2.66
N SER A 122 30.74 -35.44 -3.89
CA SER A 122 32.12 -35.83 -4.14
C SER A 122 33.04 -34.64 -3.97
N GLY A 123 32.47 -33.45 -4.09
CA GLY A 123 33.27 -32.24 -3.95
C GLY A 123 34.16 -31.96 -5.15
N GLU A 124 33.80 -32.49 -6.31
CA GLU A 124 34.60 -32.26 -7.51
C GLU A 124 33.72 -31.94 -8.73
N GLY A 125 34.35 -31.46 -9.80
CA GLY A 125 33.62 -31.12 -11.00
C GLY A 125 32.61 -30.00 -10.77
N GLU A 126 31.60 -29.91 -11.64
CA GLU A 126 30.57 -28.90 -11.53
C GLU A 126 29.23 -29.54 -11.81
N PRO A 127 28.80 -30.49 -10.96
CA PRO A 127 27.52 -31.18 -11.12
C PRO A 127 26.32 -30.27 -10.97
N LEU A 128 25.37 -30.40 -11.88
CA LEU A 128 24.15 -29.59 -11.84
C LEU A 128 22.93 -30.47 -11.66
N ALA A 129 21.95 -29.97 -10.92
CA ALA A 129 20.73 -30.73 -10.71
C ALA A 129 19.58 -29.81 -11.07
N SER A 130 18.45 -30.38 -11.45
CA SER A 130 17.30 -29.57 -11.81
C SER A 130 16.00 -30.30 -11.56
N LEU A 131 15.02 -29.58 -11.01
CA LEU A 131 13.70 -30.14 -10.77
C LEU A 131 12.86 -29.62 -11.93
N HIS A 133 9.74 -29.13 -13.59
CA HIS A 133 8.32 -29.17 -13.38
C HIS A 133 7.59 -28.21 -14.30
N SER A 134 8.03 -26.94 -14.32
CA SER A 134 7.39 -25.90 -15.14
C SER A 134 7.26 -26.22 -16.63
N GLU A 135 6.16 -25.79 -17.23
CA GLU A 135 5.92 -26.08 -18.63
C GLU A 135 5.46 -24.85 -19.40
N PRO A 136 5.54 -24.91 -20.73
CA PRO A 136 5.11 -23.80 -21.59
C PRO A 136 3.69 -23.33 -21.33
N ASN A 137 2.77 -24.26 -21.08
CA ASN A 137 1.39 -23.84 -20.86
C ASN A 137 1.09 -23.39 -19.45
N GLY A 138 2.10 -23.47 -18.57
CA GLY A 138 1.90 -23.09 -17.19
C GLY A 138 1.72 -24.31 -16.32
N THR A 139 1.76 -24.13 -15.00
CA THR A 139 1.61 -25.22 -14.06
C THR A 139 0.85 -24.82 -12.80
N ALA A 140 0.30 -23.61 -12.80
CA ALA A 140 -0.43 -23.15 -11.63
C ALA A 140 -1.63 -24.05 -11.31
N ASN A 141 -2.20 -24.67 -12.33
CA ASN A 141 -3.35 -25.54 -12.14
C ASN A 141 -3.03 -26.99 -12.49
N TRP A 142 -1.77 -27.39 -12.35
CA TRP A 142 -1.40 -28.75 -12.69
C TRP A 142 -2.14 -29.81 -11.87
N LEU A 143 -2.69 -29.42 -10.73
CA LEU A 143 -3.41 -30.37 -9.89
C LEU A 143 -4.90 -30.12 -9.91
N GLN A 144 -5.34 -29.24 -10.80
CA GLN A 144 -6.76 -28.94 -10.89
C GLN A 144 -7.52 -30.15 -11.41
N LYS A 145 -8.51 -30.61 -10.64
CA LYS A 145 -9.30 -31.75 -11.05
C LYS A 145 -10.19 -31.37 -12.21
N GLY A 146 -10.12 -32.14 -13.29
CA GLY A 146 -10.94 -31.85 -14.45
C GLY A 146 -10.23 -30.93 -15.43
N GLY A 147 -8.98 -30.57 -15.12
CA GLY A 147 -8.22 -29.71 -16.01
C GLY A 147 -7.24 -30.48 -16.86
N PRO A 148 -6.58 -29.81 -17.82
CA PRO A 148 -5.60 -30.41 -18.73
C PRO A 148 -4.48 -31.17 -18.03
N GLY A 149 -4.02 -30.64 -16.89
CA GLY A 149 -2.94 -31.31 -16.16
C GLY A 149 -1.61 -31.13 -16.87
N LEU A 150 -0.55 -31.66 -16.27
CA LEU A 150 0.77 -31.56 -16.88
C LEU A 150 0.74 -32.09 -18.31
N GLN A 151 1.45 -31.42 -19.21
CA GLN A 151 1.51 -31.81 -20.59
C GLN A 151 2.71 -32.70 -20.85
N THR A 152 3.56 -32.82 -19.83
CA THR A 152 4.70 -33.72 -19.93
C THR A 152 4.19 -35.01 -19.28
N THR A 153 3.90 -36.01 -20.10
CA THR A 153 3.36 -37.27 -19.60
C THR A 153 4.34 -38.42 -19.71
N ALA A 154 4.08 -39.47 -18.94
CA ALA A 154 4.92 -40.65 -18.96
C ALA A 154 4.05 -41.91 -18.98
N ARG A 155 4.54 -42.97 -19.60
CA ARG A 155 3.77 -44.21 -19.66
C ARG A 155 4.70 -45.38 -19.44
N LYS A 156 4.21 -46.42 -18.78
CA LYS A 156 5.02 -47.59 -18.51
C LYS A 156 5.04 -48.53 -19.73
N VAL A 157 6.23 -48.86 -20.21
CA VAL A 157 6.37 -49.75 -21.36
C VAL A 157 7.47 -50.75 -21.04
N GLY A 158 7.08 -51.96 -20.70
CA GLY A 158 8.05 -52.98 -20.35
C GLY A 158 8.68 -52.65 -19.01
N ASN A 159 10.01 -52.74 -18.91
CA ASN A 159 10.71 -52.44 -17.66
C ASN A 159 11.27 -51.03 -17.67
N GLU A 160 10.55 -50.12 -18.32
CA GLU A 160 10.99 -48.72 -18.38
C GLU A 160 9.84 -47.76 -18.68
N TRP A 161 10.12 -46.47 -18.58
CA TRP A 161 9.10 -45.46 -18.84
C TRP A 161 9.48 -44.60 -20.04
N VAL A 162 8.45 -44.12 -20.75
CA VAL A 162 8.65 -43.29 -21.91
C VAL A 162 8.02 -41.94 -21.64
N ILE A 163 8.84 -40.90 -21.68
CA ILE A 163 8.36 -39.55 -21.43
C ILE A 163 8.00 -38.80 -22.70
N SER A 164 6.88 -38.08 -22.64
CA SER A 164 6.44 -37.29 -23.78
C SER A 164 5.95 -35.92 -23.31
N GLY A 165 6.52 -34.85 -23.86
CA GLY A 165 6.10 -33.51 -23.47
C GLY A 165 7.19 -32.47 -23.43
N GLU A 166 6.82 -31.26 -23.05
CA GLU A 166 7.81 -30.18 -23.01
C GLU A 166 7.91 -29.49 -21.66
N LYS A 167 9.12 -29.15 -21.27
CA LYS A 167 9.34 -28.41 -20.02
C LYS A 167 9.87 -27.03 -20.37
N LEU A 168 9.48 -26.04 -19.58
CA LEU A 168 9.95 -24.67 -19.80
C LEU A 168 10.24 -24.03 -18.44
N TRP A 169 11.44 -23.45 -18.31
CA TRP A 169 11.93 -22.76 -17.10
C TRP A 169 12.86 -23.56 -16.18
N PRO A 170 12.74 -24.90 -16.13
CA PRO A 170 13.63 -25.65 -15.24
C PRO A 170 15.10 -25.22 -15.33
N SER A 171 15.63 -24.73 -14.22
CA SER A 171 17.01 -24.26 -14.14
C SER A 171 18.08 -25.31 -14.32
N ASN A 172 19.00 -25.02 -15.23
CA ASN A 172 20.13 -25.89 -15.53
C ASN A 172 19.69 -27.23 -16.06
N SER A 173 18.40 -27.35 -16.38
CA SER A 173 17.85 -28.61 -16.89
C SER A 173 18.73 -29.22 -17.97
N GLY A 174 19.26 -28.39 -18.86
CA GLY A 174 20.09 -28.89 -19.94
C GLY A 174 21.56 -29.02 -19.62
N GLY A 175 21.97 -28.59 -18.44
CA GLY A 175 23.38 -28.70 -18.11
C GLY A 175 24.19 -27.57 -18.71
N TRP A 176 25.51 -27.71 -18.66
CA TRP A 176 26.39 -26.69 -19.19
C TRP A 176 26.46 -26.72 -20.71
N ASP A 177 26.34 -27.93 -21.29
CA ASP A 177 26.45 -28.10 -22.73
C ASP A 177 25.18 -28.60 -23.41
N TYR A 178 24.06 -28.41 -22.75
CA TYR A 178 22.77 -28.85 -23.28
C TYR A 178 22.67 -30.37 -23.42
N LYS A 179 23.62 -31.10 -22.86
CA LYS A 179 23.56 -32.56 -22.91
C LYS A 179 22.90 -33.09 -21.64
N GLY A 180 22.24 -32.18 -20.92
CA GLY A 180 21.56 -32.55 -19.70
C GLY A 180 22.31 -32.31 -18.38
N ALA A 181 21.54 -32.01 -17.35
CA ALA A 181 22.11 -31.80 -16.03
C ALA A 181 22.54 -33.17 -15.48
N ASP A 182 23.51 -33.18 -14.57
CA ASP A 182 24.00 -34.43 -13.99
C ASP A 182 22.87 -35.18 -13.28
N LEU A 183 21.80 -34.48 -12.98
CA LEU A 183 20.64 -35.09 -12.35
C LEU A 183 19.42 -34.22 -12.58
N ALA A 184 18.34 -34.84 -13.05
CA ALA A 184 17.10 -34.11 -13.27
C ALA A 184 15.90 -34.91 -12.79
N CYS A 185 15.01 -34.26 -12.06
CA CYS A 185 13.82 -34.90 -11.56
C CYS A 185 12.67 -34.39 -12.40
N VAL A 186 12.31 -35.17 -13.40
CA VAL A 186 11.23 -34.78 -14.30
C VAL A 186 9.87 -35.14 -13.74
N VAL A 187 9.04 -34.13 -13.53
CA VAL A 187 7.71 -34.37 -13.00
C VAL A 187 6.76 -34.60 -14.17
N CYS A 188 6.21 -35.81 -14.25
CA CYS A 188 5.28 -36.18 -15.33
C CYS A 188 3.92 -36.60 -14.83
N ARG A 189 2.96 -36.60 -15.75
CA ARG A 189 1.61 -37.04 -15.43
C ARG A 189 1.42 -38.38 -16.16
N VAL A 190 1.21 -39.45 -15.41
CA VAL A 190 1.01 -40.79 -16.00
C VAL A 190 -0.15 -40.80 -16.98
N SER A 191 0.12 -41.28 -18.19
CA SER A 191 -0.92 -41.36 -19.22
C SER A 191 -0.48 -42.35 -20.31
N ASP A 192 -1.29 -43.38 -20.52
CA ASP A 192 -0.99 -44.40 -21.54
C ASP A 192 -1.08 -43.83 -22.94
N ASP A 193 -1.88 -42.78 -23.09
CA ASP A 193 -2.04 -42.13 -24.37
C ASP A 193 -2.06 -40.60 -24.22
N PRO A 194 -0.90 -39.96 -24.48
CA PRO A 194 -0.77 -38.49 -24.36
C PRO A 194 -1.66 -37.70 -25.34
N SER A 195 -2.27 -38.38 -26.29
CA SER A 195 -3.13 -37.70 -27.27
C SER A 195 -4.53 -37.53 -26.68
N LYS A 196 -4.80 -38.27 -25.61
CA LYS A 196 -6.11 -38.19 -24.96
C LYS A 196 -6.05 -37.30 -23.73
N PRO A 197 -7.15 -36.57 -23.46
CA PRO A 197 -7.22 -35.67 -22.30
C PRO A 197 -7.25 -36.42 -20.98
N GLN A 198 -6.71 -35.78 -19.94
CA GLN A 198 -6.68 -36.37 -18.61
C GLN A 198 -8.09 -36.70 -18.14
N ASP A 199 -8.24 -37.84 -17.47
CA ASP A 199 -9.53 -38.28 -16.97
C ASP A 199 -10.03 -37.29 -15.92
N PRO A 200 -11.11 -36.57 -16.22
CA PRO A 200 -11.69 -35.59 -15.30
C PRO A 200 -12.34 -36.17 -14.05
N ASN A 201 -12.29 -37.49 -13.91
CA ASN A 201 -12.88 -38.16 -12.76
C ASN A 201 -11.83 -38.67 -11.78
N VAL A 202 -10.57 -38.56 -12.15
CA VAL A 202 -9.50 -39.01 -11.28
C VAL A 202 -8.69 -37.83 -10.75
N ASP A 203 -8.36 -37.88 -9.46
CA ASP A 203 -7.59 -36.83 -8.83
C ASP A 203 -6.22 -36.76 -9.48
N PRO A 204 -5.89 -35.61 -10.12
CA PRO A 204 -4.61 -35.40 -10.78
C PRO A 204 -3.40 -35.80 -9.96
N ALA A 205 -3.44 -35.51 -8.67
CA ALA A 205 -2.33 -35.84 -7.78
C ALA A 205 -2.01 -37.34 -7.78
N THR A 206 -3.02 -38.18 -7.99
CA THR A 206 -2.80 -39.63 -8.00
C THR A 206 -2.10 -40.10 -9.27
N GLN A 207 -1.93 -39.20 -10.24
CA GLN A 207 -1.27 -39.59 -11.48
C GLN A 207 0.11 -38.98 -11.69
N ILE A 208 0.63 -38.38 -10.63
CA ILE A 208 1.95 -37.74 -10.69
C ILE A 208 3.09 -38.74 -10.53
N ALA A 209 4.08 -38.63 -11.39
CA ALA A 209 5.23 -39.52 -11.32
C ALA A 209 6.51 -38.70 -11.49
N VAL A 210 7.56 -39.07 -10.77
CA VAL A 210 8.83 -38.36 -10.89
C VAL A 210 9.91 -39.30 -11.37
N LEU A 211 10.48 -39.01 -12.53
CA LEU A 211 11.52 -39.84 -13.11
C LEU A 211 12.86 -39.14 -13.09
N LEU A 212 13.88 -39.87 -12.64
CA LEU A 212 15.22 -39.34 -12.56
C LEU A 212 15.93 -39.56 -13.89
N VAL A 213 16.43 -38.46 -14.45
CA VAL A 213 17.13 -38.48 -15.73
C VAL A 213 18.53 -37.90 -15.58
N THR A 214 19.53 -38.69 -15.95
CA THR A 214 20.91 -38.25 -15.85
C THR A 214 21.44 -38.07 -17.27
N ARG A 215 22.68 -37.62 -17.39
CA ARG A 215 23.27 -37.42 -18.70
C ARG A 215 23.39 -38.77 -19.38
N GLU A 216 23.60 -39.82 -18.59
CA GLU A 216 23.71 -41.16 -19.14
C GLU A 216 22.37 -41.58 -19.74
N THR A 217 21.28 -41.22 -19.08
CA THR A 217 19.95 -41.57 -19.57
C THR A 217 19.74 -40.91 -20.94
N ILE A 218 20.13 -39.65 -21.04
CA ILE A 218 20.00 -38.90 -22.29
C ILE A 218 20.86 -39.52 -23.37
N ALA A 219 22.09 -39.86 -23.00
CA ALA A 219 23.03 -40.48 -23.92
C ALA A 219 22.55 -41.86 -24.37
N ASN A 220 21.72 -42.51 -23.56
CA ASN A 220 21.22 -43.84 -23.92
C ASN A 220 19.92 -43.75 -24.71
N ASN A 221 19.53 -42.54 -25.07
CA ASN A 221 18.31 -42.34 -25.85
C ASN A 221 18.70 -41.75 -27.19
N LYS A 222 17.75 -41.69 -28.12
CA LYS A 222 18.00 -41.09 -29.43
C LYS A 222 18.13 -39.57 -29.29
N LYS A 223 19.02 -38.99 -30.07
CA LYS A 223 19.24 -37.56 -30.04
C LYS A 223 17.97 -36.75 -30.19
N ASP A 224 17.02 -37.25 -30.99
CA ASP A 224 15.76 -36.54 -31.20
C ASP A 224 14.76 -36.72 -30.04
N ALA A 225 15.09 -37.62 -29.11
CA ALA A 225 14.20 -37.87 -27.97
C ALA A 225 14.34 -36.76 -26.92
N TYR A 226 15.50 -36.13 -26.89
CA TYR A 226 15.81 -35.06 -25.96
C TYR A 226 16.44 -33.89 -26.72
N GLN A 227 15.73 -32.78 -26.83
CA GLN A 227 16.28 -31.62 -27.53
C GLN A 227 15.85 -30.29 -26.94
N ILE A 228 16.78 -29.34 -26.92
CA ILE A 228 16.53 -28.00 -26.38
C ILE A 228 15.95 -27.15 -27.52
N LEU A 229 14.80 -26.55 -27.28
CA LEU A 229 14.12 -25.74 -28.29
C LEU A 229 14.38 -24.24 -28.14
N GLY A 230 15.12 -23.85 -27.11
CA GLY A 230 15.37 -22.43 -26.91
C GLY A 230 15.70 -22.05 -25.48
N GLU A 231 16.36 -20.90 -25.33
CA GLU A 231 16.78 -20.37 -24.02
C GLU A 231 16.22 -18.96 -23.85
N PRO A 232 15.17 -18.81 -23.05
CA PRO A 232 14.56 -17.51 -22.81
C PRO A 232 15.53 -16.42 -22.28
N GLU A 233 15.35 -15.19 -22.77
CA GLU A 233 16.17 -14.07 -22.33
C GLU A 233 15.42 -13.42 -21.19
N LEU A 234 16.01 -13.44 -20.01
CA LEU A 234 15.37 -12.90 -18.81
C LEU A 234 15.68 -11.44 -18.54
N ALA A 235 14.76 -10.74 -17.87
CA ALA A 235 14.97 -9.34 -17.54
C ALA A 235 16.10 -9.25 -16.51
N GLY A 236 16.16 -10.23 -15.60
CA GLY A 236 17.20 -10.25 -14.59
C GLY A 236 17.73 -11.66 -14.47
N HIS A 237 18.77 -11.87 -13.67
CA HIS A 237 19.37 -13.21 -13.52
C HIS A 237 19.72 -13.69 -14.92
N ILE A 238 20.40 -12.82 -15.65
CA ILE A 238 20.81 -13.06 -17.04
C ILE A 238 21.79 -14.20 -17.27
N THR A 239 22.30 -14.79 -16.18
CA THR A 239 23.25 -15.89 -16.29
C THR A 239 22.62 -17.25 -15.93
N THR A 240 21.30 -17.28 -15.76
CA THR A 240 20.60 -18.52 -15.42
C THR A 240 20.11 -19.21 -16.67
N SER A 241 20.05 -20.54 -16.62
CA SER A 241 19.56 -21.31 -17.75
C SER A 241 18.27 -22.06 -17.39
N GLY A 242 17.23 -21.90 -18.20
CA GLY A 242 15.96 -22.59 -17.96
C GLY A 242 15.38 -22.90 -19.34
N PRO A 243 16.06 -23.77 -20.12
CA PRO A 243 15.67 -24.20 -21.47
C PRO A 243 14.22 -24.62 -21.68
N HIS A 244 13.90 -24.79 -22.95
CA HIS A 244 12.59 -25.26 -23.37
C HIS A 244 12.86 -26.64 -23.98
N THR A 245 12.69 -27.71 -23.19
CA THR A 245 12.94 -29.08 -23.66
C THR A 245 11.67 -29.76 -24.14
N ARG A 246 11.81 -30.65 -25.10
CA ARG A 246 10.65 -31.37 -25.63
C ARG A 246 10.89 -32.87 -25.73
N PHE A 247 10.66 -33.59 -24.64
CA PHE A 247 10.84 -35.04 -24.63
C PHE A 247 10.00 -35.73 -25.70
N THR A 248 10.64 -36.57 -26.51
CA THR A 248 9.94 -37.32 -27.56
C THR A 248 10.32 -38.80 -27.46
N GLU A 249 9.38 -39.60 -26.94
CA GLU A 249 9.61 -41.03 -26.75
C GLU A 249 10.93 -41.24 -25.99
N PHE A 250 11.14 -40.44 -24.96
CA PHE A 250 12.36 -40.54 -24.17
C PHE A 250 12.21 -41.67 -23.15
N HIS A 251 13.07 -42.67 -23.27
CA HIS A 251 13.05 -43.87 -22.43
C HIS A 251 13.86 -43.74 -21.14
N VAL A 252 13.21 -44.06 -20.03
CA VAL A 252 13.86 -43.99 -18.72
C VAL A 252 13.70 -45.31 -17.97
N PRO A 253 14.79 -45.85 -17.40
CA PRO A 253 14.74 -47.12 -16.66
C PRO A 253 13.72 -47.04 -15.52
N HIS A 254 12.98 -48.12 -15.32
CA HIS A 254 11.98 -48.16 -14.25
C HIS A 254 12.63 -47.92 -12.89
N GLU A 255 13.89 -48.30 -12.76
CA GLU A 255 14.62 -48.13 -11.51
C GLU A 255 14.94 -46.67 -11.24
N ASN A 256 14.82 -45.82 -12.25
CA ASN A 256 15.07 -44.39 -12.08
C ASN A 256 13.83 -43.69 -11.57
N LEU A 257 12.77 -44.45 -11.34
CA LEU A 257 11.53 -43.87 -10.83
C LEU A 257 11.79 -43.47 -9.37
N LEU A 258 11.52 -42.22 -9.04
CA LEU A 258 11.77 -41.74 -7.68
C LEU A 258 10.97 -42.51 -6.65
N CYS A 259 9.72 -42.79 -6.96
CA CYS A 259 8.86 -43.53 -6.05
C CYS A 259 7.60 -43.98 -6.78
N THR A 260 6.68 -44.59 -6.06
CA THR A 260 5.45 -45.06 -6.67
C THR A 260 4.60 -43.89 -7.11
N PRO A 261 4.21 -43.85 -8.39
CA PRO A 261 3.38 -42.77 -8.92
C PRO A 261 2.17 -42.52 -8.05
N GLY A 262 1.80 -41.25 -7.89
CA GLY A 262 0.64 -40.92 -7.08
C GLY A 262 0.93 -39.89 -6.01
N LEU A 263 0.07 -39.82 -5.00
CA LEU A 263 0.21 -38.85 -3.92
C LEU A 263 1.59 -38.79 -3.28
N LYS A 264 2.32 -39.90 -3.30
CA LYS A 264 3.65 -39.89 -2.73
C LYS A 264 4.61 -39.09 -3.59
N ALA A 265 4.46 -39.21 -4.92
CA ALA A 265 5.33 -38.49 -5.85
C ALA A 265 4.97 -37.00 -5.76
N GLN A 266 3.68 -36.73 -5.77
CA GLN A 266 3.20 -35.36 -5.71
C GLN A 266 3.61 -34.73 -4.39
N GLY A 267 3.67 -35.57 -3.35
CA GLY A 267 4.05 -35.12 -2.02
C GLY A 267 5.51 -34.70 -1.99
N LEU A 268 6.37 -35.45 -2.68
CA LEU A 268 7.78 -35.09 -2.71
C LEU A 268 8.00 -33.76 -3.45
N VAL A 269 7.21 -33.53 -4.50
CA VAL A 269 7.35 -32.30 -5.27
C VAL A 269 6.86 -31.15 -4.42
N GLU A 270 5.69 -31.30 -3.83
CA GLU A 270 5.13 -30.28 -2.97
C GLU A 270 6.06 -29.92 -1.83
N THR A 271 6.68 -30.92 -1.22
CA THR A 271 7.58 -30.69 -0.12
C THR A 271 8.83 -29.99 -0.58
N ALA A 272 9.39 -30.44 -1.70
CA ALA A 272 10.59 -29.83 -2.25
C ALA A 272 10.34 -28.35 -2.56
N PHE A 273 9.20 -28.06 -3.18
CA PHE A 273 8.85 -26.69 -3.54
C PHE A 273 8.50 -25.84 -2.32
N ALA A 274 8.02 -26.48 -1.27
CA ALA A 274 7.68 -25.75 -0.06
C ALA A 274 8.96 -25.28 0.62
N SER A 276 11.80 -24.80 -0.90
CA SER A 276 12.43 -23.84 -1.79
C SER A 276 11.75 -22.48 -1.55
N ALA A 277 10.42 -22.50 -1.45
CA ALA A 277 9.67 -21.28 -1.24
C ALA A 277 10.15 -20.55 0.02
N ALA A 278 10.53 -21.32 1.02
CA ALA A 278 11.02 -20.74 2.26
C ALA A 278 12.42 -20.14 2.07
N LEU A 279 13.28 -20.83 1.34
CA LEU A 279 14.64 -20.35 1.08
C LEU A 279 14.70 -19.17 0.10
N VAL A 280 13.70 -19.08 -0.78
CA VAL A 280 13.64 -18.00 -1.75
C VAL A 280 13.62 -16.69 -0.98
N GLY A 281 13.06 -16.69 0.22
CA GLY A 281 13.03 -15.48 1.01
C GLY A 281 14.42 -14.95 1.32
N ALA A 282 15.39 -15.87 1.44
CA ALA A 282 16.76 -15.52 1.74
C ALA A 282 17.39 -14.81 0.55
N ALA A 284 15.58 -13.12 -1.76
CA ALA A 284 14.90 -11.83 -1.86
C ALA A 284 15.54 -10.87 -0.88
N ILE A 285 15.83 -11.35 0.32
CA ILE A 285 16.45 -10.53 1.34
C ILE A 285 17.84 -10.08 0.90
N GLY A 286 18.62 -11.00 0.36
CA GLY A 286 19.96 -10.65 -0.10
C GLY A 286 19.94 -9.53 -1.14
N THR A 287 19.03 -9.63 -2.10
CA THR A 287 18.92 -8.63 -3.16
C THR A 287 18.42 -7.30 -2.60
N ALA A 288 17.37 -7.35 -1.79
CA ALA A 288 16.80 -6.14 -1.20
C ALA A 288 17.78 -5.49 -0.25
N ARG A 289 18.59 -6.29 0.41
CA ARG A 289 19.55 -5.76 1.36
C ARG A 289 20.62 -4.97 0.64
N ALA A 290 21.05 -5.45 -0.53
CA ALA A 290 22.06 -4.77 -1.30
C ALA A 290 21.54 -3.40 -1.71
N ALA A 291 20.26 -3.31 -2.04
CA ALA A 291 19.66 -2.04 -2.45
C ALA A 291 19.61 -1.10 -1.26
N PHE A 292 19.13 -1.63 -0.14
CA PHE A 292 18.99 -0.86 1.09
C PHE A 292 20.33 -0.29 1.53
N GLU A 293 21.36 -1.13 1.56
CA GLU A 293 22.67 -0.70 2.01
C GLU A 293 23.34 0.31 1.05
N GLU A 294 23.07 0.18 -0.24
CA GLU A 294 23.65 1.10 -1.19
C GLU A 294 22.97 2.46 -1.05
N ALA A 295 21.68 2.45 -0.77
CA ALA A 295 20.96 3.71 -0.58
C ALA A 295 21.29 4.31 0.79
N LEU A 296 21.52 3.46 1.78
CA LEU A 296 21.86 3.93 3.11
C LEU A 296 23.20 4.66 3.08
N VAL A 297 24.19 4.04 2.45
CA VAL A 297 25.52 4.64 2.37
C VAL A 297 25.47 5.96 1.64
N PHE A 298 24.71 5.98 0.55
CA PHE A 298 24.58 7.19 -0.25
C PHE A 298 23.93 8.31 0.54
N ALA A 299 22.84 7.97 1.23
CA ALA A 299 22.08 8.94 2.00
C ALA A 299 22.83 9.53 3.20
N LYS A 300 23.87 8.85 3.64
CA LYS A 300 24.65 9.32 4.76
C LYS A 300 25.95 10.00 4.32
N SER A 301 26.22 10.03 3.02
CA SER A 301 27.44 10.64 2.54
C SER A 301 27.17 11.61 1.39
N ASP A 302 25.90 11.89 1.11
CA ASP A 302 25.58 12.78 0.00
C ASP A 302 24.51 13.77 0.39
N THR A 303 24.75 15.04 0.10
CA THR A 303 23.79 16.09 0.46
C THR A 303 22.95 16.48 -0.75
N ARG A 304 23.33 15.96 -1.91
CA ARG A 304 22.62 16.29 -3.13
C ARG A 304 22.51 17.82 -3.33
N GLY A 305 23.64 18.51 -3.16
CA GLY A 305 23.63 19.95 -3.37
C GLY A 305 22.94 20.72 -2.26
N GLY A 306 22.61 20.01 -1.18
CA GLY A 306 21.97 20.64 -0.05
C GLY A 306 23.02 21.00 0.99
N SER A 307 22.55 21.29 2.20
CA SER A 307 23.45 21.64 3.29
C SER A 307 23.64 20.49 4.28
N LYS A 308 22.90 19.40 4.10
CA LYS A 308 23.02 18.24 5.00
C LYS A 308 22.78 16.90 4.28
N HIS A 309 23.34 15.82 4.80
CA HIS A 309 23.15 14.51 4.18
C HIS A 309 21.66 14.27 4.00
N ILE A 310 21.29 13.68 2.88
CA ILE A 310 19.86 13.49 2.59
C ILE A 310 19.13 12.63 3.62
N ILE A 311 19.86 11.78 4.33
CA ILE A 311 19.21 10.96 5.36
C ILE A 311 18.57 11.87 6.43
N GLU A 312 19.00 13.12 6.48
CA GLU A 312 18.45 14.09 7.43
C GLU A 312 17.05 14.55 7.01
N HIS A 313 16.66 14.24 5.77
CA HIS A 313 15.32 14.62 5.31
C HIS A 313 14.36 13.52 5.71
N GLN A 314 13.28 13.89 6.40
CA GLN A 314 12.32 12.89 6.85
C GLN A 314 11.77 11.97 5.76
N SER A 315 11.47 12.51 4.59
CA SER A 315 10.93 11.68 3.52
C SER A 315 11.92 10.62 3.09
N VAL A 316 13.21 10.96 3.15
CA VAL A 316 14.23 10.00 2.78
C VAL A 316 14.39 8.95 3.87
N ALA A 317 14.40 9.39 5.13
CA ALA A 317 14.54 8.49 6.27
C ALA A 317 13.36 7.52 6.30
N ASP A 318 12.17 8.04 5.98
CA ASP A 318 10.99 7.21 5.96
C ASP A 318 11.16 6.03 4.99
N LYS A 319 11.74 6.31 3.83
CA LYS A 319 11.97 5.27 2.82
C LYS A 319 12.95 4.23 3.33
N LEU A 320 14.03 4.70 3.96
CA LEU A 320 15.03 3.77 4.46
C LEU A 320 14.50 2.98 5.67
N ILE A 321 13.64 3.62 6.47
CA ILE A 321 13.07 2.95 7.62
C ILE A 321 12.17 1.82 7.12
N ASP A 322 11.32 2.12 6.15
CA ASP A 322 10.41 1.13 5.56
C ASP A 322 11.19 -0.04 4.97
N CYS A 323 12.33 0.24 4.33
CA CYS A 323 13.17 -0.81 3.77
C CYS A 323 13.76 -1.69 4.87
N LYS A 324 14.30 -1.06 5.90
CA LYS A 324 14.92 -1.77 7.02
C LYS A 324 13.89 -2.70 7.66
N ILE A 325 12.70 -2.17 7.92
CA ILE A 325 11.64 -2.95 8.53
C ILE A 325 11.22 -4.16 7.67
N ARG A 326 11.07 -3.95 6.36
CA ARG A 326 10.70 -5.05 5.46
C ARG A 326 11.79 -6.11 5.49
N LEU A 327 13.05 -5.70 5.59
CA LEU A 327 14.17 -6.64 5.61
C LEU A 327 14.21 -7.46 6.90
N GLU A 328 14.04 -6.76 8.01
CA GLU A 328 14.06 -7.38 9.33
C GLU A 328 12.90 -8.37 9.49
N THR A 329 11.69 -7.92 9.20
CA THR A 329 10.55 -8.80 9.30
C THR A 329 10.70 -10.00 8.36
N SER A 330 11.31 -9.80 7.19
CA SER A 330 11.52 -10.91 6.24
C SER A 330 12.51 -11.96 6.73
N ARG A 331 13.63 -11.53 7.28
CA ARG A 331 14.61 -12.50 7.73
C ARG A 331 14.05 -13.36 8.87
N LEU A 332 13.28 -12.72 9.74
CA LEU A 332 12.68 -13.38 10.87
C LEU A 332 11.65 -14.42 10.41
N LEU A 333 10.86 -14.05 9.42
CA LEU A 333 9.84 -14.93 8.88
C LEU A 333 10.53 -16.14 8.23
N VAL A 334 11.63 -15.89 7.52
CA VAL A 334 12.35 -16.97 6.88
C VAL A 334 12.96 -17.93 7.92
N TRP A 335 13.60 -17.37 8.95
CA TRP A 335 14.22 -18.18 9.98
C TRP A 335 13.14 -19.03 10.67
N LYS A 336 11.98 -18.43 10.90
CA LYS A 336 10.88 -19.12 11.52
C LYS A 336 10.36 -20.26 10.60
N ALA A 337 10.25 -19.95 9.32
CA ALA A 337 9.76 -20.91 8.34
C ALA A 337 10.66 -22.14 8.23
N VAL A 338 11.95 -21.91 8.02
CA VAL A 338 12.88 -23.02 7.87
C VAL A 338 12.99 -23.84 9.13
N THR A 339 12.77 -23.20 10.27
CA THR A 339 12.81 -23.87 11.56
C THR A 339 11.55 -24.71 11.71
N THR A 340 10.43 -24.16 11.27
CA THR A 340 9.17 -24.87 11.33
C THR A 340 9.21 -26.09 10.41
N LEU A 341 9.91 -25.97 9.29
CA LEU A 341 10.02 -27.07 8.34
C LEU A 341 10.78 -28.24 8.93
N GLU A 342 11.70 -27.93 9.84
CA GLU A 342 12.52 -28.94 10.49
C GLU A 342 11.92 -29.45 11.80
N ASP A 343 10.71 -29.00 12.14
CA ASP A 343 10.06 -29.42 13.36
C ASP A 343 9.27 -30.71 13.11
N GLU A 344 9.82 -31.85 13.52
CA GLU A 344 9.15 -33.13 13.32
C GLU A 344 7.87 -33.31 14.13
N ALA A 345 7.58 -32.35 15.00
CA ALA A 345 6.38 -32.44 15.82
C ALA A 345 5.16 -31.80 15.16
N LEU A 346 5.37 -30.96 14.15
CA LEU A 346 4.25 -30.30 13.49
C LEU A 346 3.79 -31.05 12.25
N GLU A 347 2.49 -31.02 11.99
CA GLU A 347 1.98 -31.69 10.80
C GLU A 347 2.37 -30.89 9.56
N TRP A 348 2.32 -31.54 8.40
CA TRP A 348 2.69 -30.91 7.13
C TRP A 348 1.93 -29.63 6.82
N LYS A 349 0.61 -29.66 6.95
CA LYS A 349 -0.22 -28.49 6.66
C LYS A 349 0.28 -27.22 7.34
N VAL A 350 0.85 -27.36 8.54
CA VAL A 350 1.34 -26.23 9.28
C VAL A 350 2.65 -25.74 8.65
N LYS A 351 3.53 -26.66 8.33
CA LYS A 351 4.81 -26.32 7.73
C LYS A 351 4.57 -25.66 6.37
N LEU A 352 3.60 -26.20 5.63
CA LEU A 352 3.27 -25.68 4.31
C LEU A 352 2.78 -24.26 4.41
N GLU A 353 1.87 -24.00 5.35
CA GLU A 353 1.30 -22.68 5.50
C GLU A 353 2.37 -21.64 5.81
N ALA A 355 5.58 -21.86 5.10
CA ALA A 355 6.43 -21.75 3.93
C ALA A 355 5.81 -20.84 2.85
N GLN A 357 3.48 -18.38 3.39
CA GLN A 357 3.46 -17.02 3.94
C GLN A 357 4.83 -16.37 3.71
N THR A 358 5.88 -17.14 3.93
CA THR A 358 7.25 -16.67 3.76
C THR A 358 7.55 -16.23 2.34
N LYS A 359 7.23 -17.10 1.39
CA LYS A 359 7.48 -16.80 -0.02
C LYS A 359 6.65 -15.59 -0.44
N ILE A 360 5.40 -15.55 -0.01
CA ILE A 360 4.52 -14.45 -0.37
C ILE A 360 4.98 -13.10 0.18
N TYR A 361 5.30 -13.06 1.47
CA TYR A 361 5.70 -11.81 2.08
C TYR A 361 7.04 -11.30 1.61
N THR A 362 8.06 -12.13 1.76
CA THR A 362 9.42 -11.75 1.40
C THR A 362 9.63 -11.31 -0.04
N THR A 363 8.99 -12.00 -0.98
CA THR A 363 9.19 -11.64 -2.37
C THR A 363 8.47 -10.36 -2.70
N ASP A 364 7.26 -10.20 -2.20
CA ASP A 364 6.50 -9.00 -2.46
C ASP A 364 7.17 -7.77 -1.85
N VAL A 365 7.57 -7.90 -0.59
CA VAL A 365 8.18 -6.81 0.14
C VAL A 365 9.57 -6.43 -0.39
N ALA A 366 10.28 -7.42 -0.93
CA ALA A 366 11.60 -7.17 -1.48
C ALA A 366 11.53 -6.22 -2.68
N VAL A 367 10.46 -6.32 -3.45
CA VAL A 367 10.31 -5.46 -4.62
C VAL A 367 10.13 -4.01 -4.16
N GLU A 368 9.27 -3.82 -3.17
CA GLU A 368 9.01 -2.49 -2.64
C GLU A 368 10.26 -1.85 -2.04
N CYS A 369 11.10 -2.69 -1.44
CA CYS A 369 12.32 -2.24 -0.81
C CYS A 369 13.31 -1.70 -1.84
N VAL A 370 13.50 -2.42 -2.93
CA VAL A 370 14.40 -1.95 -3.98
C VAL A 370 13.87 -0.64 -4.60
N ILE A 371 12.57 -0.55 -4.80
CA ILE A 371 12.00 0.66 -5.39
C ILE A 371 12.14 1.89 -4.47
N ASP A 372 11.79 1.70 -3.19
CA ASP A 372 11.88 2.77 -2.22
C ASP A 372 13.33 3.21 -2.08
N ALA A 373 14.26 2.28 -2.17
CA ALA A 373 15.67 2.64 -2.07
C ALA A 373 16.06 3.52 -3.24
N LYS A 375 14.04 5.45 -5.11
CA LYS A 375 13.37 6.72 -4.99
C LYS A 375 14.10 7.61 -3.99
N ALA A 376 14.72 6.96 -3.01
CA ALA A 376 15.46 7.67 -1.97
C ALA A 376 16.75 8.25 -2.57
N VAL A 377 17.48 7.44 -3.33
CA VAL A 377 18.72 7.88 -3.94
C VAL A 377 18.44 8.89 -5.07
N GLY A 378 17.29 8.74 -5.72
CA GLY A 378 16.91 9.63 -6.80
C GLY A 378 17.42 9.22 -8.16
N LYS A 380 20.30 9.35 -9.71
CA LYS A 380 21.52 8.57 -9.82
C LYS A 380 21.30 7.05 -9.73
N SER A 381 20.17 6.62 -9.18
CA SER A 381 19.94 5.18 -9.05
C SER A 381 19.56 4.54 -10.37
N TYR A 382 19.16 5.39 -11.32
CA TYR A 382 18.73 4.92 -12.62
C TYR A 382 19.87 4.61 -13.58
N ALA A 383 21.10 5.00 -13.20
CA ALA A 383 22.27 4.77 -14.04
C ALA A 383 23.00 3.49 -13.64
N LYS A 384 23.57 2.80 -14.61
CA LYS A 384 24.26 1.55 -14.34
C LYS A 384 25.61 1.70 -13.66
N ASP A 385 25.92 2.92 -13.22
CA ASP A 385 27.16 3.17 -12.49
C ASP A 385 26.84 2.80 -11.02
N SER A 387 24.28 -0.05 -8.63
CA SER A 387 23.77 -1.39 -8.82
C SER A 387 22.24 -1.49 -8.89
N PHE A 388 21.55 -0.41 -8.55
CA PHE A 388 20.10 -0.44 -8.56
C PHE A 388 19.44 -1.02 -9.81
N PRO A 389 19.89 -0.64 -11.00
CA PRO A 389 19.27 -1.19 -12.22
C PRO A 389 19.29 -2.73 -12.20
N ARG A 390 20.44 -3.32 -11.92
CA ARG A 390 20.52 -4.77 -11.88
C ARG A 390 19.59 -5.35 -10.79
N LEU A 391 19.63 -4.76 -9.60
CA LEU A 391 18.82 -5.23 -8.49
C LEU A 391 17.33 -5.18 -8.78
N LEU A 392 16.90 -4.16 -9.50
CA LEU A 392 15.49 -4.05 -9.82
C LEU A 392 15.02 -5.20 -10.72
N ASN A 393 15.83 -5.55 -11.71
CA ASN A 393 15.45 -6.62 -12.59
C ASN A 393 15.50 -7.97 -11.90
N GLU A 394 16.49 -8.13 -11.01
CA GLU A 394 16.64 -9.38 -10.30
C GLU A 394 15.57 -9.62 -9.24
N VAL A 395 15.20 -8.58 -8.49
CA VAL A 395 14.22 -8.71 -7.43
C VAL A 395 12.82 -8.99 -7.98
N CYS A 397 11.95 -10.95 -10.27
CA CYS A 397 11.79 -12.36 -10.56
C CYS A 397 11.22 -13.14 -9.34
N TYR A 398 11.59 -12.73 -8.13
CA TYR A 398 11.18 -13.46 -6.92
C TYR A 398 9.70 -13.67 -6.69
N PRO A 399 8.89 -12.63 -6.89
CA PRO A 399 7.45 -12.80 -6.69
C PRO A 399 6.83 -13.67 -7.79
N LEU A 400 7.57 -13.87 -8.88
CA LEU A 400 7.03 -14.63 -10.01
C LEU A 400 7.51 -16.07 -10.10
N PHE A 401 8.78 -16.29 -9.77
CA PHE A 401 9.34 -17.63 -9.86
C PHE A 401 9.11 -18.50 -8.62
N ASP A 402 9.63 -19.73 -8.65
CA ASP A 402 9.50 -20.69 -7.56
C ASP A 402 8.04 -20.73 -7.10
N GLY A 403 7.14 -20.71 -8.07
CA GLY A 403 5.71 -20.72 -7.79
C GLY A 403 5.24 -19.30 -7.53
N GLY A 404 4.65 -18.66 -8.54
CA GLY A 404 4.15 -17.30 -8.38
C GLY A 404 3.23 -17.20 -7.19
N ASN A 405 3.21 -16.03 -6.57
CA ASN A 405 2.39 -15.82 -5.39
C ASN A 405 0.90 -15.78 -5.71
N ILE A 406 0.55 -15.24 -6.86
CA ILE A 406 -0.86 -15.10 -7.24
C ILE A 406 -1.55 -16.39 -7.63
N GLY A 407 -0.87 -17.20 -8.43
CA GLY A 407 -1.47 -18.42 -8.91
C GLY A 407 -1.22 -19.68 -8.12
N LEU A 408 -0.04 -19.78 -7.51
CA LEU A 408 0.29 -20.96 -6.74
C LEU A 408 0.32 -20.80 -5.23
N ARG A 409 1.32 -20.07 -4.73
CA ARG A 409 1.50 -19.91 -3.29
C ARG A 409 0.28 -19.47 -2.52
N ARG A 410 -0.38 -18.42 -2.95
CA ARG A 410 -1.58 -17.98 -2.26
C ARG A 410 -2.71 -19.02 -2.35
N ARG A 411 -2.78 -19.75 -3.47
CA ARG A 411 -3.83 -20.76 -3.65
C ARG A 411 -3.53 -21.96 -2.74
N GLN A 412 -2.26 -22.32 -2.61
CA GLN A 412 -1.87 -23.40 -1.73
C GLN A 412 -2.23 -23.02 -0.28
N GLN A 414 -4.50 -20.78 0.69
CA GLN A 414 -5.95 -20.72 0.79
C GLN A 414 -6.55 -22.11 0.99
N ARG A 415 -5.94 -23.11 0.37
CA ARG A 415 -6.43 -24.48 0.46
C ARG A 415 -6.29 -24.98 1.90
N VAL A 416 -5.14 -24.72 2.51
CA VAL A 416 -4.88 -25.12 3.89
C VAL A 416 -5.83 -24.42 4.86
N ALA A 418 -8.70 -23.30 4.31
CA ALA A 418 -10.07 -23.76 4.10
C ALA A 418 -10.34 -25.08 4.82
N LEU A 419 -9.29 -25.83 5.14
CA LEU A 419 -9.45 -27.10 5.84
C LEU A 419 -10.15 -26.92 7.19
N GLU A 420 -11.14 -27.74 7.45
CA GLU A 420 -11.88 -27.67 8.71
C GLU A 420 -11.00 -27.80 9.96
N ASP A 421 -9.87 -28.51 9.84
CA ASP A 421 -8.96 -28.68 10.97
C ASP A 421 -7.76 -27.72 10.91
N TYR A 422 -7.97 -26.54 10.32
CA TYR A 422 -6.92 -25.54 10.17
C TYR A 422 -6.54 -24.94 11.51
N GLU A 423 -5.27 -25.07 11.90
CA GLU A 423 -4.78 -24.48 13.15
C GLU A 423 -3.86 -23.32 12.81
N PRO A 424 -4.41 -22.10 12.81
CA PRO A 424 -3.69 -20.87 12.50
C PRO A 424 -2.35 -20.72 13.20
N TRP A 425 -2.33 -20.91 14.52
CA TRP A 425 -1.09 -20.71 15.25
C TRP A 425 -0.35 -21.95 15.71
N ALA A 426 -0.60 -23.07 15.05
CA ALA A 426 0.05 -24.31 15.42
C ALA A 426 1.57 -24.22 15.44
N ALA A 427 2.15 -23.50 14.49
CA ALA A 427 3.60 -23.39 14.42
C ALA A 427 4.20 -22.56 15.55
N THR A 428 3.36 -21.78 16.21
CA THR A 428 3.85 -20.94 17.29
C THR A 428 3.48 -21.46 18.68
N TYR A 429 2.18 -21.62 18.93
CA TYR A 429 1.70 -22.07 20.21
C TYR A 429 1.36 -23.55 20.23
N GLY A 430 1.99 -24.34 19.35
CA GLY A 430 1.71 -25.76 19.28
C GLY A 430 0.26 -26.11 18.98
N SER A 431 -0.03 -27.40 18.89
CA SER A 431 -1.38 -27.88 18.61
C SER A 431 -2.19 -28.00 19.90
N VAL B 2 -18.33 21.08 -16.70
CA VAL B 2 -17.86 19.66 -16.61
C VAL B 2 -18.16 18.90 -17.90
N ASP B 3 -17.12 18.57 -18.65
CA ASP B 3 -17.29 17.85 -19.90
C ASP B 3 -16.03 17.07 -20.26
N PHE B 4 -16.18 15.78 -20.52
CA PHE B 4 -15.04 14.93 -20.88
C PHE B 4 -15.12 14.49 -22.32
N LYS B 5 -16.04 15.10 -23.07
CA LYS B 5 -16.21 14.80 -24.48
C LYS B 5 -15.04 15.37 -25.29
N LEU B 6 -14.36 14.50 -26.04
CA LEU B 6 -13.24 14.96 -26.85
C LEU B 6 -13.72 15.60 -28.15
N SER B 7 -13.14 16.75 -28.49
CA SER B 7 -13.50 17.45 -29.70
C SER B 7 -12.93 16.71 -30.91
N PRO B 8 -13.38 17.06 -32.11
CA PRO B 8 -12.90 16.41 -33.33
C PRO B 8 -11.40 16.56 -33.51
N SER B 9 -10.87 17.73 -33.14
CA SER B 9 -9.44 17.98 -33.28
C SER B 9 -8.61 17.11 -32.32
N GLN B 10 -9.12 16.90 -31.12
CA GLN B 10 -8.43 16.06 -30.13
C GLN B 10 -8.47 14.60 -30.59
N LEU B 11 -9.65 14.15 -31.02
CA LEU B 11 -9.82 12.77 -31.50
C LEU B 11 -8.91 12.57 -32.72
N GLU B 12 -8.77 13.62 -33.51
CA GLU B 12 -7.91 13.57 -34.68
C GLU B 12 -6.43 13.52 -34.28
N ALA B 13 -6.11 14.16 -33.16
CA ALA B 13 -4.74 14.19 -32.67
C ALA B 13 -4.33 12.77 -32.24
N ARG B 14 -5.24 12.08 -31.59
CA ARG B 14 -4.97 10.72 -31.15
C ARG B 14 -4.72 9.83 -32.36
N ARG B 15 -5.62 9.92 -33.33
CA ARG B 15 -5.51 9.11 -34.55
C ARG B 15 -4.15 9.33 -35.19
N HIS B 16 -3.78 10.59 -35.36
CA HIS B 16 -2.50 10.96 -35.96
C HIS B 16 -1.32 10.37 -35.16
N ALA B 17 -1.39 10.49 -33.84
CA ALA B 17 -0.32 9.97 -33.00
C ALA B 17 -0.27 8.44 -33.14
N GLN B 18 -1.44 7.81 -33.11
CA GLN B 18 -1.50 6.37 -33.24
C GLN B 18 -0.87 5.92 -34.55
N ALA B 19 -1.23 6.60 -35.64
CA ALA B 19 -0.70 6.24 -36.96
C ALA B 19 0.81 6.37 -36.96
N PHE B 20 1.29 7.51 -36.44
CA PHE B 20 2.73 7.76 -36.38
C PHE B 20 3.43 6.67 -35.58
N ALA B 21 2.89 6.38 -34.40
CA ALA B 21 3.46 5.37 -33.50
C ALA B 21 3.54 4.00 -34.13
N ASN B 22 2.44 3.57 -34.74
CA ASN B 22 2.34 2.25 -35.38
C ASN B 22 3.12 2.15 -36.68
N THR B 23 3.24 3.26 -37.41
CA THR B 23 3.93 3.27 -38.69
C THR B 23 5.40 3.58 -38.60
N VAL B 24 5.77 4.46 -37.67
CA VAL B 24 7.16 4.87 -37.53
C VAL B 24 7.89 4.29 -36.32
N LEU B 25 7.43 4.67 -35.13
CA LEU B 25 8.03 4.24 -33.87
C LEU B 25 8.24 2.73 -33.73
N THR B 26 7.30 1.93 -34.24
CA THR B 26 7.42 0.48 -34.16
C THR B 26 8.67 -0.06 -34.86
N LYS B 27 9.20 0.69 -35.82
CA LYS B 27 10.40 0.26 -36.54
C LYS B 27 11.70 0.72 -35.88
N ALA B 28 11.60 1.52 -34.82
CA ALA B 28 12.79 2.04 -34.13
C ALA B 28 13.62 0.97 -33.44
N SER B 29 12.95 0.08 -32.71
CA SER B 29 13.63 -0.99 -31.99
C SER B 29 14.64 -1.77 -32.84
N ALA B 30 14.23 -2.16 -34.04
CA ALA B 30 15.10 -2.93 -34.91
C ALA B 30 16.38 -2.17 -35.29
N GLU B 31 16.38 -0.86 -35.08
CA GLU B 31 17.55 -0.05 -35.40
C GLU B 31 18.50 0.19 -34.24
N TYR B 32 17.99 0.64 -33.10
CA TYR B 32 18.87 0.91 -31.97
C TYR B 32 19.28 -0.31 -31.18
N SER B 33 18.53 -1.41 -31.32
CA SER B 33 18.85 -2.64 -30.58
C SER B 33 20.19 -3.21 -30.98
N THR B 34 20.67 -2.85 -32.15
CA THR B 34 21.96 -3.35 -32.63
C THR B 34 23.14 -2.50 -32.14
N GLN B 35 22.85 -1.36 -31.53
CA GLN B 35 23.91 -0.48 -31.03
C GLN B 35 24.39 -0.92 -29.65
N LYS B 36 25.68 -0.74 -29.38
CA LYS B 36 26.26 -1.16 -28.12
C LYS B 36 26.35 -0.13 -27.00
N ASP B 37 25.92 1.10 -27.26
CA ASP B 37 25.97 2.12 -26.22
C ASP B 37 24.86 3.15 -26.33
N GLN B 38 24.63 3.85 -25.22
CA GLN B 38 23.60 4.87 -25.11
C GLN B 38 23.64 5.85 -26.28
N LEU B 39 24.78 6.49 -26.51
CA LEU B 39 24.91 7.47 -27.58
C LEU B 39 24.54 6.88 -28.95
N SER B 40 25.16 5.74 -29.27
CA SER B 40 24.92 5.03 -30.52
C SER B 40 23.43 4.71 -30.69
N ARG B 41 22.77 4.30 -29.61
CA ARG B 41 21.35 3.99 -29.69
C ARG B 41 20.55 5.27 -29.93
N PHE B 42 20.98 6.36 -29.30
CA PHE B 42 20.29 7.62 -29.45
C PHE B 42 20.44 8.09 -30.90
N GLN B 43 21.65 8.00 -31.42
CA GLN B 43 21.92 8.42 -32.77
C GLN B 43 21.10 7.59 -33.76
N ALA B 44 20.91 6.32 -33.44
CA ALA B 44 20.15 5.42 -34.29
C ALA B 44 18.69 5.84 -34.39
N THR B 45 18.22 6.65 -33.46
CA THR B 45 16.83 7.10 -33.49
C THR B 45 16.67 8.40 -34.29
N ARG B 46 17.79 8.97 -34.74
CA ARG B 46 17.72 10.20 -35.51
C ARG B 46 16.81 10.04 -36.72
N PRO B 47 17.00 8.97 -37.50
CA PRO B 47 16.17 8.70 -38.69
C PRO B 47 14.72 8.48 -38.31
N PHE B 48 14.36 8.68 -37.04
CA PHE B 48 12.99 8.52 -36.56
C PHE B 48 12.47 9.85 -36.04
N TYR B 49 13.39 10.66 -35.52
CA TYR B 49 13.04 11.98 -35.03
C TYR B 49 12.70 12.81 -36.28
N ARG B 50 13.45 12.58 -37.36
CA ARG B 50 13.23 13.29 -38.62
C ARG B 50 11.77 13.13 -39.06
N GLU B 51 11.27 11.91 -38.94
CA GLU B 51 9.88 11.62 -39.29
C GLU B 51 8.92 12.38 -38.42
N ALA B 52 9.24 12.46 -37.13
CA ALA B 52 8.40 13.18 -36.18
C ALA B 52 8.27 14.64 -36.61
N VAL B 53 9.41 15.19 -37.06
CA VAL B 53 9.45 16.58 -37.53
C VAL B 53 8.56 16.72 -38.75
N ARG B 54 8.75 15.83 -39.72
CA ARG B 54 7.95 15.87 -40.94
C ARG B 54 6.45 15.74 -40.60
N HIS B 55 6.13 14.96 -39.57
CA HIS B 55 4.74 14.81 -39.17
C HIS B 55 4.24 16.00 -38.39
N GLY B 56 5.12 16.96 -38.15
CA GLY B 56 4.75 18.17 -37.43
C GLY B 56 4.66 18.00 -35.93
N LEU B 57 5.36 17.02 -35.38
CA LEU B 57 5.33 16.77 -33.94
C LEU B 57 6.17 17.79 -33.17
N ILE B 58 7.26 18.25 -33.78
CA ILE B 58 8.10 19.25 -33.14
C ILE B 58 7.42 20.63 -33.25
N LYS B 59 6.78 20.89 -34.39
CA LYS B 59 6.07 22.14 -34.59
C LYS B 59 4.90 22.26 -33.63
N ALA B 60 4.32 21.11 -33.29
CA ALA B 60 3.17 21.09 -32.38
C ALA B 60 3.58 21.43 -30.94
N GLN B 61 4.88 21.52 -30.69
CA GLN B 61 5.39 21.86 -29.36
C GLN B 61 5.48 23.38 -29.18
N VAL B 62 5.09 24.13 -30.21
CA VAL B 62 5.13 25.60 -30.17
C VAL B 62 3.73 26.17 -30.37
N PRO B 63 3.32 27.09 -29.50
CA PRO B 63 1.99 27.68 -29.64
C PRO B 63 1.80 28.39 -30.98
N ILE B 64 0.57 28.42 -31.47
CA ILE B 64 0.25 29.06 -32.73
C ILE B 64 0.73 30.52 -32.79
N PRO B 65 0.41 31.31 -31.76
CA PRO B 65 0.84 32.72 -31.73
C PRO B 65 2.33 32.93 -31.99
N LEU B 66 3.13 31.89 -31.82
CA LEU B 66 4.57 32.02 -32.05
C LEU B 66 5.01 31.30 -33.33
N GLY B 67 4.05 30.90 -34.15
CA GLY B 67 4.37 30.21 -35.39
C GLY B 67 4.31 28.70 -35.33
N GLY B 68 3.85 28.17 -34.21
CA GLY B 68 3.77 26.73 -34.06
C GLY B 68 2.40 26.19 -34.43
N THR B 69 2.14 24.94 -34.10
CA THR B 69 0.86 24.32 -34.42
C THR B 69 0.20 23.69 -33.20
N GLU B 71 -2.21 22.91 -30.41
CA GLU B 71 -3.63 23.14 -30.23
C GLU B 71 -3.97 23.36 -28.76
N SER B 72 -3.40 22.53 -27.89
CA SER B 72 -3.63 22.66 -26.45
C SER B 72 -2.82 21.60 -25.73
N LEU B 73 -2.71 21.73 -24.41
CA LEU B 73 -1.96 20.75 -23.63
C LEU B 73 -2.71 19.41 -23.57
N VAL B 74 -4.04 19.46 -23.67
CA VAL B 74 -4.83 18.24 -23.67
C VAL B 74 -4.49 17.43 -24.92
N HIS B 75 -4.34 18.11 -26.06
CA HIS B 75 -3.98 17.43 -27.31
C HIS B 75 -2.61 16.79 -27.11
N GLU B 76 -1.70 17.54 -26.50
CA GLU B 76 -0.34 17.06 -26.25
C GLU B 76 -0.39 15.82 -25.34
N SER B 77 -1.22 15.89 -24.31
CA SER B 77 -1.42 14.82 -23.35
C SER B 77 -1.91 13.56 -24.07
N ILE B 78 -2.91 13.75 -24.93
CA ILE B 78 -3.47 12.65 -25.70
C ILE B 78 -2.43 12.06 -26.63
N ILE B 79 -1.63 12.92 -27.24
CA ILE B 79 -0.60 12.48 -28.17
C ILE B 79 0.54 11.73 -27.49
N LEU B 80 0.97 12.22 -26.33
CA LEU B 80 2.06 11.56 -25.62
C LEU B 80 1.65 10.18 -25.11
N GLU B 81 0.41 10.03 -24.65
CA GLU B 81 -0.06 8.75 -24.17
C GLU B 81 0.04 7.69 -25.26
N GLU B 82 -0.43 8.02 -26.46
CA GLU B 82 -0.39 7.09 -27.59
C GLU B 82 1.03 6.77 -28.00
N LEU B 83 1.88 7.78 -28.00
CA LEU B 83 3.27 7.58 -28.37
C LEU B 83 4.04 6.70 -27.39
N PHE B 84 3.86 6.95 -26.09
CA PHE B 84 4.58 6.16 -25.10
C PHE B 84 4.03 4.75 -24.91
N ALA B 85 2.75 4.56 -25.27
CA ALA B 85 2.12 3.26 -25.16
C ALA B 85 2.76 2.30 -26.16
N VAL B 86 3.47 2.87 -27.13
CA VAL B 86 4.11 2.06 -28.18
C VAL B 86 5.63 2.03 -28.09
N GLU B 87 6.26 3.20 -28.06
CA GLU B 87 7.72 3.27 -28.00
C GLU B 87 8.20 4.59 -27.42
N PRO B 88 8.95 4.53 -26.32
CA PRO B 88 9.49 5.71 -25.65
C PRO B 88 10.57 6.39 -26.50
N ALA B 89 11.28 5.59 -27.29
CA ALA B 89 12.33 6.12 -28.16
C ALA B 89 11.75 7.22 -29.07
N THR B 90 12.52 8.29 -29.28
CA THR B 90 12.09 9.43 -30.09
C THR B 90 10.99 10.22 -29.40
N SER B 91 10.00 9.52 -28.85
CA SER B 91 8.91 10.19 -28.15
C SER B 91 9.50 11.01 -27.00
N ILE B 92 10.49 10.42 -26.31
CA ILE B 92 11.12 11.10 -25.20
C ILE B 92 11.93 12.29 -25.73
N THR B 93 12.51 12.12 -26.91
CA THR B 93 13.30 13.18 -27.53
C THR B 93 12.40 14.36 -27.87
N ILE B 94 11.18 14.06 -28.29
CA ILE B 94 10.23 15.11 -28.64
C ILE B 94 9.85 15.87 -27.36
N VAL B 95 9.65 15.14 -26.27
CA VAL B 95 9.32 15.72 -24.98
C VAL B 95 10.49 16.59 -24.49
N ALA B 96 11.71 16.07 -24.65
CA ALA B 96 12.92 16.77 -24.26
C ALA B 96 13.02 18.13 -24.96
N THR B 97 12.79 18.13 -26.28
CA THR B 97 12.84 19.35 -27.08
C THR B 97 11.77 20.33 -26.63
N ALA B 98 10.58 19.81 -26.37
CA ALA B 98 9.50 20.66 -25.92
C ALA B 98 9.86 21.37 -24.62
N LEU B 99 10.56 20.66 -23.73
CA LEU B 99 10.96 21.25 -22.45
C LEU B 99 11.99 22.37 -22.68
N GLY B 100 12.99 22.08 -23.50
CA GLY B 100 14.03 23.06 -23.80
C GLY B 100 13.51 24.30 -24.52
N LEU B 101 12.34 24.20 -25.11
CA LEU B 101 11.74 25.29 -25.83
C LEU B 101 10.85 26.15 -24.95
N PRO B 103 11.14 27.61 -22.02
CA PRO B 103 11.67 28.84 -21.42
C PRO B 103 11.51 29.99 -22.41
N VAL B 104 11.97 29.79 -23.66
CA VAL B 104 11.87 30.79 -24.72
C VAL B 104 10.39 31.07 -25.04
N ILE B 105 9.58 30.02 -25.11
CA ILE B 105 8.16 30.16 -25.39
C ILE B 105 7.46 31.00 -24.33
N LEU B 106 7.93 30.92 -23.09
CA LEU B 106 7.33 31.66 -22.00
C LEU B 106 7.94 33.04 -21.77
N CYS B 107 9.14 33.29 -22.28
CA CYS B 107 9.76 34.60 -22.06
C CYS B 107 8.94 35.72 -22.69
N ASP B 108 9.23 36.95 -22.31
CA ASP B 108 8.51 38.10 -22.85
C ASP B 108 9.28 38.84 -23.94
N SER B 109 10.22 38.15 -24.59
CA SER B 109 11.02 38.75 -25.64
C SER B 109 10.64 38.22 -27.01
N PRO B 110 9.74 38.93 -27.70
CA PRO B 110 9.29 38.52 -29.03
C PRO B 110 10.45 38.30 -29.99
N SER B 111 11.41 39.20 -29.96
CA SER B 111 12.56 39.10 -30.83
C SER B 111 13.35 37.82 -30.56
N LEU B 112 13.51 37.51 -29.28
CA LEU B 112 14.23 36.32 -28.86
C LEU B 112 13.52 35.08 -29.36
N GLN B 113 12.21 35.03 -29.12
CA GLN B 113 11.38 33.90 -29.53
C GLN B 113 11.52 33.69 -31.03
N GLU B 114 11.25 34.77 -31.76
CA GLU B 114 11.30 34.78 -33.22
C GLU B 114 12.63 34.23 -33.72
N LYS B 115 13.72 34.63 -33.07
CA LYS B 115 15.04 34.20 -33.47
C LYS B 115 15.41 32.74 -33.17
N PHE B 116 15.14 32.31 -31.95
CA PHE B 116 15.50 30.96 -31.54
C PHE B 116 14.50 29.84 -31.80
N LEU B 117 13.24 30.19 -31.97
CA LEU B 117 12.19 29.19 -32.23
C LEU B 117 12.05 28.88 -33.73
N LYS B 118 12.67 29.71 -34.56
CA LYS B 118 12.58 29.56 -36.00
C LYS B 118 12.85 28.15 -36.53
N PRO B 119 14.02 27.58 -36.19
CA PRO B 119 14.37 26.24 -36.65
C PRO B 119 13.47 25.11 -36.16
N PHE B 120 12.61 25.41 -35.19
CA PHE B 120 11.71 24.40 -34.61
C PHE B 120 10.30 24.44 -35.19
N ILE B 121 9.97 25.54 -35.87
CA ILE B 121 8.65 25.68 -36.47
C ILE B 121 8.74 25.55 -37.99
N SER B 122 9.93 25.26 -38.50
CA SER B 122 10.15 25.14 -39.94
C SER B 122 9.75 23.77 -40.47
N GLY B 123 9.78 22.77 -39.60
CA GLY B 123 9.42 21.43 -40.01
C GLY B 123 10.49 20.83 -40.90
N GLU B 124 11.71 21.33 -40.77
CA GLU B 124 12.82 20.85 -41.58
C GLU B 124 13.92 20.24 -40.70
N GLY B 125 14.64 19.26 -41.25
CA GLY B 125 15.70 18.62 -40.52
C GLY B 125 15.26 18.06 -39.17
N GLU B 126 16.19 17.93 -38.23
CA GLU B 126 15.85 17.43 -36.91
C GLU B 126 16.45 18.28 -35.81
N PRO B 127 15.88 19.46 -35.56
CA PRO B 127 16.35 20.39 -34.52
C PRO B 127 16.12 19.83 -33.11
N LEU B 128 17.15 19.89 -32.28
CA LEU B 128 17.07 19.38 -30.91
C LEU B 128 17.16 20.50 -29.88
N ALA B 129 16.29 20.46 -28.88
CA ALA B 129 16.28 21.47 -27.81
C ALA B 129 16.51 20.75 -26.48
N SER B 130 17.10 21.48 -25.53
CA SER B 130 17.40 20.91 -24.22
C SER B 130 17.47 21.94 -23.10
N LEU B 131 16.72 21.71 -22.03
CA LEU B 131 16.75 22.61 -20.89
C LEU B 131 17.79 22.02 -19.94
N HIS B 133 19.50 21.85 -16.80
CA HIS B 133 19.39 22.31 -15.42
C HIS B 133 20.08 21.35 -14.45
N SER B 134 19.75 20.05 -14.55
CA SER B 134 20.32 19.02 -13.68
C SER B 134 21.83 19.00 -13.64
N GLU B 135 22.39 18.69 -12.49
CA GLU B 135 23.84 18.66 -12.31
C GLU B 135 24.33 17.42 -11.56
N PRO B 136 25.64 17.15 -11.60
CA PRO B 136 26.25 16.00 -10.93
C PRO B 136 25.98 15.92 -9.43
N ASN B 137 25.94 17.06 -8.76
CA ASN B 137 25.72 17.07 -7.32
C ASN B 137 24.26 17.09 -6.94
N GLY B 138 23.37 17.03 -7.93
CA GLY B 138 21.95 17.08 -7.62
C GLY B 138 21.44 18.49 -7.82
N THR B 139 20.12 18.66 -7.73
CA THR B 139 19.51 19.97 -7.90
C THR B 139 18.28 20.14 -7.05
N ALA B 140 17.92 19.13 -6.26
CA ALA B 140 16.73 19.23 -5.41
C ALA B 140 16.79 20.43 -4.46
N ASN B 141 18.00 20.85 -4.12
CA ASN B 141 18.16 21.97 -3.20
C ASN B 141 18.76 23.23 -3.85
N TRP B 142 18.67 23.31 -5.17
CA TRP B 142 19.25 24.43 -5.90
C TRP B 142 18.77 25.79 -5.44
N LEU B 143 17.57 25.84 -4.85
CA LEU B 143 17.02 27.10 -4.39
C LEU B 143 17.09 27.24 -2.87
N GLN B 144 17.79 26.32 -2.23
CA GLN B 144 17.93 26.34 -0.78
C GLN B 144 18.83 27.47 -0.31
N LYS B 145 18.26 28.42 0.44
CA LYS B 145 19.06 29.53 0.95
C LYS B 145 20.09 29.00 1.95
N GLY B 146 21.34 29.41 1.76
CA GLY B 146 22.40 28.94 2.64
C GLY B 146 23.08 27.72 2.03
N GLY B 147 22.49 27.16 0.98
CA GLY B 147 23.09 26.00 0.34
C GLY B 147 24.10 26.41 -0.70
N PRO B 148 24.84 25.45 -1.29
CA PRO B 148 25.84 25.76 -2.32
C PRO B 148 25.24 26.19 -3.65
N GLY B 149 23.96 25.89 -3.85
CA GLY B 149 23.28 26.22 -5.09
C GLY B 149 23.87 25.52 -6.31
N LEU B 150 23.38 25.91 -7.49
CA LEU B 150 23.88 25.35 -8.75
C LEU B 150 25.37 25.50 -8.83
N GLN B 151 26.06 24.47 -9.31
CA GLN B 151 27.51 24.49 -9.47
C GLN B 151 27.90 24.99 -10.87
N THR B 152 26.89 25.27 -11.68
CA THR B 152 27.11 25.81 -13.02
C THR B 152 26.80 27.28 -12.82
N THR B 153 27.81 28.13 -12.98
CA THR B 153 27.62 29.55 -12.76
C THR B 153 27.92 30.41 -13.98
N ALA B 154 27.28 31.57 -14.03
CA ALA B 154 27.47 32.52 -15.12
C ALA B 154 28.04 33.83 -14.57
N ARG B 155 29.06 34.34 -15.24
CA ARG B 155 29.71 35.57 -14.83
C ARG B 155 29.67 36.61 -15.97
N LYS B 156 29.14 37.79 -15.67
CA LYS B 156 29.06 38.85 -16.67
C LYS B 156 30.44 39.48 -16.87
N VAL B 157 31.03 39.28 -18.05
CA VAL B 157 32.34 39.85 -18.37
C VAL B 157 32.24 40.76 -19.59
N GLY B 158 32.17 42.07 -19.34
CA GLY B 158 32.06 43.03 -20.42
C GLY B 158 30.69 42.95 -21.05
N ASN B 159 30.65 42.47 -22.30
CA ASN B 159 29.39 42.34 -23.02
C ASN B 159 29.01 40.88 -23.25
N GLU B 160 29.76 39.99 -22.60
CA GLU B 160 29.51 38.56 -22.70
C GLU B 160 29.29 37.94 -21.32
N TRP B 161 28.84 36.69 -21.31
CA TRP B 161 28.65 35.97 -20.07
C TRP B 161 29.58 34.76 -20.14
N VAL B 162 30.24 34.46 -19.02
CA VAL B 162 31.14 33.31 -18.98
C VAL B 162 30.55 32.22 -18.09
N ILE B 163 30.34 31.04 -18.67
CA ILE B 163 29.74 29.94 -17.93
C ILE B 163 30.80 28.98 -17.43
N SER B 164 30.68 28.58 -16.17
CA SER B 164 31.60 27.62 -15.59
C SER B 164 30.80 26.60 -14.78
N GLY B 165 31.18 25.34 -14.88
CA GLY B 165 30.47 24.31 -14.16
C GLY B 165 30.12 23.11 -15.02
N GLU B 166 29.44 22.14 -14.40
CA GLU B 166 29.06 20.92 -15.08
C GLU B 166 27.56 20.63 -15.01
N LYS B 167 27.05 20.05 -16.08
CA LYS B 167 25.64 19.68 -16.13
C LYS B 167 25.59 18.16 -16.32
N LEU B 168 24.52 17.54 -15.83
CA LEU B 168 24.35 16.10 -15.94
C LEU B 168 22.87 15.81 -16.03
N TRP B 169 22.51 14.92 -16.96
CA TRP B 169 21.12 14.50 -17.23
C TRP B 169 20.31 15.25 -18.31
N PRO B 170 20.58 16.55 -18.56
CA PRO B 170 19.80 17.26 -19.59
C PRO B 170 19.70 16.50 -20.91
N SER B 171 18.47 16.13 -21.25
CA SER B 171 18.20 15.36 -22.46
C SER B 171 18.66 15.98 -23.76
N ASN B 172 19.47 15.21 -24.49
CA ASN B 172 20.02 15.58 -25.80
C ASN B 172 20.64 16.97 -25.82
N SER B 173 21.38 17.31 -24.75
CA SER B 173 21.99 18.61 -24.66
C SER B 173 23.17 18.73 -25.60
N GLY B 174 23.76 17.59 -25.97
CA GLY B 174 24.90 17.61 -26.86
C GLY B 174 24.57 17.38 -28.32
N GLY B 175 23.28 17.41 -28.64
CA GLY B 175 22.87 17.17 -30.01
C GLY B 175 23.17 15.73 -30.39
N TRP B 176 23.15 15.44 -31.69
CA TRP B 176 23.41 14.10 -32.20
C TRP B 176 24.89 13.74 -32.25
N ASP B 177 25.74 14.75 -32.39
CA ASP B 177 27.19 14.53 -32.50
C ASP B 177 28.02 15.20 -31.40
N TYR B 178 27.40 15.45 -30.25
CA TYR B 178 28.08 16.08 -29.14
C TYR B 178 28.64 17.47 -29.49
N LYS B 179 28.12 18.06 -30.55
CA LYS B 179 28.56 19.40 -30.93
C LYS B 179 27.53 20.40 -30.43
N GLY B 180 26.67 19.91 -29.55
CA GLY B 180 25.65 20.74 -28.95
C GLY B 180 24.27 20.64 -29.56
N ALA B 181 23.26 20.84 -28.74
CA ALA B 181 21.89 20.82 -29.22
C ALA B 181 21.69 22.07 -30.05
N ASP B 182 20.66 22.05 -30.90
CA ASP B 182 20.36 23.20 -31.75
C ASP B 182 20.02 24.40 -30.89
N LEU B 183 19.49 24.12 -29.70
CA LEU B 183 19.13 25.16 -28.75
C LEU B 183 19.17 24.60 -27.33
N ALA B 184 19.92 25.25 -26.45
CA ALA B 184 20.01 24.81 -25.06
C ALA B 184 19.78 25.99 -24.14
N CYS B 185 18.96 25.78 -23.12
CA CYS B 185 18.71 26.82 -22.11
C CYS B 185 19.49 26.42 -20.85
N VAL B 186 20.72 26.89 -20.75
CA VAL B 186 21.56 26.59 -19.59
C VAL B 186 21.17 27.41 -18.36
N VAL B 187 20.63 26.75 -17.34
CA VAL B 187 20.24 27.44 -16.11
C VAL B 187 21.49 27.59 -15.26
N CYS B 188 21.85 28.83 -14.92
CA CYS B 188 23.05 29.07 -14.13
C CYS B 188 22.80 29.93 -12.91
N ARG B 189 23.77 29.92 -12.02
CA ARG B 189 23.71 30.77 -10.83
C ARG B 189 24.69 31.90 -11.11
N VAL B 190 24.23 33.15 -11.03
CA VAL B 190 25.14 34.28 -11.24
C VAL B 190 26.18 34.33 -10.14
N SER B 191 27.46 34.36 -10.52
CA SER B 191 28.56 34.43 -9.57
C SER B 191 29.78 35.09 -10.21
N ASP B 192 30.20 36.23 -9.68
CA ASP B 192 31.35 36.94 -10.22
C ASP B 192 32.62 36.15 -10.04
N ASP B 193 32.63 35.25 -9.06
CA ASP B 193 33.80 34.44 -8.80
C ASP B 193 33.37 33.03 -8.39
N PRO B 194 33.44 32.08 -9.35
CA PRO B 194 33.06 30.67 -9.16
C PRO B 194 33.76 29.98 -8.00
N SER B 195 35.02 30.33 -7.74
CA SER B 195 35.79 29.72 -6.67
C SER B 195 35.26 30.08 -5.28
N LYS B 196 34.32 31.02 -5.23
CA LYS B 196 33.75 31.46 -3.96
C LYS B 196 32.38 30.84 -3.79
N PRO B 197 32.02 30.45 -2.56
CA PRO B 197 30.70 29.86 -2.29
C PRO B 197 29.58 30.87 -2.42
N GLN B 198 28.37 30.38 -2.64
CA GLN B 198 27.22 31.25 -2.77
C GLN B 198 27.00 31.99 -1.45
N ASP B 199 26.54 33.25 -1.55
CA ASP B 199 26.29 34.07 -0.38
C ASP B 199 25.03 33.61 0.36
N PRO B 200 25.19 33.09 1.57
CA PRO B 200 24.09 32.59 2.39
C PRO B 200 23.08 33.65 2.85
N ASN B 201 23.37 34.91 2.53
CA ASN B 201 22.47 36.01 2.91
C ASN B 201 21.60 36.48 1.76
N VAL B 202 21.82 35.93 0.57
CA VAL B 202 21.01 36.31 -0.59
C VAL B 202 20.22 35.14 -1.13
N ASP B 203 18.91 35.36 -1.30
CA ASP B 203 18.01 34.34 -1.81
C ASP B 203 18.50 33.82 -3.15
N PRO B 204 18.77 32.50 -3.24
CA PRO B 204 19.25 31.85 -4.47
C PRO B 204 18.43 32.18 -5.72
N ALA B 205 17.11 32.28 -5.55
CA ALA B 205 16.19 32.58 -6.64
C ALA B 205 16.46 33.94 -7.31
N THR B 206 17.14 34.84 -6.60
CA THR B 206 17.46 36.16 -7.16
C THR B 206 18.77 36.14 -7.95
N GLN B 207 19.45 35.00 -7.99
CA GLN B 207 20.72 34.90 -8.72
C GLN B 207 20.68 33.92 -9.90
N ILE B 208 19.47 33.55 -10.30
CA ILE B 208 19.30 32.60 -11.39
C ILE B 208 19.26 33.29 -12.75
N ALA B 209 20.03 32.75 -13.68
CA ALA B 209 20.07 33.29 -15.02
C ALA B 209 20.01 32.15 -16.02
N VAL B 210 19.28 32.37 -17.11
CA VAL B 210 19.19 31.35 -18.16
C VAL B 210 19.85 31.85 -19.43
N LEU B 211 20.93 31.18 -19.84
CA LEU B 211 21.67 31.53 -21.04
C LEU B 211 21.37 30.58 -22.19
N LEU B 212 21.03 31.15 -23.36
CA LEU B 212 20.75 30.35 -24.53
C LEU B 212 22.06 30.01 -25.22
N VAL B 213 22.26 28.72 -25.49
CA VAL B 213 23.47 28.26 -26.13
C VAL B 213 23.10 27.45 -27.36
N THR B 214 23.77 27.74 -28.49
CA THR B 214 23.50 27.06 -29.73
C THR B 214 24.77 26.41 -30.24
N ARG B 215 24.66 25.66 -31.34
CA ARG B 215 25.85 25.01 -31.89
C ARG B 215 26.84 26.08 -32.34
N GLU B 216 26.32 27.27 -32.62
CA GLU B 216 27.14 28.39 -33.05
C GLU B 216 27.96 28.90 -31.85
N THR B 217 27.27 29.11 -30.72
CA THR B 217 27.92 29.58 -29.51
C THR B 217 29.07 28.66 -29.17
N ILE B 218 28.82 27.36 -29.28
CA ILE B 218 29.84 26.36 -28.98
C ILE B 218 30.97 26.42 -29.98
N ALA B 219 30.63 26.70 -31.23
CA ALA B 219 31.65 26.78 -32.28
C ALA B 219 32.52 28.03 -32.09
N ASN B 220 31.92 29.09 -31.57
CA ASN B 220 32.64 30.34 -31.32
C ASN B 220 33.54 30.26 -30.08
N ASN B 221 33.49 29.16 -29.36
CA ASN B 221 34.30 29.01 -28.16
C ASN B 221 35.44 28.04 -28.41
N LYS B 222 36.40 28.00 -27.50
CA LYS B 222 37.53 27.08 -27.64
C LYS B 222 37.02 25.64 -27.58
N LYS B 223 37.75 24.73 -28.22
CA LYS B 223 37.36 23.32 -28.25
C LYS B 223 37.06 22.75 -26.87
N ASP B 224 37.98 22.93 -25.93
CA ASP B 224 37.79 22.40 -24.58
C ASP B 224 37.03 23.28 -23.61
N ALA B 225 36.29 24.25 -24.13
CA ALA B 225 35.49 25.13 -23.28
C ALA B 225 34.14 24.45 -23.08
N TYR B 226 33.86 23.49 -23.96
CA TYR B 226 32.61 22.74 -23.94
C TYR B 226 32.99 21.30 -24.25
N GLN B 227 32.89 20.44 -23.25
CA GLN B 227 33.24 19.06 -23.48
C GLN B 227 32.33 18.07 -22.78
N ILE B 228 32.06 16.96 -23.46
CA ILE B 228 31.20 15.90 -22.94
C ILE B 228 32.11 14.92 -22.21
N LEU B 229 31.90 14.78 -20.90
CA LEU B 229 32.71 13.89 -20.09
C LEU B 229 32.19 12.46 -20.09
N GLY B 230 30.88 12.30 -20.26
CA GLY B 230 30.30 10.97 -20.26
C GLY B 230 28.84 10.89 -20.63
N GLU B 231 28.41 9.70 -21.00
CA GLU B 231 27.02 9.44 -21.38
C GLU B 231 26.51 8.30 -20.50
N PRO B 232 25.77 8.62 -19.44
CA PRO B 232 25.22 7.62 -18.53
C PRO B 232 24.42 6.48 -19.19
N GLU B 233 24.69 5.25 -18.79
CA GLU B 233 23.96 4.10 -19.29
C GLU B 233 22.75 3.92 -18.37
N LEU B 234 21.55 4.15 -18.90
CA LEU B 234 20.33 4.06 -18.11
C LEU B 234 19.70 2.65 -18.05
N ALA B 235 18.89 2.41 -17.02
CA ALA B 235 18.20 1.13 -16.85
C ALA B 235 17.12 0.99 -17.92
N GLY B 236 16.46 2.11 -18.24
CA GLY B 236 15.42 2.14 -19.25
C GLY B 236 15.63 3.36 -20.14
N HIS B 237 14.81 3.52 -21.17
CA HIS B 237 14.95 4.66 -22.09
C HIS B 237 16.40 4.67 -22.52
N ILE B 238 16.85 3.51 -23.00
CA ILE B 238 18.22 3.32 -23.42
C ILE B 238 18.63 4.06 -24.70
N THR B 239 17.71 4.79 -25.33
CA THR B 239 18.02 5.54 -26.55
C THR B 239 18.06 7.05 -26.31
N THR B 240 17.90 7.47 -25.06
CA THR B 240 17.92 8.89 -24.75
C THR B 240 19.34 9.36 -24.46
N SER B 241 19.58 10.66 -24.62
CA SER B 241 20.90 11.23 -24.36
C SER B 241 20.77 12.29 -23.27
N GLY B 242 21.70 12.31 -22.34
CA GLY B 242 21.70 13.28 -21.25
C GLY B 242 23.10 13.22 -20.66
N PRO B 243 24.10 13.58 -21.47
CA PRO B 243 25.51 13.56 -21.08
C PRO B 243 25.96 14.41 -19.90
N HIS B 244 27.20 14.16 -19.49
CA HIS B 244 27.83 14.91 -18.43
C HIS B 244 28.61 15.96 -19.21
N THR B 245 28.21 17.22 -19.10
CA THR B 245 28.91 18.29 -19.83
C THR B 245 29.64 19.25 -18.91
N ARG B 246 30.84 19.64 -19.32
CA ARG B 246 31.65 20.58 -18.54
C ARG B 246 31.90 21.90 -19.28
N PHE B 247 31.46 23.00 -18.68
CA PHE B 247 31.64 24.34 -19.19
C PHE B 247 32.86 24.96 -18.50
N THR B 248 33.86 25.33 -19.30
CA THR B 248 35.07 25.96 -18.78
C THR B 248 35.30 27.27 -19.53
N GLU B 249 35.06 28.39 -18.86
CA GLU B 249 35.24 29.70 -19.46
C GLU B 249 34.49 29.77 -20.79
N PHE B 250 33.24 29.31 -20.77
CA PHE B 250 32.41 29.28 -21.96
C PHE B 250 31.69 30.60 -22.13
N HIS B 251 32.11 31.35 -23.15
CA HIS B 251 31.55 32.67 -23.47
C HIS B 251 30.21 32.60 -24.22
N VAL B 252 29.26 33.37 -23.73
CA VAL B 252 27.95 33.41 -24.32
C VAL B 252 27.52 34.87 -24.50
N PRO B 253 27.14 35.24 -25.74
CA PRO B 253 26.71 36.61 -26.05
C PRO B 253 25.63 37.10 -25.10
N HIS B 254 25.75 38.35 -24.66
CA HIS B 254 24.77 38.93 -23.75
C HIS B 254 23.37 38.90 -24.35
N GLU B 255 23.28 38.93 -25.67
CA GLU B 255 21.98 38.90 -26.33
C GLU B 255 21.31 37.52 -26.17
N ASN B 256 22.11 36.51 -25.83
CA ASN B 256 21.59 35.15 -25.63
C ASN B 256 20.96 35.00 -24.25
N LEU B 257 20.89 36.09 -23.50
CA LEU B 257 20.29 36.06 -22.16
C LEU B 257 18.78 35.97 -22.34
N LEU B 258 18.18 34.89 -21.84
CA LEU B 258 16.75 34.70 -21.98
C LEU B 258 15.96 35.86 -21.38
N CYS B 259 16.37 36.29 -20.18
CA CYS B 259 15.70 37.41 -19.54
C CYS B 259 16.57 37.97 -18.43
N THR B 260 16.02 38.90 -17.67
CA THR B 260 16.76 39.53 -16.58
C THR B 260 17.00 38.53 -15.46
N PRO B 261 18.27 38.28 -15.11
CA PRO B 261 18.61 37.34 -14.04
C PRO B 261 17.82 37.62 -12.76
N GLY B 262 17.46 36.56 -12.05
CA GLY B 262 16.72 36.74 -10.81
C GLY B 262 15.40 35.99 -10.80
N LEU B 263 14.48 36.48 -9.97
CA LEU B 263 13.17 35.87 -9.83
C LEU B 263 12.46 35.61 -11.14
N LYS B 264 12.68 36.47 -12.13
CA LYS B 264 12.01 36.31 -13.40
C LYS B 264 12.53 35.08 -14.13
N ALA B 265 13.85 34.90 -14.11
CA ALA B 265 14.47 33.75 -14.75
C ALA B 265 14.08 32.48 -14.00
N GLN B 266 14.15 32.52 -12.68
CA GLN B 266 13.77 31.36 -11.88
C GLN B 266 12.30 31.03 -12.14
N GLY B 267 11.50 32.08 -12.36
CA GLY B 267 10.09 31.90 -12.63
C GLY B 267 9.85 31.13 -13.91
N LEU B 268 10.66 31.40 -14.93
CA LEU B 268 10.52 30.71 -16.19
C LEU B 268 10.86 29.23 -16.07
N VAL B 269 11.92 28.94 -15.33
CA VAL B 269 12.35 27.56 -15.14
C VAL B 269 11.28 26.79 -14.40
N GLU B 270 10.72 27.39 -13.35
CA GLU B 270 9.69 26.75 -12.56
C GLU B 270 8.44 26.45 -13.37
N THR B 271 7.97 27.43 -14.14
CA THR B 271 6.78 27.24 -14.95
C THR B 271 7.02 26.15 -15.99
N ALA B 272 8.20 26.16 -16.60
CA ALA B 272 8.53 25.16 -17.61
C ALA B 272 8.45 23.77 -16.99
N PHE B 273 9.17 23.55 -15.89
CA PHE B 273 9.17 22.27 -15.23
C PHE B 273 7.80 21.92 -14.65
N ALA B 274 6.99 22.93 -14.37
CA ALA B 274 5.66 22.71 -13.82
C ALA B 274 4.72 22.20 -14.92
N SER B 276 5.87 20.49 -17.69
CA SER B 276 6.33 19.16 -18.05
C SER B 276 5.88 18.17 -16.96
N ALA B 277 5.91 18.61 -15.71
CA ALA B 277 5.50 17.76 -14.60
C ALA B 277 4.09 17.22 -14.83
N ALA B 278 3.23 18.05 -15.42
CA ALA B 278 1.86 17.63 -15.69
C ALA B 278 1.79 16.67 -16.88
N LEU B 279 2.68 16.87 -17.85
CA LEU B 279 2.73 16.05 -19.05
C LEU B 279 3.39 14.69 -18.85
N VAL B 280 4.32 14.60 -17.90
CA VAL B 280 5.00 13.32 -17.68
C VAL B 280 3.93 12.31 -17.30
N GLY B 281 2.82 12.79 -16.75
CA GLY B 281 1.73 11.90 -16.38
C GLY B 281 1.23 11.15 -17.60
N ALA B 282 1.23 11.82 -18.76
CA ALA B 282 0.77 11.22 -20.01
C ALA B 282 1.77 10.14 -20.42
N ALA B 284 3.70 8.43 -18.30
CA ALA B 284 3.55 7.34 -17.33
C ALA B 284 2.33 6.49 -17.71
N ILE B 285 1.22 7.15 -18.00
CA ILE B 285 0.00 6.46 -18.41
C ILE B 285 0.24 5.59 -19.65
N GLY B 286 1.00 6.13 -20.60
CA GLY B 286 1.29 5.39 -21.82
C GLY B 286 2.06 4.10 -21.56
N THR B 287 3.08 4.18 -20.73
CA THR B 287 3.89 3.00 -20.43
C THR B 287 3.07 1.99 -19.62
N ALA B 288 2.33 2.49 -18.64
CA ALA B 288 1.52 1.62 -17.80
C ALA B 288 0.37 0.99 -18.62
N ARG B 289 -0.20 1.77 -19.54
CA ARG B 289 -1.30 1.28 -20.36
C ARG B 289 -0.83 0.11 -21.20
N ALA B 290 0.37 0.23 -21.76
CA ALA B 290 0.92 -0.85 -22.56
C ALA B 290 1.07 -2.13 -21.73
N ALA B 291 1.39 -1.99 -20.44
CA ALA B 291 1.56 -3.17 -19.59
C ALA B 291 0.18 -3.74 -19.28
N PHE B 292 -0.75 -2.88 -18.91
CA PHE B 292 -2.08 -3.32 -18.59
C PHE B 292 -2.77 -4.03 -19.76
N GLU B 293 -2.66 -3.46 -20.95
CA GLU B 293 -3.29 -4.04 -22.13
C GLU B 293 -2.69 -5.37 -22.50
N GLU B 294 -1.37 -5.49 -22.38
CA GLU B 294 -0.73 -6.75 -22.70
C GLU B 294 -1.10 -7.84 -21.67
N ALA B 295 -1.36 -7.43 -20.42
CA ALA B 295 -1.75 -8.37 -19.37
C ALA B 295 -3.23 -8.71 -19.55
N LEU B 296 -4.02 -7.71 -19.93
CA LEU B 296 -5.44 -7.91 -20.16
C LEU B 296 -5.67 -8.91 -21.29
N VAL B 297 -5.02 -8.68 -22.43
CA VAL B 297 -5.15 -9.56 -23.58
C VAL B 297 -4.70 -10.97 -23.22
N PHE B 298 -3.57 -11.07 -22.54
CA PHE B 298 -3.06 -12.36 -22.13
C PHE B 298 -4.04 -13.08 -21.19
N ALA B 299 -4.58 -12.36 -20.22
CA ALA B 299 -5.51 -12.92 -19.24
C ALA B 299 -6.84 -13.34 -19.83
N LYS B 300 -7.23 -12.69 -20.91
CA LYS B 300 -8.50 -13.01 -21.58
C LYS B 300 -8.35 -14.12 -22.62
N SER B 301 -7.14 -14.59 -22.85
CA SER B 301 -6.93 -15.62 -23.85
C SER B 301 -6.08 -16.78 -23.37
N ASP B 302 -5.56 -16.71 -22.15
CA ASP B 302 -4.71 -17.79 -21.66
C ASP B 302 -5.30 -18.41 -20.40
N THR B 303 -5.25 -19.74 -20.32
CA THR B 303 -5.80 -20.47 -19.18
C THR B 303 -4.68 -20.94 -18.26
N ARG B 304 -3.45 -20.90 -18.76
CA ARG B 304 -2.28 -21.34 -17.99
C ARG B 304 -2.46 -22.78 -17.52
N GLY B 305 -2.78 -23.67 -18.46
CA GLY B 305 -2.97 -25.08 -18.14
C GLY B 305 -4.22 -25.34 -17.33
N GLY B 306 -5.05 -24.31 -17.16
CA GLY B 306 -6.28 -24.49 -16.40
C GLY B 306 -7.47 -24.78 -17.28
N SER B 307 -8.66 -24.69 -16.69
CA SER B 307 -9.89 -24.95 -17.43
C SER B 307 -10.59 -23.65 -17.83
N LYS B 308 -9.98 -22.51 -17.55
CA LYS B 308 -10.61 -21.24 -17.91
C LYS B 308 -9.60 -20.11 -17.99
N HIS B 309 -9.96 -19.04 -18.69
CA HIS B 309 -9.08 -17.87 -18.85
C HIS B 309 -8.77 -17.32 -17.47
N ILE B 310 -7.50 -17.12 -17.18
CA ILE B 310 -7.10 -16.66 -15.87
C ILE B 310 -7.79 -15.40 -15.40
N ILE B 311 -8.40 -14.66 -16.32
CA ILE B 311 -9.10 -13.46 -15.93
C ILE B 311 -10.32 -13.83 -15.09
N GLU B 312 -10.71 -15.11 -15.14
CA GLU B 312 -11.84 -15.59 -14.36
C GLU B 312 -11.47 -15.78 -12.89
N HIS B 313 -10.17 -15.84 -12.61
CA HIS B 313 -9.70 -15.99 -11.23
C HIS B 313 -9.78 -14.62 -10.57
N GLN B 314 -10.45 -14.54 -9.43
CA GLN B 314 -10.62 -13.28 -8.71
C GLN B 314 -9.31 -12.55 -8.42
N SER B 315 -8.25 -13.28 -8.09
CA SER B 315 -6.98 -12.64 -7.80
C SER B 315 -6.39 -11.93 -9.01
N VAL B 316 -6.52 -12.54 -10.18
CA VAL B 316 -6.00 -11.96 -11.41
C VAL B 316 -6.83 -10.74 -11.74
N ALA B 317 -8.15 -10.88 -11.63
CA ALA B 317 -9.05 -9.78 -11.93
C ALA B 317 -8.79 -8.58 -11.03
N ASP B 318 -8.49 -8.83 -9.76
CA ASP B 318 -8.23 -7.76 -8.79
C ASP B 318 -7.02 -6.93 -9.24
N LYS B 319 -5.98 -7.62 -9.71
CA LYS B 319 -4.78 -6.95 -10.20
C LYS B 319 -5.13 -6.08 -11.41
N LEU B 320 -5.85 -6.65 -12.38
CA LEU B 320 -6.24 -5.92 -13.57
C LEU B 320 -7.14 -4.76 -13.22
N ILE B 321 -8.04 -4.96 -12.27
CA ILE B 321 -8.94 -3.91 -11.84
C ILE B 321 -8.16 -2.73 -11.23
N ASP B 322 -7.14 -3.04 -10.44
CA ASP B 322 -6.34 -2.00 -9.82
C ASP B 322 -5.54 -1.22 -10.89
N CYS B 323 -5.02 -1.92 -11.90
CA CYS B 323 -4.28 -1.23 -12.95
C CYS B 323 -5.21 -0.29 -13.73
N LYS B 324 -6.40 -0.79 -14.04
CA LYS B 324 -7.38 0.01 -14.78
C LYS B 324 -7.74 1.27 -14.00
N ILE B 325 -7.97 1.13 -12.70
CA ILE B 325 -8.32 2.29 -11.87
C ILE B 325 -7.18 3.32 -11.82
N ARG B 326 -5.96 2.84 -11.64
CA ARG B 326 -4.81 3.72 -11.60
C ARG B 326 -4.70 4.51 -12.91
N LEU B 327 -4.86 3.81 -14.03
CA LEU B 327 -4.77 4.43 -15.34
C LEU B 327 -5.89 5.42 -15.55
N GLU B 328 -7.08 5.04 -15.12
CA GLU B 328 -8.25 5.89 -15.27
C GLU B 328 -8.11 7.19 -14.48
N THR B 329 -7.77 7.06 -13.19
CA THR B 329 -7.60 8.23 -12.33
C THR B 329 -6.43 9.10 -12.78
N SER B 330 -5.38 8.47 -13.31
CA SER B 330 -4.23 9.21 -13.79
C SER B 330 -4.55 10.12 -14.97
N ARG B 331 -5.26 9.58 -15.97
CA ARG B 331 -5.58 10.37 -17.16
C ARG B 331 -6.44 11.56 -16.77
N LEU B 332 -7.43 11.33 -15.93
CA LEU B 332 -8.30 12.39 -15.48
C LEU B 332 -7.51 13.49 -14.76
N LEU B 333 -6.51 13.08 -13.97
CA LEU B 333 -5.70 14.04 -13.23
C LEU B 333 -4.87 14.86 -14.19
N VAL B 334 -4.27 14.21 -15.18
CA VAL B 334 -3.46 14.90 -16.17
C VAL B 334 -4.29 15.93 -16.94
N TRP B 335 -5.45 15.51 -17.40
CA TRP B 335 -6.31 16.40 -18.14
C TRP B 335 -6.71 17.59 -17.28
N LYS B 336 -7.02 17.32 -16.01
CA LYS B 336 -7.42 18.38 -15.08
C LYS B 336 -6.24 19.34 -14.87
N ALA B 337 -5.04 18.78 -14.78
CA ALA B 337 -3.83 19.57 -14.57
C ALA B 337 -3.52 20.47 -15.75
N VAL B 338 -3.42 19.89 -16.94
CA VAL B 338 -3.13 20.68 -18.14
C VAL B 338 -4.21 21.72 -18.36
N THR B 339 -5.45 21.37 -18.01
CA THR B 339 -6.56 22.30 -18.16
C THR B 339 -6.41 23.44 -17.14
N THR B 340 -6.00 23.10 -15.94
CA THR B 340 -5.81 24.09 -14.87
C THR B 340 -4.68 25.04 -15.24
N LEU B 341 -3.60 24.50 -15.78
CA LEU B 341 -2.46 25.30 -16.18
C LEU B 341 -2.81 26.33 -17.26
N GLU B 342 -3.83 26.03 -18.03
CA GLU B 342 -4.28 26.91 -19.11
C GLU B 342 -5.38 27.87 -18.67
N ASP B 343 -5.76 27.82 -17.40
CA ASP B 343 -6.80 28.70 -16.89
C ASP B 343 -6.20 30.02 -16.44
N GLU B 344 -6.34 31.06 -17.25
CA GLU B 344 -5.79 32.38 -16.95
C GLU B 344 -6.47 33.08 -15.76
N ALA B 345 -7.54 32.50 -15.25
CA ALA B 345 -8.24 33.10 -14.12
C ALA B 345 -7.80 32.47 -12.80
N LEU B 346 -6.71 31.70 -12.83
CA LEU B 346 -6.20 31.05 -11.61
C LEU B 346 -4.77 31.47 -11.25
N GLU B 347 -4.55 31.69 -9.95
CA GLU B 347 -3.25 32.07 -9.44
C GLU B 347 -2.25 30.97 -9.76
N TRP B 348 -0.98 31.34 -9.90
CA TRP B 348 0.04 30.35 -10.20
C TRP B 348 0.14 29.25 -9.13
N LYS B 349 -0.03 29.63 -7.85
CA LYS B 349 0.06 28.69 -6.74
C LYS B 349 -0.88 27.50 -6.92
N VAL B 350 -2.11 27.79 -7.32
CA VAL B 350 -3.12 26.77 -7.55
C VAL B 350 -2.75 25.87 -8.73
N LYS B 351 -2.16 26.47 -9.76
CA LYS B 351 -1.77 25.70 -10.94
C LYS B 351 -0.58 24.80 -10.64
N LEU B 352 0.37 25.33 -9.89
CA LEU B 352 1.56 24.57 -9.54
C LEU B 352 1.21 23.38 -8.68
N GLU B 353 0.33 23.60 -7.71
CA GLU B 353 -0.09 22.55 -6.80
C GLU B 353 -0.70 21.37 -7.58
N ALA B 355 -0.25 20.68 -10.73
CA ALA B 355 0.78 20.03 -11.53
C ALA B 355 1.64 19.07 -10.70
N GLN B 357 0.70 17.45 -7.82
CA GLN B 357 -0.13 16.30 -7.46
C GLN B 357 -0.14 15.30 -8.61
N THR B 358 -0.27 15.81 -9.83
CA THR B 358 -0.33 14.99 -11.03
C THR B 358 0.94 14.21 -11.23
N LYS B 359 2.07 14.89 -11.19
CA LYS B 359 3.36 14.24 -11.39
C LYS B 359 3.64 13.18 -10.32
N ILE B 360 3.31 13.50 -9.08
CA ILE B 360 3.54 12.58 -7.97
C ILE B 360 2.66 11.33 -8.07
N TYR B 361 1.35 11.53 -8.25
CA TYR B 361 0.40 10.43 -8.35
C TYR B 361 0.63 9.51 -9.56
N THR B 362 0.60 10.10 -10.76
CA THR B 362 0.76 9.33 -11.99
C THR B 362 2.03 8.51 -12.07
N THR B 363 3.17 9.10 -11.74
CA THR B 363 4.43 8.38 -11.82
C THR B 363 4.56 7.28 -10.76
N ASP B 364 4.00 7.51 -9.57
CA ASP B 364 4.06 6.50 -8.53
C ASP B 364 3.14 5.32 -8.85
N VAL B 365 1.88 5.63 -9.14
CA VAL B 365 0.90 4.61 -9.44
C VAL B 365 1.25 3.82 -10.73
N ALA B 366 1.96 4.44 -11.66
CA ALA B 366 2.35 3.80 -12.91
C ALA B 366 3.28 2.62 -12.66
N VAL B 367 4.21 2.79 -11.72
CA VAL B 367 5.14 1.71 -11.40
C VAL B 367 4.36 0.51 -10.87
N GLU B 368 3.38 0.76 -10.00
CA GLU B 368 2.58 -0.32 -9.42
C GLU B 368 1.75 -1.02 -10.47
N CYS B 369 1.30 -0.25 -11.44
CA CYS B 369 0.47 -0.76 -12.52
C CYS B 369 1.26 -1.79 -13.34
N VAL B 370 2.52 -1.48 -13.64
CA VAL B 370 3.36 -2.40 -14.41
C VAL B 370 3.69 -3.67 -13.64
N ILE B 371 4.04 -3.52 -12.37
CA ILE B 371 4.37 -4.64 -11.49
C ILE B 371 3.13 -5.55 -11.30
N ASP B 372 1.97 -4.95 -11.06
CA ASP B 372 0.77 -5.73 -10.90
C ASP B 372 0.42 -6.48 -12.21
N ALA B 373 0.69 -5.85 -13.35
CA ALA B 373 0.41 -6.47 -14.63
C ALA B 373 1.29 -7.69 -14.78
N LYS B 375 2.61 -9.53 -12.34
CA LYS B 375 2.25 -10.55 -11.37
C LYS B 375 1.04 -11.32 -11.90
N ALA B 376 0.11 -10.60 -12.51
CA ALA B 376 -1.09 -11.18 -13.08
C ALA B 376 -0.71 -12.14 -14.21
N VAL B 377 0.22 -11.73 -15.07
CA VAL B 377 0.66 -12.55 -16.19
C VAL B 377 1.49 -13.74 -15.69
N GLY B 378 2.30 -13.49 -14.68
CA GLY B 378 3.11 -14.56 -14.12
C GLY B 378 4.50 -14.66 -14.70
N LYS B 380 5.84 -15.77 -17.35
CA LYS B 380 6.01 -15.37 -18.74
C LYS B 380 6.37 -13.88 -18.94
N SER B 381 5.88 -13.03 -18.04
CA SER B 381 6.13 -11.60 -18.16
C SER B 381 7.60 -11.25 -17.90
N TYR B 382 8.38 -12.23 -17.48
CA TYR B 382 9.77 -11.98 -17.17
C TYR B 382 10.72 -12.26 -18.31
N ALA B 383 10.21 -12.82 -19.40
CA ALA B 383 11.05 -13.11 -20.56
C ALA B 383 10.94 -11.97 -21.56
N LYS B 384 12.03 -11.69 -22.25
CA LYS B 384 12.07 -10.60 -23.22
C LYS B 384 11.25 -10.85 -24.48
N ASP B 385 10.56 -11.99 -24.55
CA ASP B 385 9.71 -12.29 -25.68
C ASP B 385 8.41 -11.48 -25.43
N SER B 387 6.86 -7.69 -23.63
CA SER B 387 7.40 -6.35 -23.43
C SER B 387 7.50 -5.83 -22.00
N PHE B 388 7.11 -6.64 -21.02
CA PHE B 388 7.16 -6.21 -19.63
C PHE B 388 8.56 -5.83 -19.13
N PRO B 389 9.57 -6.63 -19.44
CA PRO B 389 10.91 -6.32 -18.99
C PRO B 389 11.33 -4.88 -19.36
N ARG B 390 10.90 -4.45 -20.54
CA ARG B 390 11.25 -3.11 -21.01
C ARG B 390 10.38 -2.05 -20.32
N LEU B 391 9.08 -2.36 -20.17
CA LEU B 391 8.17 -1.43 -19.54
C LEU B 391 8.52 -1.15 -18.09
N LEU B 392 9.04 -2.17 -17.42
CA LEU B 392 9.43 -2.05 -16.01
C LEU B 392 10.57 -1.05 -15.84
N ASN B 393 11.63 -1.22 -16.62
CA ASN B 393 12.77 -0.34 -16.53
C ASN B 393 12.43 1.08 -16.96
N GLU B 394 11.51 1.23 -17.90
CA GLU B 394 11.16 2.56 -18.37
C GLU B 394 10.21 3.25 -17.42
N VAL B 395 9.28 2.50 -16.85
CA VAL B 395 8.33 3.13 -15.95
C VAL B 395 9.01 3.64 -14.69
N CYS B 397 11.56 5.15 -14.39
CA CYS B 397 12.21 6.44 -14.62
C CYS B 397 11.34 7.61 -14.21
N TYR B 398 10.04 7.50 -14.48
CA TYR B 398 9.10 8.58 -14.23
C TYR B 398 9.02 9.13 -12.81
N PRO B 399 9.16 8.26 -11.80
CA PRO B 399 9.09 8.76 -10.42
C PRO B 399 10.35 9.54 -10.07
N LEU B 400 11.44 9.18 -10.74
CA LEU B 400 12.74 9.80 -10.49
C LEU B 400 13.07 11.05 -11.33
N PHE B 401 12.72 11.03 -12.62
CA PHE B 401 13.07 12.14 -13.50
C PHE B 401 12.08 13.32 -13.51
N ASP B 402 12.45 14.36 -14.25
CA ASP B 402 11.63 15.57 -14.37
C ASP B 402 11.26 16.10 -12.98
N GLY B 403 12.23 16.10 -12.06
CA GLY B 403 11.99 16.53 -10.71
C GLY B 403 11.49 15.34 -9.91
N GLY B 404 12.37 14.71 -9.13
CA GLY B 404 11.99 13.56 -8.34
C GLY B 404 10.85 13.87 -7.39
N ASN B 405 9.97 12.90 -7.17
CA ASN B 405 8.83 13.09 -6.29
C ASN B 405 9.23 13.39 -4.83
N ILE B 406 10.20 12.63 -4.32
CA ILE B 406 10.61 12.77 -2.93
C ILE B 406 11.34 14.07 -2.59
N GLY B 407 12.36 14.39 -3.39
CA GLY B 407 13.15 15.58 -3.14
C GLY B 407 12.64 16.90 -3.67
N LEU B 408 12.02 16.89 -4.86
CA LEU B 408 11.55 18.13 -5.47
C LEU B 408 10.05 18.37 -5.50
N ARG B 409 9.31 17.52 -6.22
CA ARG B 409 7.88 17.73 -6.35
C ARG B 409 7.07 17.83 -5.07
N ARG B 410 7.24 16.87 -4.17
CA ARG B 410 6.51 16.87 -2.89
C ARG B 410 6.90 18.10 -2.09
N ARG B 411 8.15 18.51 -2.22
CA ARG B 411 8.61 19.69 -1.50
C ARG B 411 7.97 20.96 -2.05
N GLN B 412 7.87 21.07 -3.37
CA GLN B 412 7.26 22.25 -3.95
C GLN B 412 5.80 22.32 -3.53
N GLN B 414 4.52 20.90 -0.70
CA GLN B 414 4.49 21.17 0.73
C GLN B 414 4.57 22.68 0.98
N ARG B 415 5.46 23.34 0.23
CA ARG B 415 5.66 24.78 0.37
C ARG B 415 4.36 25.52 0.11
N VAL B 416 3.70 25.18 -1.01
CA VAL B 416 2.45 25.81 -1.39
C VAL B 416 1.36 25.64 -0.33
N ALA B 418 1.85 25.07 2.82
CA ALA B 418 2.26 25.77 4.04
C ALA B 418 1.82 27.24 4.03
N LEU B 419 1.65 27.82 2.84
CA LEU B 419 1.24 29.22 2.73
C LEU B 419 -0.04 29.50 3.49
N GLU B 420 -0.12 30.70 4.07
CA GLU B 420 -1.28 31.10 4.85
C GLU B 420 -2.55 31.28 4.02
N ASP B 421 -2.38 31.66 2.76
CA ASP B 421 -3.52 31.87 1.88
C ASP B 421 -3.77 30.68 0.94
N TYR B 422 -3.27 29.51 1.33
CA TYR B 422 -3.44 28.29 0.54
C TYR B 422 -4.92 27.95 0.32
N GLU B 423 -5.32 27.83 -0.95
CA GLU B 423 -6.71 27.48 -1.30
C GLU B 423 -6.72 26.07 -1.88
N PRO B 424 -7.03 25.06 -1.06
CA PRO B 424 -7.08 23.65 -1.46
C PRO B 424 -7.85 23.35 -2.74
N TRP B 425 -9.12 23.73 -2.76
CA TRP B 425 -9.97 23.44 -3.90
C TRP B 425 -10.20 24.61 -4.84
N ALA B 426 -9.18 25.44 -5.02
CA ALA B 426 -9.34 26.60 -5.89
C ALA B 426 -9.47 26.21 -7.35
N ALA B 427 -8.75 25.18 -7.76
CA ALA B 427 -8.76 24.72 -9.14
C ALA B 427 -10.06 24.02 -9.54
N THR B 428 -10.95 23.81 -8.58
CA THR B 428 -12.20 23.12 -8.86
C THR B 428 -13.43 23.96 -8.56
N TYR B 429 -13.45 24.57 -7.38
CA TYR B 429 -14.59 25.39 -6.99
C TYR B 429 -14.23 26.87 -7.01
N GLY B 430 -13.12 27.21 -7.65
CA GLY B 430 -12.69 28.60 -7.70
C GLY B 430 -12.37 29.16 -6.33
N SER B 431 -12.21 30.47 -6.25
CA SER B 431 -11.90 31.14 -4.98
C SER B 431 -13.17 31.59 -4.26
N VAL C 2 18.99 -21.21 16.37
CA VAL C 2 17.84 -20.41 16.91
C VAL C 2 16.62 -21.32 17.05
N ASP C 3 15.72 -20.98 17.96
CA ASP C 3 14.51 -21.78 18.16
C ASP C 3 13.35 -20.90 18.55
N PHE C 4 12.15 -21.43 18.40
CA PHE C 4 10.96 -20.68 18.73
C PHE C 4 10.07 -21.53 19.62
N LYS C 5 10.64 -22.60 20.17
CA LYS C 5 9.88 -23.49 21.03
C LYS C 5 9.70 -22.88 22.40
N LEU C 6 8.44 -22.61 22.74
CA LEU C 6 8.13 -22.02 24.04
C LEU C 6 8.45 -22.97 25.17
N SER C 7 8.95 -22.43 26.28
CA SER C 7 9.28 -23.23 27.44
C SER C 7 7.99 -23.52 28.20
N PRO C 8 8.05 -24.49 29.14
CA PRO C 8 6.87 -24.84 29.94
C PRO C 8 6.26 -23.61 30.63
N SER C 9 7.12 -22.76 31.20
CA SER C 9 6.63 -21.56 31.88
C SER C 9 5.96 -20.59 30.91
N GLN C 10 6.48 -20.50 29.69
CA GLN C 10 5.86 -19.62 28.70
C GLN C 10 4.51 -20.18 28.29
N LEU C 11 4.44 -21.48 28.11
CA LEU C 11 3.17 -22.10 27.76
C LEU C 11 2.18 -21.91 28.91
N GLU C 12 2.68 -21.95 30.14
CA GLU C 12 1.81 -21.76 31.31
C GLU C 12 1.31 -20.32 31.38
N ALA C 13 2.21 -19.38 31.09
CA ALA C 13 1.85 -17.95 31.12
C ALA C 13 0.70 -17.70 30.16
N ARG C 14 0.77 -18.33 28.98
CA ARG C 14 -0.29 -18.20 27.99
C ARG C 14 -1.59 -18.80 28.50
N ARG C 15 -1.48 -20.00 29.05
CA ARG C 15 -2.64 -20.73 29.57
C ARG C 15 -3.30 -19.91 30.66
N HIS C 16 -2.46 -19.43 31.58
CA HIS C 16 -2.95 -18.63 32.70
C HIS C 16 -3.58 -17.35 32.18
N ALA C 17 -2.91 -16.72 31.23
CA ALA C 17 -3.43 -15.48 30.67
C ALA C 17 -4.75 -15.70 29.97
N GLN C 18 -4.85 -16.79 29.21
CA GLN C 18 -6.10 -17.06 28.50
C GLN C 18 -7.26 -17.31 29.47
N ALA C 19 -6.99 -18.08 30.52
CA ALA C 19 -8.05 -18.38 31.47
C ALA C 19 -8.53 -17.10 32.18
N PHE C 20 -7.60 -16.21 32.48
CA PHE C 20 -7.95 -14.96 33.14
C PHE C 20 -9.04 -14.18 32.43
N ALA C 21 -8.70 -13.59 31.29
CA ALA C 21 -9.66 -12.77 30.54
C ALA C 21 -10.88 -13.55 30.09
N ASN C 22 -10.70 -14.86 29.90
CA ASN C 22 -11.82 -15.69 29.47
C ASN C 22 -12.85 -15.82 30.57
N THR C 23 -12.40 -15.90 31.82
CA THR C 23 -13.33 -16.02 32.95
C THR C 23 -13.55 -14.71 33.68
N VAL C 24 -12.63 -13.77 33.51
CA VAL C 24 -12.72 -12.47 34.16
C VAL C 24 -13.03 -11.32 33.22
N LEU C 25 -12.09 -11.01 32.34
CA LEU C 25 -12.27 -9.90 31.41
C LEU C 25 -13.53 -9.99 30.56
N THR C 26 -13.95 -11.22 30.27
CA THR C 26 -15.16 -11.42 29.46
C THR C 26 -16.38 -10.80 30.16
N LYS C 27 -16.33 -10.70 31.49
CA LYS C 27 -17.45 -10.13 32.24
C LYS C 27 -17.33 -8.62 32.40
N ALA C 28 -16.24 -8.06 31.90
CA ALA C 28 -15.99 -6.62 32.02
C ALA C 28 -17.00 -5.75 31.29
N SER C 29 -17.25 -6.06 30.03
CA SER C 29 -18.17 -5.28 29.23
C SER C 29 -19.54 -5.07 29.87
N ALA C 30 -20.09 -6.14 30.45
CA ALA C 30 -21.39 -6.07 31.10
C ALA C 30 -21.45 -4.96 32.15
N GLU C 31 -20.30 -4.61 32.73
CA GLU C 31 -20.25 -3.57 33.74
C GLU C 31 -20.04 -2.14 33.22
N TYR C 32 -18.99 -1.93 32.45
CA TYR C 32 -18.71 -0.58 31.97
C TYR C 32 -19.60 -0.11 30.84
N SER C 33 -20.18 -1.04 30.10
CA SER C 33 -21.04 -0.69 28.98
C SER C 33 -22.23 0.13 29.46
N THR C 34 -22.55 0.04 30.74
CA THR C 34 -23.67 0.77 31.32
C THR C 34 -23.27 2.13 31.91
N GLN C 35 -22.02 2.52 31.73
CA GLN C 35 -21.55 3.81 32.26
C GLN C 35 -21.67 4.90 31.21
N LYS C 36 -21.97 6.11 31.67
CA LYS C 36 -22.17 7.24 30.77
C LYS C 36 -20.92 8.03 30.37
N ASP C 37 -19.81 7.85 31.08
CA ASP C 37 -18.61 8.59 30.74
C ASP C 37 -17.30 7.82 30.94
N GLN C 38 -16.25 8.36 30.33
CA GLN C 38 -14.92 7.78 30.38
C GLN C 38 -14.52 7.36 31.80
N LEU C 39 -14.55 8.31 32.73
CA LEU C 39 -14.17 8.02 34.11
C LEU C 39 -15.02 6.91 34.74
N SER C 40 -16.35 7.02 34.59
CA SER C 40 -17.28 6.02 35.12
C SER C 40 -16.97 4.65 34.56
N ARG C 41 -16.63 4.59 33.28
CA ARG C 41 -16.31 3.31 32.66
C ARG C 41 -15.05 2.76 33.30
N PHE C 42 -14.05 3.62 33.48
CA PHE C 42 -12.78 3.23 34.07
C PHE C 42 -12.99 2.65 35.46
N GLN C 43 -13.71 3.39 36.31
CA GLN C 43 -13.96 2.94 37.67
C GLN C 43 -14.68 1.62 37.68
N ALA C 44 -15.55 1.41 36.70
CA ALA C 44 -16.32 0.18 36.62
C ALA C 44 -15.42 -1.03 36.38
N THR C 45 -14.17 -0.79 35.98
CA THR C 45 -13.24 -1.89 35.72
C THR C 45 -12.37 -2.22 36.93
N ARG C 46 -12.51 -1.45 38.00
CA ARG C 46 -11.71 -1.67 39.22
C ARG C 46 -11.81 -3.11 39.73
N PRO C 47 -13.02 -3.67 39.80
CA PRO C 47 -13.19 -5.04 40.28
C PRO C 47 -12.37 -6.02 39.45
N PHE C 48 -12.30 -5.76 38.14
CA PHE C 48 -11.54 -6.62 37.21
C PHE C 48 -10.04 -6.40 37.36
N TYR C 49 -9.64 -5.19 37.72
CA TYR C 49 -8.22 -4.92 37.95
C TYR C 49 -7.84 -5.64 39.26
N ARG C 50 -8.74 -5.58 40.25
CA ARG C 50 -8.50 -6.25 41.54
C ARG C 50 -8.21 -7.74 41.30
N GLU C 51 -8.97 -8.33 40.39
CA GLU C 51 -8.78 -9.73 40.03
C GLU C 51 -7.42 -9.91 39.38
N ALA C 52 -7.06 -8.98 38.50
CA ALA C 52 -5.76 -9.04 37.85
C ALA C 52 -4.67 -9.09 38.92
N VAL C 53 -4.81 -8.24 39.91
CA VAL C 53 -3.84 -8.18 41.01
C VAL C 53 -3.83 -9.51 41.73
N ARG C 54 -5.03 -10.01 42.05
CA ARG C 54 -5.18 -11.29 42.75
C ARG C 54 -4.51 -12.42 41.96
N HIS C 55 -4.61 -12.36 40.64
CA HIS C 55 -3.99 -13.38 39.80
C HIS C 55 -2.49 -13.13 39.67
N GLY C 56 -2.01 -12.06 40.28
CA GLY C 56 -0.59 -11.75 40.25
C GLY C 56 -0.07 -11.13 38.96
N LEU C 57 -0.97 -10.57 38.16
CA LEU C 57 -0.56 -9.96 36.90
C LEU C 57 0.16 -8.63 37.11
N ILE C 58 -0.10 -7.96 38.23
CA ILE C 58 0.57 -6.71 38.52
C ILE C 58 1.96 -7.00 39.10
N LYS C 59 2.06 -8.06 39.89
CA LYS C 59 3.34 -8.44 40.49
C LYS C 59 4.26 -9.01 39.41
N ALA C 60 3.65 -9.50 38.33
CA ALA C 60 4.41 -10.04 37.22
C ALA C 60 5.02 -8.90 36.38
N GLN C 61 4.67 -7.66 36.71
CA GLN C 61 5.20 -6.51 35.99
C GLN C 61 6.48 -6.00 36.65
N VAL C 62 6.90 -6.67 37.72
CA VAL C 62 8.11 -6.27 38.45
C VAL C 62 9.12 -7.40 38.46
N PRO C 63 10.41 -7.11 38.20
CA PRO C 63 11.47 -8.12 38.18
C PRO C 63 11.60 -8.89 39.50
N ILE C 64 11.88 -10.18 39.40
CA ILE C 64 12.03 -11.03 40.57
C ILE C 64 13.05 -10.44 41.56
N PRO C 65 14.20 -9.97 41.06
CA PRO C 65 15.22 -9.40 41.94
C PRO C 65 14.67 -8.22 42.76
N LEU C 66 13.53 -7.69 42.36
CA LEU C 66 12.93 -6.57 43.07
C LEU C 66 11.67 -7.00 43.79
N GLY C 67 11.50 -8.31 44.00
CA GLY C 67 10.33 -8.81 44.70
C GLY C 67 9.12 -9.09 43.84
N GLY C 68 9.31 -9.03 42.53
CA GLY C 68 8.20 -9.28 41.63
C GLY C 68 8.23 -10.71 41.12
N THR C 69 7.43 -11.02 40.11
CA THR C 69 7.38 -12.36 39.55
C THR C 69 7.58 -12.40 38.05
N GLU C 71 8.96 -13.03 34.55
CA GLU C 71 9.85 -14.07 34.04
C GLU C 71 10.73 -13.55 32.89
N SER C 72 10.12 -12.81 31.97
CA SER C 72 10.87 -12.21 30.84
C SER C 72 9.90 -11.43 29.98
N LEU C 73 10.45 -10.62 29.09
CA LEU C 73 9.62 -9.80 28.20
C LEU C 73 8.85 -10.68 27.22
N VAL C 74 9.39 -11.86 26.90
CA VAL C 74 8.70 -12.80 26.01
C VAL C 74 7.43 -13.31 26.69
N HIS C 75 7.52 -13.65 27.98
CA HIS C 75 6.34 -14.11 28.71
C HIS C 75 5.30 -12.99 28.71
N GLU C 76 5.77 -11.77 28.96
CA GLU C 76 4.90 -10.61 29.02
C GLU C 76 4.22 -10.36 27.67
N SER C 77 4.95 -10.55 26.58
CA SER C 77 4.39 -10.33 25.25
C SER C 77 3.31 -11.38 24.97
N ILE C 78 3.58 -12.63 25.35
CA ILE C 78 2.61 -13.70 25.19
C ILE C 78 1.36 -13.41 26.01
N ILE C 79 1.54 -13.00 27.25
CA ILE C 79 0.39 -12.68 28.09
C ILE C 79 -0.47 -11.54 27.54
N LEU C 80 0.19 -10.48 27.08
CA LEU C 80 -0.54 -9.33 26.57
C LEU C 80 -1.36 -9.66 25.34
N GLU C 81 -0.78 -10.45 24.44
CA GLU C 81 -1.48 -10.85 23.22
C GLU C 81 -2.80 -11.52 23.58
N GLU C 82 -2.75 -12.46 24.52
CA GLU C 82 -3.95 -13.19 24.93
C GLU C 82 -4.98 -12.25 25.53
N LEU C 83 -4.54 -11.35 26.40
CA LEU C 83 -5.48 -10.42 27.03
C LEU C 83 -6.15 -9.47 26.04
N PHE C 84 -5.34 -8.84 25.18
CA PHE C 84 -5.91 -7.90 24.22
C PHE C 84 -6.74 -8.59 23.14
N ALA C 85 -6.46 -9.86 22.92
CA ALA C 85 -7.22 -10.61 21.95
C ALA C 85 -8.65 -10.80 22.45
N VAL C 86 -8.88 -10.55 23.73
CA VAL C 86 -10.20 -10.70 24.32
C VAL C 86 -10.81 -9.38 24.79
N GLU C 87 -10.09 -8.69 25.66
CA GLU C 87 -10.60 -7.43 26.20
C GLU C 87 -9.47 -6.49 26.61
N PRO C 88 -9.31 -5.36 25.90
CA PRO C 88 -8.26 -4.38 26.21
C PRO C 88 -8.52 -3.69 27.56
N ALA C 89 -9.80 -3.64 27.97
CA ALA C 89 -10.17 -3.04 29.25
C ALA C 89 -9.42 -3.80 30.35
N THR C 90 -8.97 -3.08 31.37
CA THR C 90 -8.20 -3.66 32.48
C THR C 90 -6.83 -4.10 32.00
N SER C 91 -6.76 -4.71 30.81
CA SER C 91 -5.49 -5.15 30.24
C SER C 91 -4.62 -3.93 29.93
N ILE C 92 -5.26 -2.85 29.50
CA ILE C 92 -4.54 -1.62 29.17
C ILE C 92 -4.11 -0.94 30.48
N THR C 93 -4.90 -1.12 31.53
CA THR C 93 -4.59 -0.53 32.83
C THR C 93 -3.34 -1.18 33.40
N ILE C 94 -3.19 -2.47 33.11
CA ILE C 94 -2.04 -3.22 33.56
C ILE C 94 -0.76 -2.74 32.88
N VAL C 95 -0.82 -2.53 31.56
CA VAL C 95 0.35 -2.09 30.82
C VAL C 95 0.69 -0.66 31.22
N ALA C 96 -0.32 0.12 31.52
CA ALA C 96 -0.11 1.50 31.94
C ALA C 96 0.69 1.48 33.25
N THR C 97 0.28 0.63 34.18
CA THR C 97 0.95 0.51 35.46
C THR C 97 2.36 0.04 35.27
N ALA C 98 2.55 -0.91 34.36
CA ALA C 98 3.87 -1.46 34.08
C ALA C 98 4.82 -0.35 33.62
N LEU C 99 4.30 0.56 32.79
CA LEU C 99 5.08 1.67 32.25
C LEU C 99 5.48 2.61 33.40
N GLY C 100 4.49 2.97 34.22
CA GLY C 100 4.70 3.84 35.37
C GLY C 100 5.75 3.30 36.31
N LEU C 101 5.88 1.98 36.36
CA LEU C 101 6.86 1.35 37.24
C LEU C 101 8.26 1.23 36.63
N PRO C 103 10.45 3.24 35.19
CA PRO C 103 11.52 4.17 35.58
C PRO C 103 12.13 3.72 36.94
N VAL C 104 11.28 3.41 37.91
CA VAL C 104 11.77 2.99 39.22
C VAL C 104 12.53 1.68 39.11
N ILE C 105 12.00 0.77 38.30
CA ILE C 105 12.63 -0.53 38.11
C ILE C 105 14.00 -0.38 37.45
N LEU C 106 14.13 0.61 36.58
CA LEU C 106 15.38 0.84 35.87
C LEU C 106 16.39 1.68 36.63
N CYS C 107 15.93 2.47 37.59
CA CYS C 107 16.87 3.31 38.33
C CYS C 107 17.83 2.47 39.16
N ASP C 108 18.90 3.10 39.64
CA ASP C 108 19.88 2.38 40.44
C ASP C 108 19.81 2.76 41.91
N SER C 109 18.60 2.83 42.46
CA SER C 109 18.41 3.19 43.86
C SER C 109 17.54 2.15 44.56
N PRO C 110 18.18 1.13 45.16
CA PRO C 110 17.48 0.04 45.87
C PRO C 110 16.47 0.55 46.88
N SER C 111 16.87 1.54 47.66
CA SER C 111 15.98 2.11 48.67
C SER C 111 14.75 2.75 48.05
N LEU C 112 14.94 3.36 46.90
CA LEU C 112 13.85 4.02 46.22
C LEU C 112 12.90 2.97 45.63
N GLN C 113 13.49 1.91 45.09
CA GLN C 113 12.67 0.86 44.49
C GLN C 113 11.86 0.13 45.53
N GLU C 114 12.54 -0.25 46.61
CA GLU C 114 11.91 -0.99 47.68
C GLU C 114 10.74 -0.23 48.25
N LYS C 115 10.91 1.08 48.41
CA LYS C 115 9.88 1.92 48.97
C LYS C 115 8.66 2.16 48.07
N PHE C 116 8.92 2.44 46.80
CA PHE C 116 7.82 2.73 45.88
C PHE C 116 7.20 1.57 45.13
N LEU C 117 7.90 0.44 45.06
CA LEU C 117 7.38 -0.74 44.38
C LEU C 117 6.63 -1.69 45.32
N LYS C 118 6.79 -1.50 46.63
CA LYS C 118 6.17 -2.37 47.62
C LYS C 118 4.68 -2.66 47.44
N PRO C 119 3.86 -1.62 47.22
CA PRO C 119 2.42 -1.83 47.05
C PRO C 119 2.06 -2.59 45.78
N PHE C 120 3.02 -2.70 44.87
CA PHE C 120 2.80 -3.38 43.60
C PHE C 120 3.20 -4.85 43.65
N ILE C 121 4.05 -5.22 44.61
CA ILE C 121 4.47 -6.60 44.75
C ILE C 121 3.76 -7.29 45.91
N SER C 122 2.89 -6.56 46.60
CA SER C 122 2.16 -7.09 47.75
C SER C 122 1.11 -8.09 47.31
N GLY C 123 0.52 -7.84 46.14
CA GLY C 123 -0.48 -8.74 45.63
C GLY C 123 -1.86 -8.43 46.18
N GLU C 124 -2.05 -7.22 46.70
CA GLU C 124 -3.34 -6.86 47.24
C GLU C 124 -3.77 -5.48 46.80
N GLY C 125 -5.07 -5.20 46.91
CA GLY C 125 -5.62 -3.92 46.52
C GLY C 125 -5.55 -3.69 45.02
N GLU C 126 -5.75 -2.44 44.62
CA GLU C 126 -5.67 -2.08 43.21
C GLU C 126 -4.64 -0.97 42.99
N PRO C 127 -3.35 -1.27 43.25
CA PRO C 127 -2.30 -0.27 43.06
C PRO C 127 -2.16 0.15 41.60
N LEU C 128 -2.28 1.44 41.34
CA LEU C 128 -2.17 1.99 39.98
C LEU C 128 -0.90 2.83 39.82
N ALA C 129 -0.17 2.62 38.72
CA ALA C 129 1.05 3.38 38.43
C ALA C 129 0.87 4.15 37.12
N SER C 130 1.63 5.22 36.93
CA SER C 130 1.51 6.02 35.72
C SER C 130 2.76 6.83 35.41
N LEU C 131 3.16 6.81 34.15
CA LEU C 131 4.32 7.57 33.72
C LEU C 131 3.74 8.82 33.10
N HIS C 133 4.16 11.84 31.21
CA HIS C 133 5.06 12.54 30.31
C HIS C 133 4.32 13.45 29.34
N SER C 134 3.34 12.89 28.63
CA SER C 134 2.56 13.62 27.63
C SER C 134 1.93 14.88 28.16
N GLU C 135 1.84 15.88 27.28
CA GLU C 135 1.29 17.18 27.64
C GLU C 135 0.33 17.70 26.59
N PRO C 136 -0.55 18.63 26.97
CA PRO C 136 -1.53 19.19 26.03
C PRO C 136 -0.95 19.85 24.78
N ASN C 137 0.29 20.33 24.87
CA ASN C 137 0.94 20.98 23.73
C ASN C 137 1.72 19.98 22.89
N GLY C 138 1.75 18.73 23.33
CA GLY C 138 2.48 17.71 22.59
C GLY C 138 3.84 17.45 23.19
N THR C 139 4.49 16.36 22.79
CA THR C 139 5.79 16.00 23.32
C THR C 139 6.73 15.44 22.27
N ALA C 140 6.26 15.33 21.04
CA ALA C 140 7.11 14.81 19.98
C ALA C 140 8.42 15.61 19.87
N ASN C 141 8.38 16.88 20.21
CA ASN C 141 9.59 17.71 20.12
C ASN C 141 10.13 18.11 21.50
N TRP C 142 9.83 17.31 22.53
CA TRP C 142 10.26 17.65 23.88
C TRP C 142 11.77 17.72 24.03
N LEU C 143 12.50 17.08 23.12
CA LEU C 143 13.95 17.11 23.20
C LEU C 143 14.57 17.91 22.05
N GLN C 144 13.77 18.73 21.39
CA GLN C 144 14.30 19.52 20.29
C GLN C 144 15.15 20.68 20.79
N LYS C 145 16.43 20.68 20.42
CA LYS C 145 17.30 21.76 20.83
C LYS C 145 16.74 23.05 20.24
N GLY C 146 16.65 24.09 21.05
CA GLY C 146 16.11 25.34 20.56
C GLY C 146 14.61 25.37 20.67
N GLY C 147 14.00 24.29 21.17
CA GLY C 147 12.56 24.29 21.32
C GLY C 147 12.09 24.72 22.71
N PRO C 148 10.79 24.93 22.90
CA PRO C 148 10.22 25.33 24.20
C PRO C 148 10.46 24.29 25.30
N GLY C 149 10.53 23.02 24.91
CA GLY C 149 10.72 21.96 25.90
C GLY C 149 9.43 21.66 26.64
N LEU C 150 9.45 20.67 27.53
CA LEU C 150 8.25 20.34 28.29
C LEU C 150 7.72 21.59 28.98
N GLN C 151 6.40 21.71 29.05
CA GLN C 151 5.77 22.84 29.70
C GLN C 151 5.48 22.53 31.16
N THR C 152 5.86 21.33 31.60
CA THR C 152 5.70 20.97 32.99
C THR C 152 7.09 21.14 33.58
N THR C 153 7.28 22.19 34.37
CA THR C 153 8.59 22.45 34.93
C THR C 153 8.69 22.23 36.44
N ALA C 154 9.91 22.02 36.91
CA ALA C 154 10.16 21.80 38.32
C ALA C 154 11.36 22.62 38.75
N ARG C 155 11.31 23.15 39.97
CA ARG C 155 12.43 23.92 40.52
C ARG C 155 12.66 23.47 41.97
N LYS C 156 13.93 23.38 42.35
CA LYS C 156 14.26 22.96 43.71
C LYS C 156 14.23 24.16 44.68
N VAL C 157 13.36 24.06 45.68
CA VAL C 157 13.23 25.10 46.69
C VAL C 157 13.47 24.45 48.04
N GLY C 158 14.70 24.49 48.51
CA GLY C 158 15.00 23.86 49.79
C GLY C 158 15.19 22.36 49.66
N ASN C 159 14.54 21.60 50.52
CA ASN C 159 14.67 20.14 50.48
C ASN C 159 13.52 19.52 49.72
N GLU C 160 12.93 20.30 48.82
CA GLU C 160 11.82 19.80 48.02
C GLU C 160 11.76 20.46 46.63
N TRP C 161 10.94 19.90 45.74
CA TRP C 161 10.81 20.44 44.39
C TRP C 161 9.40 20.95 44.20
N VAL C 162 9.27 21.98 43.39
CA VAL C 162 7.95 22.54 43.12
C VAL C 162 7.62 22.33 41.65
N ILE C 163 6.52 21.63 41.39
CA ILE C 163 6.12 21.34 40.01
C ILE C 163 5.06 22.32 39.54
N SER C 164 5.19 22.75 38.29
CA SER C 164 4.22 23.67 37.71
C SER C 164 4.02 23.26 36.26
N GLY C 165 2.76 23.15 35.85
CA GLY C 165 2.50 22.80 34.48
C GLY C 165 1.30 21.87 34.31
N GLU C 166 1.09 21.42 33.08
CA GLU C 166 -0.03 20.54 32.80
C GLU C 166 0.36 19.26 32.05
N LYS C 167 -0.34 18.18 32.37
CA LYS C 167 -0.11 16.91 31.71
C LYS C 167 -1.44 16.46 31.10
N LEU C 168 -1.36 15.69 30.02
CA LEU C 168 -2.54 15.17 29.34
C LEU C 168 -2.21 13.82 28.72
N TRP C 169 -3.13 12.85 28.86
CA TRP C 169 -2.98 11.48 28.34
C TRP C 169 -2.40 10.39 29.26
N PRO C 170 -1.56 10.74 30.25
CA PRO C 170 -1.02 9.70 31.12
C PRO C 170 -2.09 8.81 31.74
N SER C 171 -1.97 7.51 31.48
CA SER C 171 -2.93 6.53 31.96
C SER C 171 -2.96 6.41 33.48
N ASN C 172 -4.17 6.29 34.04
CA ASN C 172 -4.40 6.14 35.47
C ASN C 172 -3.68 7.20 36.32
N SER C 173 -3.25 8.31 35.70
CA SER C 173 -2.53 9.33 36.44
C SER C 173 -3.28 9.80 37.69
N GLY C 174 -4.59 9.96 37.58
CA GLY C 174 -5.36 10.41 38.71
C GLY C 174 -5.91 9.30 39.60
N GLY C 175 -5.49 8.07 39.38
CA GLY C 175 -6.00 6.97 40.18
C GLY C 175 -7.48 6.71 39.94
N TRP C 176 -8.09 5.86 40.76
CA TRP C 176 -9.51 5.52 40.62
C TRP C 176 -10.47 6.65 41.00
N ASP C 177 -10.05 7.50 41.94
CA ASP C 177 -10.91 8.59 42.43
C ASP C 177 -10.38 9.99 42.15
N TYR C 178 -9.46 10.11 41.20
CA TYR C 178 -8.89 11.40 40.84
C TYR C 178 -8.06 12.07 41.94
N LYS C 179 -7.69 11.33 42.97
CA LYS C 179 -6.87 11.95 43.99
C LYS C 179 -5.45 11.36 43.90
N GLY C 180 -5.08 11.00 42.68
CA GLY C 180 -3.75 10.50 42.41
C GLY C 180 -3.56 9.00 42.31
N ALA C 181 -2.64 8.60 41.45
CA ALA C 181 -2.31 7.21 41.26
C ALA C 181 -1.40 6.81 42.41
N ASP C 182 -1.40 5.52 42.75
CA ASP C 182 -0.57 5.03 43.84
C ASP C 182 0.88 5.41 43.61
N LEU C 183 1.26 5.55 42.35
CA LEU C 183 2.62 5.94 42.00
C LEU C 183 2.61 6.58 40.62
N ALA C 184 3.20 7.77 40.51
CA ALA C 184 3.28 8.49 39.25
C ALA C 184 4.68 9.03 39.06
N CYS C 185 5.27 8.79 37.89
CA CYS C 185 6.59 9.31 37.61
C CYS C 185 6.36 10.53 36.73
N VAL C 186 6.44 11.72 37.32
CA VAL C 186 6.23 12.97 36.60
C VAL C 186 7.52 13.43 35.93
N VAL C 187 7.51 13.49 34.59
CA VAL C 187 8.68 13.90 33.82
C VAL C 187 8.59 15.41 33.68
N CYS C 188 9.59 16.14 34.17
CA CYS C 188 9.57 17.60 34.10
C CYS C 188 10.84 18.16 33.52
N ARG C 189 10.78 19.44 33.15
CA ARG C 189 11.96 20.14 32.68
C ARG C 189 12.36 21.06 33.82
N VAL C 190 13.61 20.98 34.28
CA VAL C 190 14.08 21.85 35.35
C VAL C 190 14.12 23.30 34.88
N SER C 191 13.50 24.19 35.65
CA SER C 191 13.49 25.62 35.31
C SER C 191 13.17 26.48 36.52
N ASP C 192 14.13 27.29 36.96
CA ASP C 192 13.93 28.15 38.11
C ASP C 192 12.88 29.22 37.81
N ASP C 193 12.62 29.44 36.53
CA ASP C 193 11.64 30.43 36.12
C ASP C 193 10.98 30.02 34.80
N PRO C 194 9.81 29.38 34.89
CA PRO C 194 9.08 28.92 33.70
C PRO C 194 8.73 30.05 32.74
N SER C 195 8.70 31.27 33.25
CA SER C 195 8.39 32.44 32.45
C SER C 195 9.46 32.69 31.38
N LYS C 196 10.66 32.15 31.60
CA LYS C 196 11.75 32.32 30.66
C LYS C 196 11.96 31.07 29.81
N PRO C 197 12.07 31.26 28.49
CA PRO C 197 12.27 30.16 27.53
C PRO C 197 13.51 29.32 27.80
N GLN C 198 13.47 28.07 27.37
CA GLN C 198 14.60 27.15 27.53
C GLN C 198 15.78 27.70 26.73
N ASP C 199 16.97 27.63 27.29
CA ASP C 199 18.15 28.11 26.61
C ASP C 199 18.38 27.28 25.33
N PRO C 200 18.28 27.92 24.15
CA PRO C 200 18.47 27.25 22.87
C PRO C 200 19.88 26.70 22.63
N ASN C 201 20.80 26.99 23.54
CA ASN C 201 22.18 26.51 23.39
C ASN C 201 22.43 25.26 24.23
N VAL C 202 21.46 24.87 25.06
CA VAL C 202 21.67 23.69 25.88
C VAL C 202 20.99 22.44 25.30
N ASP C 203 21.50 21.29 25.68
CA ASP C 203 20.91 20.04 25.24
C ASP C 203 19.70 19.83 26.12
N PRO C 204 18.49 19.83 25.56
CA PRO C 204 17.24 19.63 26.31
C PRO C 204 17.26 18.42 27.25
N ALA C 205 17.96 17.37 26.84
CA ALA C 205 18.04 16.14 27.64
C ALA C 205 18.70 16.34 29.00
N THR C 206 19.54 17.36 29.10
CA THR C 206 20.24 17.67 30.34
C THR C 206 19.34 18.45 31.29
N GLN C 207 18.13 18.79 30.86
CA GLN C 207 17.21 19.56 31.69
C GLN C 207 16.09 18.70 32.24
N ILE C 208 16.18 17.40 32.04
CA ILE C 208 15.10 16.52 32.48
C ILE C 208 15.18 16.00 33.90
N ALA C 209 14.06 16.05 34.60
CA ALA C 209 13.99 15.51 35.94
C ALA C 209 12.72 14.67 36.11
N VAL C 210 12.83 13.56 36.82
CA VAL C 210 11.64 12.73 37.07
C VAL C 210 11.33 12.75 38.57
N LEU C 211 10.14 13.20 38.93
CA LEU C 211 9.70 13.26 40.32
C LEU C 211 8.59 12.23 40.64
N LEU C 212 8.82 11.37 41.62
CA LEU C 212 7.82 10.38 42.02
C LEU C 212 6.73 11.04 42.85
N VAL C 213 5.48 10.91 42.41
CA VAL C 213 4.36 11.53 43.11
C VAL C 213 3.33 10.46 43.51
N THR C 214 3.11 10.32 44.81
CA THR C 214 2.16 9.33 45.31
C THR C 214 0.92 10.04 45.85
N ARG C 215 -0.09 9.27 46.25
CA ARG C 215 -1.31 9.86 46.78
C ARG C 215 -0.95 10.65 48.04
N GLU C 216 0.02 10.16 48.79
CA GLU C 216 0.47 10.85 49.98
C GLU C 216 1.01 12.23 49.58
N THR C 217 1.84 12.27 48.53
CA THR C 217 2.40 13.54 48.07
C THR C 217 1.31 14.55 47.75
N ILE C 218 0.27 14.07 47.07
CA ILE C 218 -0.84 14.92 46.68
C ILE C 218 -1.64 15.41 47.89
N ALA C 219 -1.82 14.54 48.88
CA ALA C 219 -2.57 14.92 50.08
C ALA C 219 -1.78 15.94 50.94
N ASN C 220 -0.46 15.99 50.77
CA ASN C 220 0.35 16.97 51.51
C ASN C 220 0.42 18.32 50.83
N ASN C 221 -0.38 18.50 49.78
CA ASN C 221 -0.40 19.76 49.03
C ASN C 221 -1.78 20.39 49.11
N LYS C 222 -1.86 21.67 48.80
CA LYS C 222 -3.15 22.37 48.79
C LYS C 222 -3.99 21.66 47.72
N LYS C 223 -5.32 21.74 47.85
CA LYS C 223 -6.19 21.11 46.87
C LYS C 223 -6.06 21.70 45.46
N ASP C 224 -5.86 23.01 45.38
CA ASP C 224 -5.73 23.65 44.08
C ASP C 224 -4.33 23.49 43.49
N ALA C 225 -3.48 22.72 44.17
CA ALA C 225 -2.11 22.50 43.67
C ALA C 225 -2.10 21.32 42.71
N TYR C 226 -3.12 20.48 42.81
CA TYR C 226 -3.23 19.30 41.97
C TYR C 226 -4.68 19.16 41.60
N GLN C 227 -5.01 19.38 40.33
CA GLN C 227 -6.39 19.26 39.92
C GLN C 227 -6.57 18.71 38.51
N ILE C 228 -7.63 17.93 38.33
CA ILE C 228 -7.95 17.34 37.04
C ILE C 228 -8.93 18.26 36.32
N LEU C 229 -8.52 18.82 35.19
CA LEU C 229 -9.37 19.73 34.42
C LEU C 229 -10.34 18.99 33.51
N GLY C 230 -9.97 17.77 33.09
CA GLY C 230 -10.85 17.02 32.21
C GLY C 230 -10.42 15.59 31.96
N GLU C 231 -11.34 14.82 31.38
CA GLU C 231 -11.11 13.41 31.07
C GLU C 231 -11.54 13.17 29.63
N PRO C 232 -10.58 13.14 28.70
CA PRO C 232 -10.84 12.93 27.27
C PRO C 232 -11.69 11.70 26.94
N GLU C 233 -12.69 11.89 26.08
CA GLU C 233 -13.54 10.78 25.63
C GLU C 233 -12.85 10.22 24.39
N LEU C 234 -12.36 8.99 24.50
CA LEU C 234 -11.64 8.37 23.40
C LEU C 234 -12.53 7.57 22.45
N ALA C 235 -12.07 7.39 21.22
CA ALA C 235 -12.82 6.64 20.21
C ALA C 235 -12.84 5.16 20.63
N GLY C 236 -11.69 4.68 21.09
CA GLY C 236 -11.58 3.30 21.54
C GLY C 236 -10.97 3.28 22.93
N HIS C 237 -10.86 2.10 23.55
CA HIS C 237 -10.31 2.02 24.90
C HIS C 237 -11.09 3.02 25.76
N ILE C 238 -12.41 2.95 25.65
CA ILE C 238 -13.32 3.82 26.37
C ILE C 238 -13.32 3.69 27.90
N THR C 239 -12.65 2.67 28.43
CA THR C 239 -12.61 2.48 29.88
C THR C 239 -11.27 2.95 30.48
N THR C 240 -10.38 3.47 29.63
CA THR C 240 -9.10 3.91 30.13
C THR C 240 -9.15 5.35 30.63
N SER C 241 -8.27 5.67 31.57
CA SER C 241 -8.21 7.01 32.11
C SER C 241 -6.86 7.67 31.82
N GLY C 242 -6.90 8.90 31.30
CA GLY C 242 -5.69 9.65 31.00
C GLY C 242 -6.09 11.11 31.06
N PRO C 243 -6.41 11.60 32.27
CA PRO C 243 -6.83 12.97 32.57
C PRO C 243 -5.93 14.12 32.15
N HIS C 244 -6.50 15.31 32.19
CA HIS C 244 -5.77 16.53 31.89
C HIS C 244 -5.47 17.07 33.30
N THR C 245 -4.22 16.94 33.75
CA THR C 245 -3.85 17.38 35.08
C THR C 245 -3.02 18.66 35.13
N ARG C 246 -3.35 19.53 36.07
CA ARG C 246 -2.62 20.78 36.23
C ARG C 246 -1.95 20.85 37.59
N PHE C 247 -0.63 21.05 37.58
CA PHE C 247 0.16 21.19 38.79
C PHE C 247 0.39 22.68 39.00
N THR C 248 0.01 23.20 40.18
CA THR C 248 0.20 24.61 40.53
C THR C 248 0.94 24.66 41.87
N GLU C 249 2.23 24.98 41.81
CA GLU C 249 3.07 25.05 42.99
C GLU C 249 2.94 23.75 43.78
N PHE C 250 3.05 22.62 43.08
CA PHE C 250 2.92 21.33 43.72
C PHE C 250 4.25 20.89 44.30
N HIS C 251 4.30 20.81 45.63
CA HIS C 251 5.54 20.45 46.33
C HIS C 251 5.78 18.94 46.39
N VAL C 252 7.01 18.55 46.10
CA VAL C 252 7.42 17.17 46.12
C VAL C 252 8.74 17.06 46.88
N PRO C 253 8.85 16.08 47.77
CA PRO C 253 10.07 15.88 48.56
C PRO C 253 11.26 15.54 47.69
N HIS C 254 12.43 16.07 48.03
CA HIS C 254 13.65 15.80 47.27
C HIS C 254 13.94 14.30 47.25
N GLU C 255 13.48 13.61 48.30
CA GLU C 255 13.67 12.17 48.41
C GLU C 255 12.87 11.43 47.31
N ASN C 256 11.92 12.13 46.70
CA ASN C 256 11.12 11.52 45.64
C ASN C 256 11.72 11.72 44.24
N LEU C 257 12.95 12.22 44.17
CA LEU C 257 13.60 12.43 42.89
C LEU C 257 14.08 11.07 42.41
N LEU C 258 13.59 10.64 41.26
CA LEU C 258 13.98 9.34 40.70
C LEU C 258 15.50 9.24 40.62
N CYS C 259 16.14 10.31 40.19
CA CYS C 259 17.59 10.32 40.09
C CYS C 259 18.10 11.73 39.85
N THR C 260 19.41 11.88 39.74
CA THR C 260 20.00 13.19 39.50
C THR C 260 19.47 13.72 38.17
N PRO C 261 18.89 14.93 38.18
CA PRO C 261 18.36 15.53 36.95
C PRO C 261 19.42 15.55 35.85
N GLY C 262 18.98 15.44 34.59
CA GLY C 262 19.92 15.43 33.51
C GLY C 262 19.78 14.22 32.60
N LEU C 263 20.90 13.88 31.97
CA LEU C 263 20.90 12.78 31.03
C LEU C 263 20.46 11.46 31.65
N LYS C 264 20.84 11.21 32.89
CA LYS C 264 20.43 9.97 33.54
C LYS C 264 18.89 9.88 33.62
N ALA C 265 18.24 10.97 33.99
CA ALA C 265 16.79 11.02 34.07
C ALA C 265 16.14 10.81 32.70
N GLN C 266 16.63 11.50 31.68
CA GLN C 266 16.09 11.35 30.34
C GLN C 266 16.32 9.93 29.84
N GLY C 267 17.51 9.39 30.12
CA GLY C 267 17.82 8.03 29.71
C GLY C 267 16.84 7.01 30.27
N LEU C 268 16.36 7.23 31.50
CA LEU C 268 15.42 6.32 32.12
C LEU C 268 14.07 6.41 31.43
N VAL C 269 13.67 7.62 31.06
CA VAL C 269 12.41 7.80 30.37
C VAL C 269 12.48 7.15 28.99
N GLU C 270 13.63 7.30 28.33
CA GLU C 270 13.84 6.75 27.00
C GLU C 270 13.86 5.23 27.04
N THR C 271 14.51 4.68 28.05
CA THR C 271 14.58 3.24 28.20
C THR C 271 13.21 2.67 28.45
N ALA C 272 12.45 3.29 29.35
CA ALA C 272 11.10 2.84 29.68
C ALA C 272 10.19 2.86 28.45
N PHE C 273 10.24 3.95 27.70
CA PHE C 273 9.42 4.06 26.49
C PHE C 273 9.90 3.16 25.36
N ALA C 274 11.19 2.80 25.37
CA ALA C 274 11.71 1.91 24.35
C ALA C 274 11.20 0.49 24.58
N SER C 276 8.54 -0.19 26.24
CA SER C 276 7.11 -0.12 26.05
C SER C 276 6.76 -0.25 24.56
N ALA C 277 7.53 0.43 23.72
CA ALA C 277 7.31 0.43 22.28
C ALA C 277 7.35 -0.99 21.74
N ALA C 278 8.26 -1.78 22.30
CA ALA C 278 8.41 -3.17 21.89
C ALA C 278 7.20 -4.00 22.32
N LEU C 279 6.70 -3.77 23.53
CA LEU C 279 5.54 -4.49 24.06
C LEU C 279 4.21 -4.07 23.43
N VAL C 280 4.13 -2.82 22.96
CA VAL C 280 2.92 -2.32 22.32
C VAL C 280 2.55 -3.25 21.17
N GLY C 281 3.57 -3.86 20.55
CA GLY C 281 3.33 -4.78 19.46
C GLY C 281 2.39 -5.90 19.88
N ALA C 282 2.64 -6.49 21.04
CA ALA C 282 1.80 -7.59 21.55
C ALA C 282 0.35 -7.13 21.67
N ALA C 284 -1.12 -4.73 19.79
CA ALA C 284 -1.63 -4.57 18.42
C ALA C 284 -1.96 -5.95 17.87
N ILE C 285 -1.04 -6.89 18.05
CA ILE C 285 -1.26 -8.24 17.57
C ILE C 285 -2.55 -8.81 18.18
N GLY C 286 -2.70 -8.67 19.49
CA GLY C 286 -3.87 -9.17 20.17
C GLY C 286 -5.17 -8.66 19.57
N THR C 287 -5.27 -7.34 19.43
CA THR C 287 -6.47 -6.74 18.86
C THR C 287 -6.68 -7.20 17.42
N ALA C 288 -5.63 -7.15 16.61
CA ALA C 288 -5.71 -7.56 15.22
C ALA C 288 -6.01 -9.04 15.07
N ARG C 289 -5.48 -9.85 15.98
CA ARG C 289 -5.72 -11.29 15.90
C ARG C 289 -7.20 -11.60 16.14
N ALA C 290 -7.81 -10.84 17.04
CA ALA C 290 -9.22 -11.03 17.35
C ALA C 290 -10.06 -10.79 16.11
N ALA C 291 -9.68 -9.78 15.33
CA ALA C 291 -10.42 -9.47 14.12
C ALA C 291 -10.19 -10.58 13.11
N PHE C 292 -8.93 -10.96 12.95
CA PHE C 292 -8.60 -12.02 12.01
C PHE C 292 -9.36 -13.33 12.29
N GLU C 293 -9.29 -13.80 13.53
CA GLU C 293 -9.94 -15.05 13.90
C GLU C 293 -11.44 -14.98 13.73
N GLU C 294 -12.01 -13.82 14.02
CA GLU C 294 -13.45 -13.68 13.86
C GLU C 294 -13.83 -13.67 12.37
N ALA C 295 -12.98 -13.09 11.52
CA ALA C 295 -13.26 -13.06 10.08
C ALA C 295 -13.00 -14.44 9.55
N LEU C 296 -11.97 -15.10 10.08
CA LEU C 296 -11.63 -16.43 9.63
C LEU C 296 -12.79 -17.38 9.92
N VAL C 297 -13.29 -17.33 11.16
CA VAL C 297 -14.39 -18.20 11.56
C VAL C 297 -15.60 -17.95 10.69
N PHE C 298 -15.89 -16.69 10.45
CA PHE C 298 -17.02 -16.30 9.62
C PHE C 298 -16.86 -16.81 8.18
N ALA C 299 -15.69 -16.59 7.59
CA ALA C 299 -15.42 -17.01 6.22
C ALA C 299 -15.45 -18.51 5.99
N LYS C 300 -15.22 -19.28 7.06
CA LYS C 300 -15.22 -20.71 6.90
C LYS C 300 -16.55 -21.34 7.27
N SER C 301 -17.51 -20.54 7.72
CA SER C 301 -18.79 -21.08 8.10
C SER C 301 -19.96 -20.35 7.44
N ASP C 302 -19.65 -19.36 6.61
CA ASP C 302 -20.71 -18.60 5.95
C ASP C 302 -20.51 -18.53 4.44
N THR C 303 -21.60 -18.73 3.70
CA THR C 303 -21.56 -18.72 2.24
C THR C 303 -22.10 -17.37 1.70
N ARG C 304 -22.70 -16.57 2.57
CA ARG C 304 -23.28 -15.29 2.17
C ARG C 304 -24.27 -15.47 1.01
N GLY C 305 -25.14 -16.48 1.13
CA GLY C 305 -26.13 -16.76 0.11
C GLY C 305 -25.55 -17.45 -1.11
N GLY C 306 -24.29 -17.87 -1.03
CA GLY C 306 -23.67 -18.53 -2.15
C GLY C 306 -23.75 -20.04 -2.01
N SER C 307 -23.01 -20.74 -2.85
CA SER C 307 -23.00 -22.19 -2.82
C SER C 307 -21.78 -22.72 -2.07
N LYS C 308 -20.92 -21.81 -1.62
CA LYS C 308 -19.74 -22.23 -0.87
C LYS C 308 -19.30 -21.20 0.15
N HIS C 309 -18.49 -21.63 1.11
CA HIS C 309 -17.99 -20.72 2.14
C HIS C 309 -17.21 -19.63 1.44
N ILE C 310 -17.41 -18.40 1.87
CA ILE C 310 -16.72 -17.29 1.20
C ILE C 310 -15.21 -17.38 1.21
N ILE C 311 -14.65 -18.20 2.11
CA ILE C 311 -13.21 -18.36 2.16
C ILE C 311 -12.70 -19.01 0.86
N GLU C 312 -13.63 -19.60 0.11
CA GLU C 312 -13.33 -20.24 -1.17
C GLU C 312 -13.14 -19.19 -2.26
N HIS C 313 -13.61 -17.96 -2.03
CA HIS C 313 -13.41 -16.89 -3.01
C HIS C 313 -12.02 -16.31 -2.82
N GLN C 314 -11.20 -16.36 -3.88
CA GLN C 314 -9.83 -15.84 -3.80
C GLN C 314 -9.69 -14.45 -3.19
N SER C 315 -10.59 -13.53 -3.53
CA SER C 315 -10.48 -12.19 -2.98
C SER C 315 -10.59 -12.20 -1.46
N VAL C 316 -11.47 -13.05 -0.94
CA VAL C 316 -11.67 -13.17 0.49
C VAL C 316 -10.43 -13.81 1.10
N ALA C 317 -9.97 -14.89 0.49
CA ALA C 317 -8.77 -15.56 0.98
C ALA C 317 -7.56 -14.62 0.98
N ASP C 318 -7.39 -13.83 -0.09
CA ASP C 318 -6.27 -12.89 -0.17
C ASP C 318 -6.25 -11.93 1.05
N LYS C 319 -7.41 -11.39 1.40
CA LYS C 319 -7.50 -10.52 2.56
C LYS C 319 -7.04 -11.27 3.82
N LEU C 320 -7.59 -12.46 4.03
CA LEU C 320 -7.23 -13.25 5.20
C LEU C 320 -5.76 -13.64 5.17
N ILE C 321 -5.24 -13.94 3.99
CA ILE C 321 -3.82 -14.29 3.89
C ILE C 321 -2.96 -13.12 4.31
N ASP C 322 -3.33 -11.92 3.87
CA ASP C 322 -2.61 -10.69 4.21
C ASP C 322 -2.67 -10.46 5.72
N CYS C 323 -3.85 -10.65 6.31
CA CYS C 323 -3.99 -10.51 7.76
C CYS C 323 -3.06 -11.50 8.49
N LYS C 324 -3.09 -12.76 8.08
CA LYS C 324 -2.28 -13.79 8.71
C LYS C 324 -0.80 -13.41 8.68
N ILE C 325 -0.33 -13.00 7.51
CA ILE C 325 1.07 -12.61 7.35
C ILE C 325 1.45 -11.41 8.24
N ARG C 326 0.55 -10.44 8.40
CA ARG C 326 0.85 -9.27 9.21
C ARG C 326 1.02 -9.68 10.67
N LEU C 327 0.14 -10.57 11.13
CA LEU C 327 0.17 -11.04 12.51
C LEU C 327 1.43 -11.85 12.75
N GLU C 328 1.70 -12.78 11.85
CA GLU C 328 2.88 -13.61 11.99
C GLU C 328 4.18 -12.81 12.03
N THR C 329 4.34 -11.90 11.09
CA THR C 329 5.55 -11.07 11.05
C THR C 329 5.59 -10.16 12.28
N SER C 330 4.44 -9.65 12.70
CA SER C 330 4.38 -8.79 13.87
C SER C 330 4.90 -9.50 15.12
N ARG C 331 4.35 -10.68 15.39
CA ARG C 331 4.74 -11.41 16.58
C ARG C 331 6.21 -11.74 16.58
N LEU C 332 6.74 -12.14 15.44
CA LEU C 332 8.16 -12.47 15.36
C LEU C 332 9.03 -11.25 15.66
N LEU C 333 8.60 -10.10 15.15
CA LEU C 333 9.36 -8.87 15.35
C LEU C 333 9.33 -8.51 16.83
N VAL C 334 8.15 -8.61 17.44
CA VAL C 334 8.04 -8.31 18.86
C VAL C 334 8.96 -9.21 19.67
N TRP C 335 8.93 -10.51 19.39
CA TRP C 335 9.77 -11.42 20.14
C TRP C 335 11.24 -11.12 19.94
N LYS C 336 11.61 -10.79 18.71
CA LYS C 336 12.99 -10.45 18.43
C LYS C 336 13.39 -9.18 19.21
N ALA C 337 12.50 -8.20 19.24
CA ALA C 337 12.71 -6.93 19.92
C ALA C 337 12.94 -7.10 21.44
N VAL C 338 12.00 -7.77 22.09
CA VAL C 338 12.10 -8.00 23.53
C VAL C 338 13.35 -8.81 23.88
N THR C 339 13.68 -9.80 23.06
CA THR C 339 14.86 -10.61 23.32
C THR C 339 16.12 -9.78 23.10
N THR C 340 16.07 -8.87 22.12
CA THR C 340 17.19 -7.98 21.83
C THR C 340 17.41 -7.03 23.02
N LEU C 341 16.31 -6.51 23.55
CA LEU C 341 16.36 -5.61 24.70
C LEU C 341 17.00 -6.29 25.93
N GLU C 342 16.90 -7.61 26.00
CA GLU C 342 17.44 -8.33 27.15
C GLU C 342 18.87 -8.82 26.93
N ASP C 343 19.42 -8.57 25.75
CA ASP C 343 20.77 -8.99 25.44
C ASP C 343 21.75 -7.92 25.94
N GLU C 344 22.39 -8.19 27.07
CA GLU C 344 23.32 -7.24 27.67
C GLU C 344 24.51 -6.94 26.80
N ALA C 345 24.90 -7.90 25.97
CA ALA C 345 26.04 -7.73 25.08
C ALA C 345 25.80 -6.76 23.93
N LEU C 346 24.57 -6.27 23.78
CA LEU C 346 24.25 -5.34 22.70
C LEU C 346 24.17 -3.88 23.13
N GLU C 347 24.67 -3.00 22.25
CA GLU C 347 24.67 -1.57 22.49
C GLU C 347 23.24 -1.08 22.52
N TRP C 348 22.98 -0.05 23.33
CA TRP C 348 21.64 0.50 23.44
C TRP C 348 21.06 0.99 22.11
N LYS C 349 21.88 1.65 21.29
CA LYS C 349 21.40 2.15 20.01
C LYS C 349 20.79 1.01 19.18
N VAL C 350 21.40 -0.16 19.25
CA VAL C 350 20.90 -1.34 18.54
C VAL C 350 19.54 -1.77 19.12
N LYS C 351 19.43 -1.77 20.44
CA LYS C 351 18.17 -2.16 21.08
C LYS C 351 17.07 -1.15 20.76
N LEU C 352 17.42 0.13 20.78
CA LEU C 352 16.45 1.19 20.52
C LEU C 352 15.89 1.09 19.08
N GLU C 353 16.77 0.83 18.12
CA GLU C 353 16.33 0.75 16.75
C GLU C 353 15.37 -0.41 16.56
N ALA C 355 13.51 -1.76 18.78
CA ALA C 355 12.24 -1.44 19.44
C ALA C 355 11.40 -0.48 18.63
N GLN C 357 11.45 -0.07 15.29
CA GLN C 357 10.95 -0.78 14.11
C GLN C 357 9.69 -1.55 14.49
N THR C 358 9.76 -2.24 15.62
CA THR C 358 8.65 -3.05 16.12
C THR C 358 7.39 -2.25 16.33
N LYS C 359 7.52 -1.17 17.07
CA LYS C 359 6.37 -0.33 17.33
C LYS C 359 5.78 0.23 16.03
N ILE C 360 6.64 0.73 15.14
CA ILE C 360 6.20 1.29 13.87
C ILE C 360 5.47 0.24 13.01
N TYR C 361 6.13 -0.87 12.74
CA TYR C 361 5.52 -1.92 11.94
C TYR C 361 4.23 -2.50 12.53
N THR C 362 4.34 -3.12 13.70
CA THR C 362 3.19 -3.76 14.37
C THR C 362 1.94 -2.87 14.46
N THR C 363 2.11 -1.61 14.82
CA THR C 363 0.94 -0.75 14.96
C THR C 363 0.31 -0.33 13.63
N ASP C 364 1.16 -0.18 12.61
CA ASP C 364 0.65 0.19 11.30
C ASP C 364 -0.10 -0.98 10.64
N VAL C 365 0.49 -2.16 10.60
CA VAL C 365 -0.19 -3.28 9.96
C VAL C 365 -1.42 -3.75 10.75
N ALA C 366 -1.42 -3.51 12.05
CA ALA C 366 -2.54 -3.95 12.88
C ALA C 366 -3.81 -3.27 12.39
N VAL C 367 -3.69 -2.01 12.01
CA VAL C 367 -4.84 -1.26 11.51
C VAL C 367 -5.30 -1.87 10.19
N GLU C 368 -4.34 -2.15 9.32
CA GLU C 368 -4.65 -2.75 8.03
C GLU C 368 -5.32 -4.11 8.19
N CYS C 369 -4.84 -4.89 9.14
CA CYS C 369 -5.37 -6.21 9.37
C CYS C 369 -6.84 -6.14 9.78
N VAL C 370 -7.18 -5.23 10.68
CA VAL C 370 -8.55 -5.09 11.15
C VAL C 370 -9.50 -4.65 10.03
N ILE C 371 -9.03 -3.73 9.20
CA ILE C 371 -9.82 -3.23 8.08
C ILE C 371 -10.03 -4.32 7.02
N ASP C 372 -8.96 -5.04 6.69
CA ASP C 372 -9.08 -6.10 5.71
C ASP C 372 -10.03 -7.18 6.19
N ALA C 373 -9.98 -7.47 7.50
CA ALA C 373 -10.85 -8.49 8.05
C ALA C 373 -12.28 -8.05 7.88
N LYS C 375 -13.45 -6.02 5.56
CA LYS C 375 -13.83 -6.04 4.15
C LYS C 375 -14.18 -7.46 3.75
N ALA C 376 -13.44 -8.44 4.25
CA ALA C 376 -13.69 -9.84 3.93
C ALA C 376 -15.05 -10.28 4.46
N VAL C 377 -15.39 -9.84 5.67
CA VAL C 377 -16.67 -10.21 6.29
C VAL C 377 -17.81 -9.47 5.59
N GLY C 378 -17.56 -8.23 5.20
CA GLY C 378 -18.60 -7.48 4.53
C GLY C 378 -19.43 -6.61 5.44
N LYS C 380 -21.92 -7.14 7.44
CA LYS C 380 -22.14 -7.62 8.80
C LYS C 380 -21.07 -7.22 9.83
N SER C 381 -19.88 -6.87 9.37
CA SER C 381 -18.82 -6.46 10.29
C SER C 381 -19.04 -5.03 10.81
N TYR C 382 -19.98 -4.32 10.21
CA TYR C 382 -20.26 -2.95 10.60
C TYR C 382 -21.27 -2.82 11.74
N ALA C 383 -21.92 -3.93 12.11
CA ALA C 383 -22.91 -3.93 13.17
C ALA C 383 -22.29 -4.29 14.52
N LYS C 384 -22.84 -3.73 15.59
CA LYS C 384 -22.34 -3.98 16.94
C LYS C 384 -22.53 -5.42 17.42
N ASP C 385 -23.24 -6.23 16.63
CA ASP C 385 -23.46 -7.63 17.00
C ASP C 385 -22.18 -8.41 16.76
N SER C 387 -17.61 -8.11 16.79
CA SER C 387 -16.54 -7.41 17.48
C SER C 387 -15.84 -6.29 16.71
N PHE C 388 -15.93 -6.35 15.38
CA PHE C 388 -15.25 -5.39 14.52
C PHE C 388 -15.42 -3.91 14.85
N PRO C 389 -16.64 -3.46 15.13
CA PRO C 389 -16.78 -2.04 15.44
C PRO C 389 -15.84 -1.59 16.58
N ARG C 390 -15.80 -2.38 17.67
CA ARG C 390 -14.96 -2.09 18.82
C ARG C 390 -13.48 -2.24 18.49
N LEU C 391 -13.17 -3.27 17.72
CA LEU C 391 -11.80 -3.53 17.33
C LEU C 391 -11.18 -2.42 16.46
N LEU C 392 -11.96 -1.82 15.58
CA LEU C 392 -11.42 -0.78 14.71
C LEU C 392 -11.02 0.45 15.51
N ASN C 393 -11.91 0.85 16.42
CA ASN C 393 -11.65 2.00 17.26
C ASN C 393 -10.44 1.81 18.17
N GLU C 394 -10.25 0.59 18.66
CA GLU C 394 -9.14 0.31 19.54
C GLU C 394 -7.80 0.13 18.83
N VAL C 395 -7.83 -0.45 17.64
CA VAL C 395 -6.58 -0.66 16.92
C VAL C 395 -6.01 0.65 16.38
N CYS C 397 -5.69 3.26 17.88
CA CYS C 397 -4.98 3.92 18.96
C CYS C 397 -3.49 3.57 18.98
N TYR C 398 -3.17 2.33 18.64
CA TYR C 398 -1.79 1.85 18.69
C TYR C 398 -0.76 2.63 17.87
N PRO C 399 -1.10 2.99 16.63
CA PRO C 399 -0.14 3.74 15.84
C PRO C 399 0.02 5.17 16.36
N LEU C 400 -0.96 5.64 17.14
CA LEU C 400 -0.92 7.01 17.67
C LEU C 400 -0.32 7.15 19.08
N PHE C 401 -0.65 6.22 19.98
CA PHE C 401 -0.17 6.30 21.36
C PHE C 401 1.24 5.73 21.61
N ASP C 402 1.68 5.85 22.86
CA ASP C 402 3.00 5.38 23.26
C ASP C 402 4.07 5.87 22.29
N GLY C 403 3.96 7.14 21.90
CA GLY C 403 4.91 7.71 20.96
C GLY C 403 4.43 7.42 19.54
N GLY C 404 3.69 8.37 18.96
CA GLY C 404 3.20 8.21 17.60
C GLY C 404 4.34 7.84 16.68
N ASN C 405 4.05 7.11 15.61
CA ASN C 405 5.10 6.69 14.69
C ASN C 405 5.67 7.83 13.85
N ILE C 406 4.80 8.71 13.39
CA ILE C 406 5.22 9.81 12.53
C ILE C 406 6.09 10.84 13.25
N GLY C 407 5.58 11.36 14.36
CA GLY C 407 6.31 12.36 15.12
C GLY C 407 7.45 11.91 16.01
N LEU C 408 7.33 10.74 16.64
CA LEU C 408 8.36 10.28 17.56
C LEU C 408 9.21 9.06 17.18
N ARG C 409 8.57 7.90 17.05
CA ARG C 409 9.30 6.68 16.76
C ARG C 409 10.16 6.71 15.51
N ARG C 410 9.59 7.16 14.41
CA ARG C 410 10.35 7.24 13.17
C ARG C 410 11.53 8.20 13.32
N ARG C 411 11.32 9.30 14.05
CA ARG C 411 12.38 10.27 14.26
C ARG C 411 13.49 9.66 15.12
N GLN C 412 13.13 8.95 16.19
CA GLN C 412 14.12 8.33 17.04
C GLN C 412 14.94 7.34 16.22
N GLN C 414 15.41 7.37 12.89
CA GLN C 414 16.16 8.15 11.91
C GLN C 414 17.46 8.59 12.56
N ARG C 415 17.35 9.17 13.74
CA ARG C 415 18.50 9.67 14.49
C ARG C 415 19.57 8.59 14.65
N VAL C 416 19.15 7.38 14.99
CA VAL C 416 20.10 6.30 15.17
C VAL C 416 20.75 5.91 13.83
N ALA C 418 21.21 7.71 11.28
CA ALA C 418 22.08 8.79 10.82
C ALA C 418 23.47 8.78 11.48
N LEU C 419 23.60 8.13 12.64
CA LEU C 419 24.90 8.08 13.32
C LEU C 419 25.96 7.43 12.45
N GLU C 420 27.16 7.98 12.48
CA GLU C 420 28.24 7.47 11.68
C GLU C 420 28.58 5.99 11.92
N ASP C 421 28.51 5.56 13.18
CA ASP C 421 28.85 4.18 13.53
C ASP C 421 27.63 3.26 13.54
N TYR C 422 26.58 3.66 12.84
CA TYR C 422 25.36 2.88 12.76
C TYR C 422 25.63 1.46 12.25
N GLU C 423 25.16 0.45 13.00
CA GLU C 423 25.32 -0.95 12.62
C GLU C 423 23.94 -1.53 12.37
N PRO C 424 23.51 -1.55 11.10
CA PRO C 424 22.21 -2.06 10.67
C PRO C 424 21.78 -3.43 11.22
N TRP C 425 22.68 -4.40 11.13
CA TRP C 425 22.37 -5.76 11.55
C TRP C 425 23.06 -6.24 12.81
N ALA C 426 23.46 -5.30 13.67
CA ALA C 426 24.14 -5.66 14.91
C ALA C 426 23.27 -6.60 15.77
N ALA C 427 21.96 -6.40 15.76
CA ALA C 427 21.07 -7.24 16.56
C ALA C 427 20.89 -8.66 16.01
N THR C 428 21.42 -8.92 14.81
CA THR C 428 21.26 -10.23 14.21
C THR C 428 22.56 -10.97 14.02
N TYR C 429 23.53 -10.31 13.39
CA TYR C 429 24.80 -10.94 13.12
C TYR C 429 25.92 -10.39 13.99
N GLY C 430 25.58 -9.54 14.95
CA GLY C 430 26.60 -8.96 15.80
C GLY C 430 27.46 -7.95 15.07
N SER C 431 28.72 -7.84 15.48
CA SER C 431 29.65 -6.90 14.87
C SER C 431 30.77 -7.64 14.13
N VAL D 2 -12.45 19.35 -23.74
CA VAL D 2 -12.79 18.90 -22.36
C VAL D 2 -12.56 20.05 -21.37
N ASP D 3 -13.44 20.16 -20.39
CA ASP D 3 -13.33 21.21 -19.39
C ASP D 3 -13.89 20.72 -18.06
N PHE D 4 -13.59 21.44 -16.98
CA PHE D 4 -14.07 21.06 -15.68
C PHE D 4 -14.77 22.23 -14.99
N LYS D 5 -14.83 23.35 -15.69
CA LYS D 5 -15.47 24.55 -15.13
C LYS D 5 -16.94 24.30 -14.81
N LEU D 6 -17.37 24.77 -13.64
CA LEU D 6 -18.74 24.59 -13.20
C LEU D 6 -19.63 25.70 -13.72
N SER D 7 -20.83 25.32 -14.15
CA SER D 7 -21.80 26.28 -14.67
C SER D 7 -22.46 27.00 -13.49
N PRO D 8 -23.12 28.15 -13.77
CA PRO D 8 -23.78 28.89 -12.70
C PRO D 8 -24.77 28.01 -11.93
N SER D 9 -25.35 27.05 -12.63
CA SER D 9 -26.30 26.13 -12.04
C SER D 9 -25.62 25.31 -10.94
N GLN D 10 -24.48 24.72 -11.29
CA GLN D 10 -23.73 23.89 -10.37
C GLN D 10 -23.16 24.70 -9.20
N LEU D 11 -22.64 25.89 -9.50
CA LEU D 11 -22.09 26.75 -8.46
C LEU D 11 -23.15 27.09 -7.42
N GLU D 12 -24.39 27.24 -7.90
CA GLU D 12 -25.51 27.56 -7.03
C GLU D 12 -25.91 26.36 -6.19
N ALA D 13 -25.76 25.16 -6.76
CA ALA D 13 -26.11 23.95 -6.04
C ALA D 13 -25.19 23.79 -4.83
N ARG D 14 -23.90 24.07 -5.02
CA ARG D 14 -22.91 23.97 -3.95
C ARG D 14 -23.22 24.95 -2.84
N ARG D 15 -23.46 26.20 -3.22
CA ARG D 15 -23.75 27.25 -2.25
C ARG D 15 -24.98 26.86 -1.42
N HIS D 16 -26.04 26.41 -2.09
CA HIS D 16 -27.26 26.02 -1.43
C HIS D 16 -27.01 24.82 -0.52
N ALA D 17 -26.24 23.86 -1.01
CA ALA D 17 -25.91 22.68 -0.24
C ALA D 17 -25.13 23.08 1.01
N GLN D 18 -24.18 23.99 0.85
CA GLN D 18 -23.38 24.48 1.97
C GLN D 18 -24.25 25.21 2.98
N ALA D 19 -25.07 26.14 2.51
CA ALA D 19 -25.96 26.91 3.38
C ALA D 19 -26.87 25.98 4.17
N PHE D 20 -27.41 24.96 3.51
CA PHE D 20 -28.30 24.02 4.17
C PHE D 20 -27.55 23.23 5.25
N ALA D 21 -26.40 22.70 4.86
CA ALA D 21 -25.59 21.90 5.78
C ALA D 21 -25.11 22.68 7.00
N ASN D 22 -24.74 23.93 6.80
CA ASN D 22 -24.25 24.75 7.89
C ASN D 22 -25.36 25.36 8.75
N THR D 23 -26.58 25.42 8.22
CA THR D 23 -27.70 26.00 8.94
C THR D 23 -28.61 24.94 9.55
N VAL D 24 -28.78 23.84 8.87
CA VAL D 24 -29.65 22.80 9.38
C VAL D 24 -28.91 21.60 9.95
N LEU D 25 -28.07 21.00 9.11
CA LEU D 25 -27.31 19.80 9.51
C LEU D 25 -26.46 19.97 10.75
N THR D 26 -25.84 21.13 10.90
CA THR D 26 -24.98 21.39 12.04
C THR D 26 -25.73 21.29 13.37
N LYS D 27 -27.05 21.44 13.34
CA LYS D 27 -27.86 21.37 14.54
C LYS D 27 -28.39 19.99 14.84
N ALA D 28 -28.16 19.06 13.92
CA ALA D 28 -28.64 17.70 14.06
C ALA D 28 -28.00 16.97 15.26
N SER D 29 -26.68 17.04 15.35
CA SER D 29 -25.96 16.38 16.43
C SER D 29 -26.58 16.58 17.82
N ALA D 30 -26.87 17.83 18.14
CA ALA D 30 -27.46 18.16 19.43
C ALA D 30 -28.78 17.43 19.68
N GLU D 31 -29.44 16.98 18.62
CA GLU D 31 -30.73 16.28 18.78
C GLU D 31 -30.64 14.76 18.93
N TYR D 32 -29.91 14.11 18.02
CA TYR D 32 -29.81 12.65 18.09
C TYR D 32 -28.75 12.16 19.07
N SER D 33 -27.87 13.05 19.51
CA SER D 33 -26.82 12.65 20.44
C SER D 33 -27.38 12.27 21.80
N THR D 34 -28.56 12.78 22.11
CA THR D 34 -29.20 12.51 23.39
C THR D 34 -30.08 11.27 23.33
N GLN D 35 -30.04 10.54 22.22
CA GLN D 35 -30.87 9.34 22.07
C GLN D 35 -30.08 8.09 22.39
N LYS D 36 -30.79 7.06 22.86
CA LYS D 36 -30.17 5.81 23.25
C LYS D 36 -29.95 4.75 22.17
N ASP D 37 -30.89 4.64 21.24
CA ASP D 37 -30.76 3.64 20.20
C ASP D 37 -30.80 4.21 18.78
N GLN D 38 -30.40 3.38 17.81
CA GLN D 38 -30.38 3.77 16.40
C GLN D 38 -31.71 4.37 15.98
N LEU D 39 -32.77 3.59 16.14
CA LEU D 39 -34.12 4.02 15.75
C LEU D 39 -34.46 5.38 16.35
N SER D 40 -34.22 5.55 17.65
CA SER D 40 -34.51 6.81 18.33
C SER D 40 -33.65 7.92 17.72
N ARG D 41 -32.41 7.59 17.38
CA ARG D 41 -31.51 8.58 16.78
C ARG D 41 -32.00 8.95 15.38
N PHE D 42 -32.57 7.97 14.70
CA PHE D 42 -33.09 8.18 13.35
C PHE D 42 -34.32 9.10 13.40
N GLN D 43 -35.25 8.78 14.28
CA GLN D 43 -36.46 9.57 14.43
C GLN D 43 -36.14 11.00 14.81
N ALA D 44 -35.07 11.17 15.58
CA ALA D 44 -34.64 12.49 16.02
C ALA D 44 -34.16 13.36 14.87
N THR D 45 -33.86 12.73 13.73
CA THR D 45 -33.39 13.47 12.57
C THR D 45 -34.54 13.89 11.66
N ARG D 46 -35.75 13.43 11.98
CA ARG D 46 -36.92 13.75 11.17
C ARG D 46 -37.12 15.25 10.93
N PRO D 47 -37.05 16.08 11.98
CA PRO D 47 -37.22 17.52 11.79
C PRO D 47 -36.23 18.07 10.75
N PHE D 48 -35.06 17.44 10.68
CA PHE D 48 -34.02 17.83 9.75
C PHE D 48 -34.30 17.33 8.33
N TYR D 49 -34.90 16.15 8.25
CA TYR D 49 -35.26 15.59 6.95
C TYR D 49 -36.39 16.45 6.42
N ARG D 50 -37.29 16.86 7.31
CA ARG D 50 -38.41 17.71 6.93
C ARG D 50 -37.89 19.01 6.35
N GLU D 51 -36.81 19.51 6.92
CA GLU D 51 -36.22 20.76 6.45
C GLU D 51 -35.60 20.53 5.07
N ALA D 52 -35.01 19.36 4.88
CA ALA D 52 -34.41 19.03 3.59
C ALA D 52 -35.51 19.02 2.52
N VAL D 53 -36.67 18.48 2.87
CA VAL D 53 -37.80 18.42 1.93
C VAL D 53 -38.25 19.84 1.56
N ARG D 54 -38.30 20.71 2.56
CA ARG D 54 -38.71 22.10 2.36
C ARG D 54 -37.71 22.82 1.47
N HIS D 55 -36.45 22.39 1.52
CA HIS D 55 -35.37 22.98 0.72
C HIS D 55 -35.32 22.38 -0.67
N GLY D 56 -36.28 21.49 -0.95
CA GLY D 56 -36.38 20.86 -2.25
C GLY D 56 -35.33 19.82 -2.53
N LEU D 57 -34.64 19.37 -1.48
CA LEU D 57 -33.59 18.38 -1.64
C LEU D 57 -34.16 17.02 -2.04
N ILE D 58 -35.38 16.73 -1.61
CA ILE D 58 -36.00 15.46 -1.95
C ILE D 58 -36.57 15.50 -3.36
N LYS D 59 -37.20 16.61 -3.69
CA LYS D 59 -37.78 16.79 -5.02
C LYS D 59 -36.65 16.84 -6.05
N ALA D 60 -35.45 17.17 -5.60
CA ALA D 60 -34.28 17.24 -6.48
C ALA D 60 -33.75 15.85 -6.81
N GLN D 61 -34.40 14.82 -6.27
CA GLN D 61 -33.99 13.45 -6.52
C GLN D 61 -34.84 12.84 -7.64
N VAL D 62 -35.84 13.58 -8.09
CA VAL D 62 -36.72 13.12 -9.16
C VAL D 62 -36.48 14.00 -10.38
N PRO D 63 -36.30 13.40 -11.56
CA PRO D 63 -36.07 14.18 -12.77
C PRO D 63 -37.24 15.10 -13.13
N ILE D 64 -36.92 16.27 -13.69
CA ILE D 64 -37.92 17.26 -14.07
C ILE D 64 -39.10 16.66 -14.84
N PRO D 65 -38.82 15.85 -15.88
CA PRO D 65 -39.90 15.23 -16.66
C PRO D 65 -40.91 14.46 -15.81
N LEU D 66 -40.45 13.90 -14.69
CA LEU D 66 -41.32 13.14 -13.81
C LEU D 66 -41.96 14.00 -12.73
N GLY D 67 -41.72 15.30 -12.78
CA GLY D 67 -42.29 16.20 -11.79
C GLY D 67 -41.30 16.64 -10.73
N GLY D 68 -40.05 16.19 -10.85
CA GLY D 68 -39.03 16.56 -9.89
C GLY D 68 -38.29 17.81 -10.33
N THR D 69 -37.13 18.05 -9.73
CA THR D 69 -36.33 19.23 -10.06
C THR D 69 -34.85 18.89 -10.24
N GLU D 71 -31.32 18.35 -11.70
CA GLU D 71 -30.61 19.05 -12.75
C GLU D 71 -29.59 18.15 -13.44
N SER D 72 -28.81 17.42 -12.65
CA SER D 72 -27.78 16.54 -13.19
C SER D 72 -27.15 15.72 -12.07
N LEU D 73 -26.46 14.64 -12.44
CA LEU D 73 -25.81 13.81 -11.44
C LEU D 73 -24.57 14.54 -10.93
N VAL D 74 -24.06 15.46 -11.72
CA VAL D 74 -22.90 16.25 -11.32
C VAL D 74 -23.36 17.22 -10.23
N HIS D 75 -24.56 17.74 -10.36
CA HIS D 75 -25.09 18.66 -9.35
C HIS D 75 -25.29 17.87 -8.07
N GLU D 76 -25.88 16.69 -8.20
CA GLU D 76 -26.15 15.82 -7.07
C GLU D 76 -24.85 15.44 -6.34
N SER D 77 -23.79 15.19 -7.11
CA SER D 77 -22.51 14.82 -6.52
C SER D 77 -21.92 16.00 -5.75
N ILE D 78 -22.00 17.18 -6.35
CA ILE D 78 -21.49 18.39 -5.72
C ILE D 78 -22.25 18.65 -4.41
N ILE D 79 -23.55 18.39 -4.43
CA ILE D 79 -24.36 18.60 -3.25
C ILE D 79 -24.01 17.61 -2.15
N LEU D 80 -23.87 16.35 -2.53
CA LEU D 80 -23.56 15.30 -1.57
C LEU D 80 -22.21 15.50 -0.90
N GLU D 81 -21.23 15.95 -1.67
CA GLU D 81 -19.91 16.20 -1.12
C GLU D 81 -20.01 17.25 -0.01
N GLU D 82 -20.73 18.34 -0.28
CA GLU D 82 -20.89 19.41 0.70
C GLU D 82 -21.68 18.98 1.93
N LEU D 83 -22.76 18.24 1.72
CA LEU D 83 -23.57 17.76 2.83
C LEU D 83 -22.81 16.75 3.71
N PHE D 84 -22.16 15.77 3.10
CA PHE D 84 -21.43 14.77 3.87
C PHE D 84 -20.16 15.31 4.51
N ALA D 85 -19.69 16.44 4.03
CA ALA D 85 -18.50 17.04 4.59
C ALA D 85 -18.85 17.67 5.94
N VAL D 86 -20.14 17.78 6.23
CA VAL D 86 -20.59 18.37 7.48
C VAL D 86 -21.31 17.39 8.39
N GLU D 87 -22.36 16.77 7.89
CA GLU D 87 -23.15 15.83 8.67
C GLU D 87 -23.82 14.76 7.82
N PRO D 88 -23.35 13.51 7.92
CA PRO D 88 -23.92 12.41 7.15
C PRO D 88 -25.37 12.14 7.54
N ALA D 89 -25.76 12.55 8.74
CA ALA D 89 -27.12 12.35 9.22
C ALA D 89 -28.08 13.11 8.31
N THR D 90 -29.24 12.52 8.07
CA THR D 90 -30.26 13.10 7.18
C THR D 90 -29.78 13.08 5.73
N SER D 91 -28.52 13.36 5.52
CA SER D 91 -27.92 13.34 4.20
C SER D 91 -28.02 11.91 3.65
N ILE D 92 -27.70 10.95 4.51
CA ILE D 92 -27.75 9.55 4.17
C ILE D 92 -29.20 9.14 3.94
N THR D 93 -30.12 9.82 4.62
CA THR D 93 -31.54 9.52 4.47
C THR D 93 -32.02 9.99 3.09
N ILE D 94 -31.46 11.10 2.63
CA ILE D 94 -31.82 11.66 1.34
C ILE D 94 -31.37 10.72 0.23
N VAL D 95 -30.12 10.26 0.31
CA VAL D 95 -29.59 9.37 -0.69
C VAL D 95 -30.33 8.04 -0.65
N ALA D 96 -30.79 7.64 0.55
CA ALA D 96 -31.52 6.40 0.71
C ALA D 96 -32.85 6.48 -0.03
N THR D 97 -33.55 7.59 0.17
CA THR D 97 -34.82 7.81 -0.50
C THR D 97 -34.63 7.88 -2.01
N ALA D 98 -33.50 8.45 -2.42
CA ALA D 98 -33.21 8.59 -3.84
C ALA D 98 -33.01 7.21 -4.47
N LEU D 99 -32.40 6.30 -3.72
CA LEU D 99 -32.15 4.96 -4.22
C LEU D 99 -33.46 4.19 -4.41
N GLY D 100 -34.33 4.26 -3.39
CA GLY D 100 -35.60 3.56 -3.43
C GLY D 100 -36.52 4.14 -4.49
N LEU D 101 -36.19 5.34 -4.93
CA LEU D 101 -36.99 6.02 -5.93
C LEU D 101 -36.54 5.66 -7.35
N PRO D 103 -35.73 2.94 -8.99
CA PRO D 103 -36.42 1.87 -9.71
C PRO D 103 -37.67 2.38 -10.43
N VAL D 104 -38.46 3.20 -9.74
CA VAL D 104 -39.67 3.75 -10.34
C VAL D 104 -39.32 4.82 -11.37
N ILE D 105 -38.28 5.59 -11.10
CA ILE D 105 -37.83 6.63 -12.02
C ILE D 105 -37.35 6.05 -13.35
N LEU D 106 -36.74 4.87 -13.29
CA LEU D 106 -36.21 4.20 -14.46
C LEU D 106 -37.21 3.31 -15.21
N CYS D 107 -38.31 2.93 -14.56
CA CYS D 107 -39.28 2.07 -15.23
C CYS D 107 -40.01 2.84 -16.33
N ASP D 108 -40.47 2.11 -17.35
CA ASP D 108 -41.17 2.75 -18.45
C ASP D 108 -42.69 2.70 -18.26
N SER D 109 -43.14 2.98 -17.05
CA SER D 109 -44.56 2.97 -16.74
C SER D 109 -44.99 4.32 -16.14
N PRO D 110 -45.39 5.26 -17.00
CA PRO D 110 -45.81 6.59 -16.55
C PRO D 110 -46.90 6.52 -15.49
N SER D 111 -47.70 5.47 -15.55
CA SER D 111 -48.79 5.25 -14.61
C SER D 111 -48.27 5.08 -13.19
N LEU D 112 -47.35 4.13 -13.01
CA LEU D 112 -46.77 3.85 -11.70
C LEU D 112 -45.98 5.04 -11.19
N GLN D 113 -45.22 5.66 -12.09
CA GLN D 113 -44.41 6.81 -11.75
C GLN D 113 -45.23 7.95 -11.16
N GLU D 114 -46.15 8.47 -11.97
CA GLU D 114 -46.99 9.59 -11.56
C GLU D 114 -47.82 9.26 -10.32
N LYS D 115 -47.95 7.98 -10.00
CA LYS D 115 -48.73 7.57 -8.84
C LYS D 115 -47.89 7.41 -7.57
N PHE D 116 -46.73 6.77 -7.72
CA PHE D 116 -45.85 6.52 -6.58
C PHE D 116 -44.80 7.60 -6.33
N LEU D 117 -44.66 8.53 -7.26
CA LEU D 117 -43.68 9.60 -7.11
C LEU D 117 -44.36 10.90 -6.71
N LYS D 118 -45.67 10.84 -6.52
CA LYS D 118 -46.44 12.02 -6.17
C LYS D 118 -46.07 12.65 -4.82
N PRO D 119 -45.97 11.83 -3.76
CA PRO D 119 -45.62 12.35 -2.44
C PRO D 119 -44.19 12.84 -2.29
N PHE D 120 -43.32 12.40 -3.20
CA PHE D 120 -41.91 12.78 -3.15
C PHE D 120 -41.61 14.07 -3.91
N ILE D 121 -42.58 14.55 -4.67
CA ILE D 121 -42.40 15.78 -5.44
C ILE D 121 -43.26 16.91 -4.92
N SER D 122 -44.22 16.59 -4.05
CA SER D 122 -45.12 17.58 -3.48
C SER D 122 -44.36 18.64 -2.69
N GLY D 123 -43.28 18.23 -2.05
CA GLY D 123 -42.51 19.17 -1.26
C GLY D 123 -43.05 19.30 0.15
N GLU D 124 -43.95 18.39 0.52
CA GLU D 124 -44.56 18.41 1.85
C GLU D 124 -44.22 17.14 2.65
N GLY D 125 -44.39 17.23 3.96
CA GLY D 125 -44.13 16.11 4.85
C GLY D 125 -42.70 15.58 4.80
N GLU D 126 -42.54 14.34 5.24
CA GLU D 126 -41.22 13.71 5.24
C GLU D 126 -41.31 12.34 4.59
N PRO D 127 -41.62 12.29 3.28
CA PRO D 127 -41.73 11.03 2.53
C PRO D 127 -40.41 10.29 2.42
N LEU D 128 -40.43 9.01 2.82
CA LEU D 128 -39.24 8.16 2.76
C LEU D 128 -39.41 7.03 1.75
N ALA D 129 -38.38 6.82 0.94
CA ALA D 129 -38.39 5.73 -0.05
C ALA D 129 -37.22 4.81 0.25
N SER D 130 -37.38 3.53 -0.03
CA SER D 130 -36.33 2.55 0.25
C SER D 130 -36.28 1.42 -0.76
N LEU D 131 -35.08 1.01 -1.15
CA LEU D 131 -34.93 -0.10 -2.08
C LEU D 131 -34.54 -1.31 -1.24
N HIS D 133 -33.39 -4.61 -0.88
CA HIS D 133 -32.71 -5.66 -1.62
C HIS D 133 -31.89 -6.56 -0.69
N SER D 134 -31.04 -5.96 0.13
CA SER D 134 -30.19 -6.68 1.07
C SER D 134 -30.97 -7.61 2.00
N GLU D 135 -30.39 -8.78 2.29
CA GLU D 135 -31.03 -9.75 3.15
C GLU D 135 -30.09 -10.28 4.22
N PRO D 136 -30.63 -10.87 5.30
CA PRO D 136 -29.80 -11.40 6.38
C PRO D 136 -28.74 -12.41 5.96
N ASN D 137 -29.03 -13.24 4.94
CA ASN D 137 -28.05 -14.23 4.51
C ASN D 137 -27.04 -13.66 3.53
N GLY D 138 -27.26 -12.44 3.07
CA GLY D 138 -26.34 -11.84 2.12
C GLY D 138 -26.97 -11.72 0.74
N THR D 139 -26.33 -10.96 -0.14
CA THR D 139 -26.84 -10.74 -1.48
C THR D 139 -25.75 -10.68 -2.55
N ALA D 140 -24.50 -10.84 -2.13
CA ALA D 140 -23.39 -10.79 -3.07
C ALA D 140 -23.50 -11.88 -4.12
N ASN D 141 -24.21 -12.96 -3.80
CA ASN D 141 -24.38 -14.09 -4.73
C ASN D 141 -25.86 -14.25 -5.11
N TRP D 142 -26.62 -13.16 -5.04
CA TRP D 142 -28.03 -13.26 -5.37
C TRP D 142 -28.28 -13.64 -6.83
N LEU D 143 -27.29 -13.45 -7.68
CA LEU D 143 -27.47 -13.78 -9.08
C LEU D 143 -26.69 -15.01 -9.50
N GLN D 144 -26.06 -15.68 -8.54
CA GLN D 144 -25.29 -16.85 -8.87
C GLN D 144 -26.16 -18.02 -9.32
N LYS D 145 -25.84 -18.57 -10.47
CA LYS D 145 -26.55 -19.70 -11.03
C LYS D 145 -26.24 -20.93 -10.18
N GLY D 146 -27.28 -21.60 -9.71
CA GLY D 146 -27.07 -22.79 -8.91
C GLY D 146 -27.01 -22.51 -7.42
N GLY D 147 -27.11 -21.23 -7.05
CA GLY D 147 -27.06 -20.86 -5.66
C GLY D 147 -28.45 -20.73 -5.06
N PRO D 148 -28.54 -20.48 -3.76
CA PRO D 148 -29.84 -20.32 -3.09
C PRO D 148 -30.68 -19.18 -3.63
N GLY D 149 -30.01 -18.07 -3.97
CA GLY D 149 -30.74 -16.92 -4.48
C GLY D 149 -31.40 -16.15 -3.35
N LEU D 150 -32.06 -15.05 -3.67
CA LEU D 150 -32.74 -14.23 -2.68
C LEU D 150 -33.65 -15.08 -1.81
N GLN D 151 -33.66 -14.79 -0.52
CA GLN D 151 -34.51 -15.53 0.40
C GLN D 151 -35.88 -14.89 0.47
N THR D 152 -36.00 -13.70 -0.10
CA THR D 152 -37.28 -13.02 -0.13
C THR D 152 -37.90 -13.41 -1.49
N THR D 153 -38.88 -14.30 -1.45
CA THR D 153 -39.51 -14.77 -2.67
C THR D 153 -40.90 -14.20 -2.85
N ALA D 154 -41.43 -14.33 -4.06
CA ALA D 154 -42.79 -13.84 -4.33
C ALA D 154 -43.49 -14.80 -5.29
N ARG D 155 -44.78 -15.00 -5.07
CA ARG D 155 -45.55 -15.89 -5.93
C ARG D 155 -46.88 -15.23 -6.28
N LYS D 156 -47.38 -15.52 -7.47
CA LYS D 156 -48.64 -14.94 -7.93
C LYS D 156 -49.80 -15.77 -7.40
N VAL D 157 -50.77 -15.10 -6.79
CA VAL D 157 -51.95 -15.74 -6.25
C VAL D 157 -53.13 -14.87 -6.61
N GLY D 158 -53.89 -15.32 -7.61
CA GLY D 158 -55.05 -14.55 -8.04
C GLY D 158 -54.58 -13.31 -8.79
N ASN D 159 -55.01 -12.14 -8.34
CA ASN D 159 -54.63 -10.89 -8.98
C ASN D 159 -53.74 -10.07 -8.03
N GLU D 160 -52.85 -10.77 -7.34
CA GLU D 160 -51.94 -10.11 -6.41
C GLU D 160 -50.74 -10.99 -6.13
N TRP D 161 -49.70 -10.41 -5.54
CA TRP D 161 -48.49 -11.17 -5.22
C TRP D 161 -48.36 -11.37 -3.71
N VAL D 162 -47.81 -12.52 -3.33
CA VAL D 162 -47.61 -12.86 -1.94
C VAL D 162 -46.11 -12.95 -1.65
N ILE D 163 -45.61 -12.03 -0.84
CA ILE D 163 -44.19 -11.99 -0.48
C ILE D 163 -43.87 -12.80 0.77
N SER D 164 -42.78 -13.56 0.70
CA SER D 164 -42.32 -14.37 1.80
C SER D 164 -40.80 -14.31 1.92
N GLY D 165 -40.31 -13.96 3.11
CA GLY D 165 -38.87 -13.86 3.32
C GLY D 165 -38.49 -12.72 4.23
N GLU D 166 -37.19 -12.52 4.41
CA GLU D 166 -36.69 -11.47 5.28
C GLU D 166 -35.67 -10.57 4.59
N LYS D 167 -35.76 -9.28 4.92
CA LYS D 167 -34.84 -8.27 4.40
C LYS D 167 -34.05 -7.66 5.57
N LEU D 168 -32.80 -7.30 5.32
CA LEU D 168 -31.95 -6.71 6.35
C LEU D 168 -31.05 -5.68 5.72
N TRP D 169 -30.98 -4.50 6.34
CA TRP D 169 -30.15 -3.37 5.90
C TRP D 169 -30.81 -2.25 5.08
N PRO D 170 -31.93 -2.53 4.38
CA PRO D 170 -32.57 -1.47 3.58
C PRO D 170 -32.89 -0.21 4.39
N SER D 171 -32.31 0.91 3.99
CA SER D 171 -32.50 2.18 4.67
C SER D 171 -33.93 2.73 4.65
N ASN D 172 -34.42 3.12 5.83
CA ASN D 172 -35.75 3.69 5.99
C ASN D 172 -36.86 2.72 5.53
N SER D 173 -36.51 1.46 5.36
CA SER D 173 -37.48 0.48 4.89
C SER D 173 -38.72 0.43 5.78
N GLY D 174 -38.50 0.66 7.08
CA GLY D 174 -39.60 0.65 8.03
C GLY D 174 -40.29 1.99 8.19
N GLY D 175 -39.71 3.05 7.63
CA GLY D 175 -40.33 4.36 7.78
C GLY D 175 -39.93 5.00 9.10
N TRP D 176 -40.62 6.06 9.49
CA TRP D 176 -40.33 6.77 10.74
C TRP D 176 -40.87 6.03 11.95
N ASP D 177 -41.99 5.33 11.79
CA ASP D 177 -42.62 4.60 12.90
C ASP D 177 -42.77 3.09 12.65
N TYR D 178 -41.85 2.52 11.90
CA TYR D 178 -41.89 1.09 11.58
C TYR D 178 -43.20 0.62 10.93
N LYS D 179 -43.96 1.56 10.38
CA LYS D 179 -45.19 1.21 9.68
C LYS D 179 -44.94 1.20 8.16
N GLY D 180 -43.66 1.15 7.79
CA GLY D 180 -43.28 1.12 6.39
C GLY D 180 -42.95 2.46 5.78
N ALA D 181 -42.02 2.45 4.83
CA ALA D 181 -41.64 3.68 4.15
C ALA D 181 -42.77 4.09 3.23
N ASP D 182 -42.83 5.37 2.87
CA ASP D 182 -43.88 5.86 1.98
C ASP D 182 -43.88 5.05 0.68
N LEU D 183 -42.69 4.63 0.27
CA LEU D 183 -42.54 3.84 -0.94
C LEU D 183 -41.36 2.88 -0.78
N ALA D 184 -41.60 1.61 -1.04
CA ALA D 184 -40.54 0.63 -0.94
C ALA D 184 -40.53 -0.26 -2.15
N CYS D 185 -39.35 -0.49 -2.71
CA CYS D 185 -39.20 -1.37 -3.87
C CYS D 185 -38.60 -2.68 -3.38
N VAL D 186 -39.46 -3.67 -3.12
CA VAL D 186 -39.01 -4.96 -2.61
C VAL D 186 -38.53 -5.85 -3.75
N VAL D 187 -37.25 -6.22 -3.72
CA VAL D 187 -36.69 -7.08 -4.76
C VAL D 187 -36.86 -8.53 -4.33
N CYS D 188 -37.62 -9.31 -5.08
CA CYS D 188 -37.85 -10.70 -4.72
C CYS D 188 -37.49 -11.65 -5.85
N ARG D 189 -37.37 -12.93 -5.50
CA ARG D 189 -37.08 -14.00 -6.45
C ARG D 189 -38.40 -14.74 -6.60
N VAL D 190 -38.94 -14.81 -7.81
CA VAL D 190 -40.21 -15.50 -8.06
C VAL D 190 -40.08 -16.98 -7.75
N SER D 191 -40.99 -17.49 -6.93
CA SER D 191 -40.98 -18.90 -6.56
C SER D 191 -42.37 -19.31 -6.09
N ASP D 192 -42.92 -20.36 -6.67
CA ASP D 192 -44.25 -20.81 -6.29
C ASP D 192 -44.23 -21.55 -4.96
N ASP D 193 -43.05 -22.00 -4.56
CA ASP D 193 -42.90 -22.72 -3.31
C ASP D 193 -41.54 -22.42 -2.67
N PRO D 194 -41.50 -21.45 -1.76
CA PRO D 194 -40.26 -21.05 -1.07
C PRO D 194 -39.68 -22.21 -0.26
N SER D 195 -40.42 -23.31 -0.20
CA SER D 195 -39.99 -24.50 0.52
C SER D 195 -38.92 -25.24 -0.28
N LYS D 196 -39.00 -25.14 -1.60
CA LYS D 196 -38.03 -25.81 -2.46
C LYS D 196 -36.95 -24.83 -2.90
N PRO D 197 -35.71 -25.32 -3.06
CA PRO D 197 -34.58 -24.49 -3.48
C PRO D 197 -34.74 -23.98 -4.90
N GLN D 198 -34.08 -22.85 -5.19
CA GLN D 198 -34.14 -22.25 -6.51
C GLN D 198 -33.64 -23.27 -7.54
N ASP D 199 -34.29 -23.31 -8.70
CA ASP D 199 -33.90 -24.22 -9.76
C ASP D 199 -32.47 -23.95 -10.19
N PRO D 200 -31.58 -24.92 -10.03
CA PRO D 200 -30.17 -24.76 -10.41
C PRO D 200 -29.93 -24.67 -11.92
N ASN D 201 -30.96 -24.89 -12.71
CA ASN D 201 -30.80 -24.83 -14.16
C ASN D 201 -31.46 -23.58 -14.75
N VAL D 202 -31.96 -22.72 -13.88
CA VAL D 202 -32.59 -21.49 -14.33
C VAL D 202 -31.75 -20.28 -13.91
N ASP D 203 -31.46 -19.40 -14.86
CA ASP D 203 -30.68 -18.20 -14.58
C ASP D 203 -31.45 -17.30 -13.61
N PRO D 204 -30.87 -17.08 -12.41
CA PRO D 204 -31.48 -16.26 -11.36
C PRO D 204 -32.05 -14.92 -11.79
N ALA D 205 -31.33 -14.23 -12.65
CA ALA D 205 -31.78 -12.92 -13.12
C ALA D 205 -33.13 -12.99 -13.82
N THR D 206 -33.42 -14.11 -14.48
CA THR D 206 -34.70 -14.24 -15.19
C THR D 206 -35.90 -14.43 -14.26
N GLN D 207 -35.64 -14.55 -12.96
CA GLN D 207 -36.71 -14.75 -11.99
C GLN D 207 -36.85 -13.63 -10.96
N ILE D 208 -36.24 -12.48 -11.25
CA ILE D 208 -36.31 -11.36 -10.33
C ILE D 208 -37.54 -10.50 -10.56
N ALA D 209 -38.15 -10.07 -9.48
CA ALA D 209 -39.33 -9.22 -9.58
C ALA D 209 -39.22 -8.13 -8.54
N VAL D 210 -39.76 -6.95 -8.85
CA VAL D 210 -39.73 -5.82 -7.93
C VAL D 210 -41.15 -5.34 -7.63
N LEU D 211 -41.60 -5.53 -6.41
CA LEU D 211 -42.95 -5.12 -6.00
C LEU D 211 -42.92 -3.85 -5.17
N LEU D 212 -43.80 -2.91 -5.50
CA LEU D 212 -43.84 -1.65 -4.76
C LEU D 212 -44.76 -1.78 -3.56
N VAL D 213 -44.19 -1.63 -2.37
CA VAL D 213 -44.96 -1.72 -1.12
C VAL D 213 -45.00 -0.36 -0.44
N THR D 214 -46.20 0.08 -0.08
CA THR D 214 -46.37 1.37 0.59
C THR D 214 -47.00 1.16 1.96
N ARG D 215 -47.18 2.25 2.71
CA ARG D 215 -47.78 2.15 4.05
C ARG D 215 -49.18 1.55 3.93
N GLU D 216 -49.88 1.96 2.88
CA GLU D 216 -51.22 1.46 2.63
C GLU D 216 -51.20 -0.05 2.40
N THR D 217 -50.25 -0.52 1.61
CA THR D 217 -50.11 -1.94 1.33
C THR D 217 -49.96 -2.70 2.64
N ILE D 218 -49.12 -2.17 3.51
CA ILE D 218 -48.85 -2.79 4.81
C ILE D 218 -50.10 -2.75 5.67
N ALA D 219 -50.83 -1.65 5.60
CA ALA D 219 -52.05 -1.48 6.37
C ALA D 219 -53.13 -2.46 5.92
N ASN D 220 -53.12 -2.82 4.64
CA ASN D 220 -54.12 -3.74 4.11
C ASN D 220 -53.77 -5.20 4.39
N ASN D 221 -52.65 -5.42 5.07
CA ASN D 221 -52.23 -6.79 5.40
C ASN D 221 -52.35 -7.00 6.90
N LYS D 222 -52.23 -8.26 7.33
CA LYS D 222 -52.31 -8.57 8.76
C LYS D 222 -51.06 -8.07 9.47
N LYS D 223 -51.21 -7.71 10.74
CA LYS D 223 -50.09 -7.20 11.52
C LYS D 223 -48.87 -8.11 11.51
N ASP D 224 -49.10 -9.41 11.49
CA ASP D 224 -48.00 -10.37 11.51
C ASP D 224 -47.43 -10.70 10.12
N ALA D 225 -47.96 -10.07 9.08
CA ALA D 225 -47.50 -10.31 7.71
C ALA D 225 -46.28 -9.43 7.43
N TYR D 226 -46.19 -8.33 8.17
CA TYR D 226 -45.11 -7.36 8.06
C TYR D 226 -44.63 -7.02 9.47
N GLN D 227 -43.47 -7.57 9.86
CA GLN D 227 -42.94 -7.29 11.19
C GLN D 227 -41.44 -6.97 11.22
N ILE D 228 -41.09 -5.94 11.98
CA ILE D 228 -39.70 -5.53 12.15
C ILE D 228 -39.10 -6.37 13.25
N LEU D 229 -38.07 -7.15 12.92
CA LEU D 229 -37.43 -8.03 13.89
C LEU D 229 -36.24 -7.40 14.62
N GLY D 230 -35.74 -6.27 14.11
CA GLY D 230 -34.61 -5.63 14.78
C GLY D 230 -34.04 -4.43 14.04
N GLU D 231 -33.19 -3.68 14.74
CA GLU D 231 -32.56 -2.49 14.18
C GLU D 231 -31.08 -2.54 14.56
N PRO D 232 -30.23 -3.00 13.64
CA PRO D 232 -28.79 -3.11 13.87
C PRO D 232 -28.11 -1.84 14.40
N GLU D 233 -27.26 -2.00 15.41
CA GLU D 233 -26.51 -0.89 15.98
C GLU D 233 -25.24 -0.74 15.14
N LEU D 234 -25.17 0.35 14.37
CA LEU D 234 -24.03 0.58 13.50
C LEU D 234 -22.86 1.30 14.17
N ALA D 235 -21.65 0.99 13.71
CA ALA D 235 -20.45 1.60 14.25
C ALA D 235 -20.39 3.08 13.85
N GLY D 236 -20.95 3.39 12.68
CA GLY D 236 -20.98 4.75 12.19
C GLY D 236 -22.34 5.02 11.58
N HIS D 237 -22.62 6.26 11.21
CA HIS D 237 -23.93 6.63 10.65
C HIS D 237 -25.00 6.11 11.62
N ILE D 238 -24.81 6.42 12.90
CA ILE D 238 -25.71 5.98 13.96
C ILE D 238 -27.14 6.48 13.90
N THR D 239 -27.43 7.38 12.96
CA THR D 239 -28.78 7.93 12.82
C THR D 239 -29.57 7.28 11.67
N THR D 240 -28.98 6.26 11.03
CA THR D 240 -29.64 5.59 9.92
C THR D 240 -30.51 4.45 10.43
N SER D 241 -31.47 4.05 9.61
CA SER D 241 -32.36 2.94 9.96
C SER D 241 -32.42 1.92 8.82
N GLY D 242 -31.99 0.69 9.10
CA GLY D 242 -32.01 -0.37 8.11
C GLY D 242 -32.39 -1.65 8.84
N PRO D 243 -33.64 -1.71 9.33
CA PRO D 243 -34.20 -2.84 10.08
C PRO D 243 -34.21 -4.22 9.42
N HIS D 244 -34.48 -5.22 10.24
CA HIS D 244 -34.56 -6.60 9.81
C HIS D 244 -36.07 -6.88 9.67
N THR D 245 -36.58 -6.77 8.45
CA THR D 245 -38.01 -6.98 8.18
C THR D 245 -38.35 -8.43 7.78
N ARG D 246 -39.51 -8.90 8.23
CA ARG D 246 -39.93 -10.25 7.87
C ARG D 246 -41.28 -10.21 7.19
N PHE D 247 -41.37 -10.84 6.02
CA PHE D 247 -42.60 -10.90 5.25
C PHE D 247 -43.19 -12.29 5.43
N THR D 248 -44.48 -12.35 5.74
CA THR D 248 -45.18 -13.62 5.93
C THR D 248 -46.53 -13.52 5.25
N GLU D 249 -46.65 -14.18 4.09
CA GLU D 249 -47.89 -14.16 3.32
C GLU D 249 -48.34 -12.72 3.12
N PHE D 250 -47.40 -11.84 2.82
CA PHE D 250 -47.69 -10.44 2.61
C PHE D 250 -48.23 -10.24 1.20
N HIS D 251 -49.52 -9.88 1.13
CA HIS D 251 -50.22 -9.69 -0.13
C HIS D 251 -50.04 -8.30 -0.71
N VAL D 252 -49.62 -8.28 -1.98
CA VAL D 252 -49.41 -7.02 -2.69
C VAL D 252 -50.21 -7.02 -3.99
N PRO D 253 -50.91 -5.91 -4.29
CA PRO D 253 -51.70 -5.81 -5.52
C PRO D 253 -50.83 -6.02 -6.76
N HIS D 254 -51.38 -6.70 -7.76
CA HIS D 254 -50.64 -6.95 -9.00
C HIS D 254 -50.29 -5.62 -9.66
N GLU D 255 -51.14 -4.63 -9.48
CA GLU D 255 -50.93 -3.30 -10.05
C GLU D 255 -49.65 -2.65 -9.51
N ASN D 256 -49.08 -3.26 -8.47
CA ASN D 256 -47.87 -2.75 -7.84
C ASN D 256 -46.59 -3.35 -8.40
N LEU D 257 -46.73 -4.25 -9.37
CA LEU D 257 -45.55 -4.86 -9.99
C LEU D 257 -44.84 -3.75 -10.76
N LEU D 258 -43.57 -3.54 -10.48
CA LEU D 258 -42.80 -2.48 -11.14
C LEU D 258 -42.68 -2.72 -12.64
N CYS D 259 -42.46 -3.97 -13.01
CA CYS D 259 -42.32 -4.32 -14.43
C CYS D 259 -42.37 -5.83 -14.59
N THR D 260 -42.21 -6.28 -15.82
CA THR D 260 -42.22 -7.72 -16.10
C THR D 260 -41.10 -8.41 -15.34
N PRO D 261 -41.41 -9.52 -14.66
CA PRO D 261 -40.38 -10.24 -13.90
C PRO D 261 -39.30 -10.78 -14.82
N GLY D 262 -38.05 -10.78 -14.36
CA GLY D 262 -36.97 -11.29 -15.18
C GLY D 262 -35.85 -10.28 -15.38
N LEU D 263 -35.15 -10.40 -16.52
CA LEU D 263 -34.05 -9.49 -16.82
C LEU D 263 -34.38 -8.00 -16.81
N LYS D 264 -35.61 -7.63 -17.12
CA LYS D 264 -35.95 -6.21 -17.09
C LYS D 264 -35.97 -5.68 -15.65
N ALA D 265 -36.52 -6.48 -14.74
CA ALA D 265 -36.58 -6.08 -13.34
C ALA D 265 -35.17 -6.05 -12.76
N GLN D 266 -34.40 -7.10 -13.04
CA GLN D 266 -33.03 -7.14 -12.56
C GLN D 266 -32.25 -5.95 -13.12
N GLY D 267 -32.55 -5.59 -14.37
CA GLY D 267 -31.86 -4.47 -14.99
C GLY D 267 -32.10 -3.17 -14.24
N LEU D 268 -33.33 -2.94 -13.80
CA LEU D 268 -33.66 -1.73 -13.08
C LEU D 268 -32.88 -1.64 -11.77
N VAL D 269 -32.77 -2.78 -11.07
CA VAL D 269 -32.07 -2.86 -9.80
C VAL D 269 -30.58 -2.58 -10.05
N GLU D 270 -30.03 -3.22 -11.07
CA GLU D 270 -28.63 -3.07 -11.41
C GLU D 270 -28.32 -1.62 -11.75
N THR D 271 -29.21 -1.02 -12.52
CA THR D 271 -29.03 0.35 -12.96
C THR D 271 -29.12 1.29 -11.77
N ALA D 272 -30.09 1.04 -10.89
CA ALA D 272 -30.24 1.87 -9.71
C ALA D 272 -28.98 1.81 -8.83
N PHE D 273 -28.49 0.59 -8.58
CA PHE D 273 -27.30 0.41 -7.76
C PHE D 273 -26.03 0.90 -8.43
N ALA D 274 -26.03 0.97 -9.75
CA ALA D 274 -24.86 1.42 -10.48
C ALA D 274 -24.76 2.93 -10.32
N SER D 276 -26.12 4.79 -7.84
CA SER D 276 -25.82 5.08 -6.45
C SER D 276 -24.35 4.76 -6.18
N ALA D 277 -23.83 3.70 -6.79
CA ALA D 277 -22.44 3.33 -6.60
C ALA D 277 -21.52 4.50 -6.99
N ALA D 278 -21.91 5.23 -8.02
CA ALA D 278 -21.12 6.37 -8.47
C ALA D 278 -21.26 7.52 -7.47
N LEU D 279 -22.48 7.79 -7.02
CA LEU D 279 -22.71 8.86 -6.07
C LEU D 279 -22.09 8.58 -4.69
N VAL D 280 -21.84 7.32 -4.38
CA VAL D 280 -21.24 6.96 -3.10
C VAL D 280 -19.89 7.65 -3.00
N GLY D 281 -19.21 7.77 -4.13
CA GLY D 281 -17.91 8.41 -4.15
C GLY D 281 -17.99 9.84 -3.62
N ALA D 282 -19.13 10.50 -3.86
CA ALA D 282 -19.32 11.87 -3.39
C ALA D 282 -19.42 11.89 -1.87
N ALA D 284 -18.12 9.57 0.18
CA ALA D 284 -16.80 9.22 0.68
C ALA D 284 -15.89 10.44 0.66
N ILE D 285 -15.96 11.21 -0.42
CA ILE D 285 -15.14 12.41 -0.54
C ILE D 285 -15.51 13.42 0.53
N GLY D 286 -16.81 13.63 0.74
CA GLY D 286 -17.23 14.57 1.74
C GLY D 286 -16.65 14.23 3.10
N THR D 287 -16.76 12.97 3.49
CA THR D 287 -16.27 12.49 4.76
C THR D 287 -14.75 12.63 4.85
N ALA D 288 -14.07 12.16 3.81
CA ALA D 288 -12.62 12.23 3.77
C ALA D 288 -12.11 13.67 3.67
N ARG D 289 -12.90 14.56 3.07
CA ARG D 289 -12.48 15.95 2.93
C ARG D 289 -12.49 16.64 4.29
N ALA D 290 -13.52 16.36 5.08
CA ALA D 290 -13.65 16.93 6.41
C ALA D 290 -12.43 16.57 7.26
N ALA D 291 -11.96 15.33 7.11
CA ALA D 291 -10.80 14.85 7.86
C ALA D 291 -9.55 15.55 7.37
N PHE D 292 -9.40 15.62 6.04
CA PHE D 292 -8.25 16.28 5.45
C PHE D 292 -8.15 17.75 5.88
N GLU D 293 -9.27 18.45 5.83
CA GLU D 293 -9.29 19.86 6.17
C GLU D 293 -9.03 20.12 7.65
N GLU D 294 -9.61 19.29 8.51
CA GLU D 294 -9.41 19.47 9.92
C GLU D 294 -7.95 19.21 10.26
N ALA D 295 -7.34 18.26 9.55
CA ALA D 295 -5.94 17.93 9.78
C ALA D 295 -5.05 19.01 9.19
N LEU D 296 -5.45 19.57 8.04
CA LEU D 296 -4.68 20.62 7.37
C LEU D 296 -4.62 21.87 8.24
N VAL D 297 -5.78 22.29 8.72
CA VAL D 297 -5.90 23.46 9.59
C VAL D 297 -5.03 23.25 10.83
N PHE D 298 -5.11 22.06 11.40
CA PHE D 298 -4.33 21.74 12.59
C PHE D 298 -2.84 21.82 12.30
N ALA D 299 -2.40 21.24 11.18
CA ALA D 299 -0.99 21.23 10.84
C ALA D 299 -0.39 22.61 10.51
N LYS D 300 -1.25 23.56 10.17
CA LYS D 300 -0.78 24.89 9.84
C LYS D 300 -0.94 25.86 11.01
N SER D 301 -1.41 25.37 12.15
CA SER D 301 -1.60 26.23 13.30
C SER D 301 -1.01 25.66 14.59
N ASP D 302 -0.53 24.42 14.55
CA ASP D 302 0.02 23.80 15.75
C ASP D 302 1.45 23.37 15.52
N THR D 303 2.29 23.59 16.52
CA THR D 303 3.70 23.23 16.42
C THR D 303 3.99 21.99 17.26
N ARG D 304 2.99 21.55 18.01
CA ARG D 304 3.14 20.38 18.88
C ARG D 304 4.37 20.51 19.77
N GLY D 305 4.55 21.69 20.37
CA GLY D 305 5.69 21.95 21.25
C GLY D 305 7.02 22.07 20.52
N GLY D 306 6.96 22.27 19.21
CA GLY D 306 8.16 22.41 18.45
C GLY D 306 8.42 23.86 18.17
N SER D 307 9.31 24.14 17.22
CA SER D 307 9.64 25.52 16.87
C SER D 307 8.88 25.99 15.63
N LYS D 308 8.26 25.05 14.92
CA LYS D 308 7.49 25.39 13.71
C LYS D 308 6.23 24.53 13.54
N HIS D 309 5.30 25.02 12.73
CA HIS D 309 4.07 24.29 12.45
C HIS D 309 4.42 22.91 11.93
N ILE D 310 3.71 21.87 12.39
CA ILE D 310 4.02 20.51 11.99
C ILE D 310 3.98 20.26 10.49
N ILE D 311 3.24 21.10 9.76
CA ILE D 311 3.18 20.95 8.32
C ILE D 311 4.56 21.15 7.68
N GLU D 312 5.48 21.77 8.42
CA GLU D 312 6.84 22.00 7.93
C GLU D 312 7.63 20.70 8.02
N HIS D 313 7.08 19.69 8.69
CA HIS D 313 7.77 18.40 8.77
C HIS D 313 7.40 17.59 7.54
N GLN D 314 8.39 17.13 6.79
CA GLN D 314 8.11 16.37 5.58
C GLN D 314 7.15 15.21 5.78
N SER D 315 7.34 14.43 6.86
CA SER D 315 6.48 13.29 7.11
C SER D 315 5.04 13.71 7.24
N VAL D 316 4.80 14.84 7.89
CA VAL D 316 3.44 15.31 8.03
C VAL D 316 2.90 15.76 6.67
N ALA D 317 3.71 16.54 5.96
CA ALA D 317 3.32 17.04 4.66
C ALA D 317 3.01 15.87 3.71
N ASP D 318 3.81 14.81 3.79
CA ASP D 318 3.60 13.63 2.95
C ASP D 318 2.20 13.05 3.13
N LYS D 319 1.73 13.03 4.38
CA LYS D 319 0.40 12.54 4.69
C LYS D 319 -0.65 13.45 4.10
N LEU D 320 -0.49 14.75 4.31
CA LEU D 320 -1.47 15.70 3.79
C LEU D 320 -1.51 15.63 2.27
N ILE D 321 -0.35 15.49 1.67
CA ILE D 321 -0.25 15.41 0.22
C ILE D 321 -0.98 14.16 -0.28
N ASP D 322 -0.78 13.03 0.37
CA ASP D 322 -1.45 11.80 -0.04
C ASP D 322 -2.97 11.95 0.05
N CYS D 323 -3.45 12.61 1.11
CA CYS D 323 -4.89 12.80 1.26
C CYS D 323 -5.41 13.72 0.16
N LYS D 324 -4.66 14.78 -0.13
CA LYS D 324 -5.07 15.73 -1.16
C LYS D 324 -5.25 15.01 -2.50
N ILE D 325 -4.23 14.25 -2.88
CA ILE D 325 -4.27 13.52 -4.12
C ILE D 325 -5.43 12.54 -4.16
N ARG D 326 -5.67 11.82 -3.07
CA ARG D 326 -6.77 10.86 -3.04
C ARG D 326 -8.10 11.55 -3.28
N LEU D 327 -8.32 12.65 -2.59
CA LEU D 327 -9.56 13.41 -2.71
C LEU D 327 -9.70 13.98 -4.13
N GLU D 328 -8.61 14.51 -4.67
CA GLU D 328 -8.61 15.11 -6.00
C GLU D 328 -8.94 14.06 -7.07
N THR D 329 -8.19 12.97 -7.07
CA THR D 329 -8.43 11.91 -8.03
C THR D 329 -9.84 11.35 -7.87
N SER D 330 -10.33 11.27 -6.63
CA SER D 330 -11.67 10.74 -6.39
C SER D 330 -12.76 11.61 -6.97
N ARG D 331 -12.66 12.92 -6.78
CA ARG D 331 -13.70 13.82 -7.29
C ARG D 331 -13.74 13.75 -8.82
N LEU D 332 -12.57 13.73 -9.45
CA LEU D 332 -12.52 13.67 -10.90
C LEU D 332 -13.17 12.39 -11.41
N LEU D 333 -12.91 11.29 -10.71
CA LEU D 333 -13.45 10.00 -11.07
C LEU D 333 -14.97 10.03 -10.94
N VAL D 334 -15.45 10.57 -9.83
CA VAL D 334 -16.88 10.64 -9.60
C VAL D 334 -17.56 11.41 -10.72
N TRP D 335 -17.04 12.60 -11.02
CA TRP D 335 -17.59 13.46 -12.05
C TRP D 335 -17.58 12.74 -13.40
N LYS D 336 -16.47 12.08 -13.71
CA LYS D 336 -16.37 11.32 -14.95
C LYS D 336 -17.46 10.23 -14.97
N ALA D 337 -17.61 9.52 -13.86
CA ALA D 337 -18.60 8.46 -13.75
C ALA D 337 -20.04 8.95 -13.96
N VAL D 338 -20.43 9.99 -13.24
CA VAL D 338 -21.78 10.51 -13.38
C VAL D 338 -22.08 10.99 -14.79
N THR D 339 -21.10 11.65 -15.40
CA THR D 339 -21.31 12.14 -16.76
C THR D 339 -21.44 10.94 -17.70
N THR D 340 -20.55 9.96 -17.55
CA THR D 340 -20.59 8.77 -18.39
C THR D 340 -21.94 8.08 -18.28
N LEU D 341 -22.52 8.12 -17.09
CA LEU D 341 -23.81 7.48 -16.85
C LEU D 341 -24.95 8.19 -17.56
N GLU D 342 -24.72 9.45 -17.94
CA GLU D 342 -25.72 10.26 -18.63
C GLU D 342 -25.47 10.33 -20.12
N ASP D 343 -24.35 9.78 -20.57
CA ASP D 343 -23.99 9.79 -21.99
C ASP D 343 -24.72 8.63 -22.69
N GLU D 344 -25.91 8.90 -23.21
CA GLU D 344 -26.69 7.87 -23.88
C GLU D 344 -26.07 7.37 -25.17
N ALA D 345 -24.85 7.82 -25.46
CA ALA D 345 -24.15 7.38 -26.66
C ALA D 345 -23.20 6.24 -26.29
N LEU D 346 -23.21 5.83 -25.02
CA LEU D 346 -22.34 4.75 -24.56
C LEU D 346 -23.16 3.54 -24.14
N GLU D 347 -22.63 2.35 -24.38
CA GLU D 347 -23.32 1.12 -24.00
C GLU D 347 -23.36 0.99 -22.47
N TRP D 348 -24.29 0.18 -21.97
CA TRP D 348 -24.41 0.01 -20.53
C TRP D 348 -23.15 -0.54 -19.86
N LYS D 349 -22.57 -1.58 -20.45
CA LYS D 349 -21.37 -2.17 -19.86
C LYS D 349 -20.28 -1.14 -19.60
N VAL D 350 -20.18 -0.14 -20.47
CA VAL D 350 -19.16 0.90 -20.33
C VAL D 350 -19.49 1.77 -19.14
N LYS D 351 -20.75 2.17 -19.03
CA LYS D 351 -21.17 3.00 -17.92
C LYS D 351 -21.01 2.22 -16.61
N LEU D 352 -21.41 0.96 -16.64
CA LEU D 352 -21.34 0.12 -15.46
C LEU D 352 -19.92 0.01 -14.94
N GLU D 353 -19.00 -0.33 -15.83
CA GLU D 353 -17.62 -0.48 -15.42
C GLU D 353 -17.07 0.80 -14.77
N ALA D 355 -18.80 3.13 -13.26
CA ALA D 355 -19.47 3.29 -11.99
C ALA D 355 -18.83 2.38 -10.92
N GLN D 357 -15.68 1.24 -10.94
CA GLN D 357 -14.35 1.79 -10.72
C GLN D 357 -14.38 2.90 -9.67
N THR D 358 -15.35 3.79 -9.81
CA THR D 358 -15.51 4.92 -8.92
C THR D 358 -15.80 4.48 -7.49
N LYS D 359 -16.76 3.57 -7.35
CA LYS D 359 -17.15 3.08 -6.05
C LYS D 359 -15.97 2.38 -5.36
N ILE D 360 -15.26 1.55 -6.10
CA ILE D 360 -14.12 0.80 -5.56
C ILE D 360 -12.97 1.71 -5.12
N TYR D 361 -12.60 2.64 -5.99
CA TYR D 361 -11.49 3.53 -5.70
C TYR D 361 -11.81 4.56 -4.62
N THR D 362 -12.89 5.29 -4.79
CA THR D 362 -13.24 6.33 -3.84
C THR D 362 -13.43 5.83 -2.41
N THR D 363 -14.18 4.75 -2.24
CA THR D 363 -14.44 4.22 -0.91
C THR D 363 -13.15 3.68 -0.27
N ASP D 364 -12.32 3.02 -1.05
CA ASP D 364 -11.07 2.47 -0.51
C ASP D 364 -10.08 3.55 -0.07
N VAL D 365 -9.87 4.58 -0.88
CA VAL D 365 -8.91 5.63 -0.53
C VAL D 365 -9.47 6.58 0.51
N ALA D 366 -10.79 6.66 0.61
CA ALA D 366 -11.40 7.54 1.60
C ALA D 366 -11.00 7.07 3.01
N VAL D 367 -10.92 5.76 3.20
CA VAL D 367 -10.53 5.16 4.47
C VAL D 367 -9.08 5.54 4.77
N GLU D 368 -8.21 5.37 3.78
CA GLU D 368 -6.78 5.70 3.93
C GLU D 368 -6.57 7.19 4.22
N CYS D 369 -7.40 8.03 3.60
CA CYS D 369 -7.31 9.48 3.78
C CYS D 369 -7.64 9.87 5.23
N VAL D 370 -8.71 9.31 5.78
CA VAL D 370 -9.09 9.61 7.17
C VAL D 370 -8.00 9.12 8.14
N ILE D 371 -7.49 7.92 7.90
CA ILE D 371 -6.46 7.35 8.76
C ILE D 371 -5.14 8.10 8.67
N ASP D 372 -4.75 8.51 7.47
CA ASP D 372 -3.51 9.25 7.32
C ASP D 372 -3.62 10.62 8.00
N ALA D 373 -4.80 11.24 7.89
CA ALA D 373 -5.04 12.54 8.51
C ALA D 373 -4.89 12.43 10.01
N LYS D 375 -3.16 10.21 11.65
CA LYS D 375 -1.77 9.98 11.98
C LYS D 375 -0.96 11.28 11.94
N ALA D 376 -1.40 12.21 11.10
CA ALA D 376 -0.72 13.50 10.97
C ALA D 376 -0.99 14.34 12.20
N VAL D 377 -2.24 14.38 12.63
CA VAL D 377 -2.65 15.16 13.79
C VAL D 377 -2.08 14.57 15.07
N GLY D 378 -1.96 13.25 15.12
CA GLY D 378 -1.42 12.59 16.28
C GLY D 378 -2.45 12.17 17.30
N LYS D 380 -4.13 13.71 19.60
CA LYS D 380 -5.35 14.52 19.73
C LYS D 380 -6.48 14.13 18.79
N SER D 381 -6.17 13.46 17.69
CA SER D 381 -7.20 13.06 16.74
C SER D 381 -8.03 11.90 17.30
N TYR D 382 -7.52 11.26 18.34
CA TYR D 382 -8.21 10.13 18.96
C TYR D 382 -9.28 10.56 19.97
N ALA D 383 -9.27 11.84 20.32
CA ALA D 383 -10.23 12.37 21.29
C ALA D 383 -11.49 12.83 20.58
N LYS D 384 -12.64 12.62 21.21
CA LYS D 384 -13.90 13.01 20.60
C LYS D 384 -14.12 14.52 20.53
N ASP D 385 -13.14 15.30 21.00
CA ASP D 385 -13.23 16.75 20.91
C ASP D 385 -12.96 17.14 19.45
N SER D 387 -13.21 15.78 15.15
CA SER D 387 -14.13 15.03 14.31
C SER D 387 -13.66 13.65 13.90
N PHE D 388 -12.34 13.43 13.95
CA PHE D 388 -11.77 12.17 13.51
C PHE D 388 -12.44 10.90 14.01
N PRO D 389 -12.78 10.84 15.31
CA PRO D 389 -13.43 9.63 15.83
C PRO D 389 -14.70 9.29 15.03
N ARG D 390 -15.57 10.27 14.83
CA ARG D 390 -16.80 10.07 14.08
C ARG D 390 -16.51 9.82 12.59
N LEU D 391 -15.55 10.54 12.03
CA LEU D 391 -15.19 10.38 10.62
C LEU D 391 -14.66 8.98 10.30
N LEU D 392 -13.83 8.43 11.19
CA LEU D 392 -13.29 7.09 10.96
C LEU D 392 -14.41 6.05 10.88
N ASN D 393 -15.34 6.11 11.83
CA ASN D 393 -16.45 5.17 11.88
C ASN D 393 -17.34 5.27 10.66
N GLU D 394 -17.66 6.50 10.27
CA GLU D 394 -18.53 6.73 9.13
C GLU D 394 -17.88 6.33 7.80
N VAL D 395 -16.60 6.64 7.65
CA VAL D 395 -15.90 6.33 6.42
C VAL D 395 -15.73 4.84 6.19
N CYS D 397 -17.80 2.65 6.51
CA CYS D 397 -19.04 2.09 6.00
C CYS D 397 -19.04 2.04 4.47
N TYR D 398 -18.46 3.05 3.83
CA TYR D 398 -18.48 3.17 2.39
C TYR D 398 -17.94 1.99 1.61
N PRO D 399 -16.80 1.45 2.02
CA PRO D 399 -16.24 0.30 1.29
C PRO D 399 -17.12 -0.94 1.42
N LEU D 400 -18.00 -0.94 2.41
CA LEU D 400 -18.84 -2.10 2.70
C LEU D 400 -20.27 -2.04 2.19
N PHE D 401 -20.89 -0.88 2.31
CA PHE D 401 -22.28 -0.71 1.89
C PHE D 401 -22.47 -0.42 0.39
N ASP D 402 -23.73 -0.26 0.00
CA ASP D 402 -24.09 0.02 -1.39
C ASP D 402 -23.36 -0.96 -2.31
N GLY D 403 -23.34 -2.23 -1.92
CA GLY D 403 -22.65 -3.25 -2.68
C GLY D 403 -21.17 -3.25 -2.34
N GLY D 404 -20.77 -4.13 -1.42
CA GLY D 404 -19.38 -4.22 -1.02
C GLY D 404 -18.45 -4.30 -2.21
N ASN D 405 -17.23 -3.80 -2.05
CA ASN D 405 -16.23 -3.81 -3.11
C ASN D 405 -15.71 -5.21 -3.44
N ILE D 406 -15.44 -5.99 -2.41
CA ILE D 406 -14.87 -7.33 -2.60
C ILE D 406 -15.82 -8.36 -3.16
N GLY D 407 -17.03 -8.39 -2.61
CA GLY D 407 -17.98 -9.39 -3.04
C GLY D 407 -18.88 -9.03 -4.21
N LEU D 408 -19.21 -7.75 -4.35
CA LEU D 408 -20.09 -7.30 -5.42
C LEU D 408 -19.45 -6.46 -6.53
N ARG D 409 -19.06 -5.23 -6.20
CA ARG D 409 -18.50 -4.31 -7.18
C ARG D 409 -17.36 -4.86 -8.00
N ARG D 410 -16.34 -5.42 -7.36
CA ARG D 410 -15.23 -5.96 -8.11
C ARG D 410 -15.64 -7.14 -8.98
N ARG D 411 -16.63 -7.90 -8.52
CA ARG D 411 -17.12 -9.04 -9.28
C ARG D 411 -17.87 -8.51 -10.50
N GLN D 412 -18.69 -7.49 -10.30
CA GLN D 412 -19.44 -6.92 -11.40
C GLN D 412 -18.49 -6.39 -12.48
N GLN D 414 -15.30 -7.34 -12.91
CA GLN D 414 -14.57 -8.48 -13.45
C GLN D 414 -15.37 -9.13 -14.57
N ARG D 415 -16.68 -9.23 -14.35
CA ARG D 415 -17.58 -9.84 -15.33
C ARG D 415 -17.54 -9.08 -16.66
N VAL D 416 -17.62 -7.76 -16.59
CA VAL D 416 -17.59 -6.93 -17.79
C VAL D 416 -16.26 -7.03 -18.50
N ALA D 418 -14.26 -9.54 -18.51
CA ALA D 418 -14.10 -10.87 -19.08
C ALA D 418 -14.85 -11.01 -20.42
N LEU D 419 -15.83 -10.15 -20.65
CA LEU D 419 -16.59 -10.21 -21.89
C LEU D 419 -15.68 -10.07 -23.10
N GLU D 420 -16.07 -10.72 -24.19
CA GLU D 420 -15.32 -10.69 -25.44
C GLU D 420 -15.26 -9.27 -26.04
N ASP D 421 -16.36 -8.53 -25.95
CA ASP D 421 -16.42 -7.17 -26.50
C ASP D 421 -16.04 -6.08 -25.51
N TYR D 422 -15.23 -6.41 -24.51
CA TYR D 422 -14.84 -5.42 -23.52
C TYR D 422 -14.08 -4.25 -24.14
N GLU D 423 -14.58 -3.04 -23.94
CA GLU D 423 -13.95 -1.83 -24.47
C GLU D 423 -13.35 -1.03 -23.30
N PRO D 424 -12.07 -1.28 -22.97
CA PRO D 424 -11.36 -0.60 -21.88
C PRO D 424 -11.55 0.91 -21.79
N TRP D 425 -11.25 1.61 -22.89
CA TRP D 425 -11.36 3.06 -22.90
C TRP D 425 -12.53 3.64 -23.68
N ALA D 426 -13.62 2.87 -23.78
CA ALA D 426 -14.78 3.33 -24.52
C ALA D 426 -15.35 4.62 -23.95
N ALA D 427 -15.28 4.76 -22.63
CA ALA D 427 -15.81 5.94 -21.97
C ALA D 427 -14.94 7.17 -22.16
N THR D 428 -13.73 6.97 -22.64
CA THR D 428 -12.83 8.10 -22.84
C THR D 428 -12.60 8.44 -24.32
N TYR D 429 -12.12 7.46 -25.06
CA TYR D 429 -11.83 7.65 -26.47
C TYR D 429 -12.93 7.06 -27.36
N GLY D 430 -14.14 6.97 -26.83
CA GLY D 430 -15.24 6.43 -27.59
C GLY D 430 -15.05 4.99 -28.00
N SER D 431 -16.10 4.40 -28.58
CA SER D 431 -16.04 3.02 -29.04
C SER D 431 -15.85 2.92 -30.55
#